data_8A2X
# 
_entry.id   8A2X 
# 
_audit_conform.dict_name       mmcif_pdbx.dic 
_audit_conform.dict_version    5.383 
_audit_conform.dict_location   http://mmcif.pdb.org/dictionaries/ascii/mmcif_pdbx.dic 
# 
loop_
_database_2.database_id 
_database_2.database_code 
_database_2.pdbx_database_accession 
_database_2.pdbx_DOI 
PDB   8A2X         pdb_00008a2x 10.2210/pdb8a2x/pdb 
WWPDB D_1292123543 ?            ?                   
# 
_pdbx_database_status.status_code                     REL 
_pdbx_database_status.status_code_sf                  REL 
_pdbx_database_status.status_code_mr                  ? 
_pdbx_database_status.entry_id                        8A2X 
_pdbx_database_status.recvd_initial_deposition_date   2022-06-06 
_pdbx_database_status.SG_entry                        N 
_pdbx_database_status.deposit_site                    PDBE 
_pdbx_database_status.process_site                    PDBE 
_pdbx_database_status.status_code_cs                  ? 
_pdbx_database_status.status_code_nmr_data            ? 
_pdbx_database_status.methods_development_category    ? 
_pdbx_database_status.pdb_format_compatible           Y 
# 
loop_
_audit_author.name 
_audit_author.pdbx_ordinal 
_audit_author.identifier_ORCID 
'Klima, M.' 1 0000-0002-9083-509X 
'Smola, M.' 2 0000-0002-4611-739X 
'Boura, E.' 3 0000-0002-9652-4065 
# 
_citation.abstract                  ? 
_citation.abstract_id_CAS           ? 
_citation.book_id_ISBN              ? 
_citation.book_publisher            ? 
_citation.book_publisher_city       ? 
_citation.book_title                ? 
_citation.coordinate_linkage        ? 
_citation.country                   ? 
_citation.database_id_Medline       ? 
_citation.details                   ? 
_citation.id                        primary 
_citation.journal_abbrev            'To Be Published' 
_citation.journal_id_ASTM           ? 
_citation.journal_id_CSD            0353 
_citation.journal_id_ISSN           ? 
_citation.journal_full              ? 
_citation.journal_issue             ? 
_citation.journal_volume            ? 
_citation.language                  ? 
_citation.page_first                ? 
_citation.page_last                 ? 
_citation.title                     
;Crystal structure of human STING in complex with 3',3'-c-(2'F,2'dAMP(S)-2'F,2'd<carba>AMP(S))
;
_citation.year                      ? 
_citation.database_id_CSD           ? 
_citation.pdbx_database_id_DOI      ? 
_citation.pdbx_database_id_PubMed   ? 
_citation.pdbx_database_id_patent   ? 
_citation.unpublished_flag          ? 
# 
loop_
_citation_author.citation_id 
_citation_author.name 
_citation_author.ordinal 
_citation_author.identifier_ORCID 
primary 'Klima, M.' 1 0000-0002-9083-509X 
primary 'Smola, M.' 2 0000-0002-4611-739X 
primary 'Boura, E.' 3 0000-0002-9652-4065 
# 
_cell.angle_alpha                  90.000 
_cell.angle_alpha_esd              ? 
_cell.angle_beta                   90.000 
_cell.angle_beta_esd               ? 
_cell.angle_gamma                  90.000 
_cell.angle_gamma_esd              ? 
_cell.entry_id                     8A2X 
_cell.details                      ? 
_cell.formula_units_Z              ? 
_cell.length_a                     111.009 
_cell.length_a_esd                 ? 
_cell.length_b                     111.009 
_cell.length_b_esd                 ? 
_cell.length_c                     35.625 
_cell.length_c_esd                 ? 
_cell.volume                       439006.807 
_cell.volume_esd                   ? 
_cell.Z_PDB                        8 
_cell.reciprocal_angle_alpha       ? 
_cell.reciprocal_angle_beta        ? 
_cell.reciprocal_angle_gamma       ? 
_cell.reciprocal_angle_alpha_esd   ? 
_cell.reciprocal_angle_beta_esd    ? 
_cell.reciprocal_angle_gamma_esd   ? 
_cell.reciprocal_length_a          ? 
_cell.reciprocal_length_b          ? 
_cell.reciprocal_length_c          ? 
_cell.reciprocal_length_a_esd      ? 
_cell.reciprocal_length_b_esd      ? 
_cell.reciprocal_length_c_esd      ? 
_cell.pdbx_unique_axis             ? 
_cell.pdbx_esd_method              ? 
# 
_symmetry.entry_id                         8A2X 
_symmetry.cell_setting                     ? 
_symmetry.Int_Tables_number                92 
_symmetry.space_group_name_Hall            'P 4abw 2nw' 
_symmetry.space_group_name_H-M             'P 41 21 2' 
_symmetry.pdbx_full_space_group_name_H-M   ? 
# 
loop_
_entity.id 
_entity.type 
_entity.src_method 
_entity.pdbx_description 
_entity.formula_weight 
_entity.pdbx_number_of_molecules 
_entity.pdbx_ec 
_entity.pdbx_mutation 
_entity.pdbx_fragment 
_entity.details 
1 polymer     man 'Stimulator of interferon protein' 23189.064 1 ? ? ? ? 
2 non-polymer syn 
;9-[(1~{R},3~{R},6~{R},8~{R},9~{R},10~{R},12~{R},15~{R},17~{R},18~{S})-8-(6-aminopurin-9-yl)-9,18-bis(fluoranyl)-3,12-bis(oxidanylidene)-3,12-bis(sulfanyl)-2,4,7,11,13-pentaoxa-3$l^{5},12$l^{5}-diphosphatricyclo[13.3.0.0^{6,10}]octadecan-17-yl]purin-6-amine
;
692.552   1 ? ? ? ? 
# 
_entity_poly.entity_id                      1 
_entity_poly.type                           'polypeptide(L)' 
_entity_poly.nstd_linkage                   no 
_entity_poly.nstd_monomer                   no 
_entity_poly.pdbx_seq_one_letter_code       
;APAEISAVCEKGNFNVAHGLAWSYYIGYLRLILPELQARIRTYNQHYNNLLRGAVSQRLYILLPLDCGVPDNLSMADPNI
RFLDKLPQQTGDRAGIKDRVYSNSIYELLENGQRAGTCVLEYATPLQTLFAMSQYSQAGFSREDRLEQAKLFCRTLEDIL
ADAPESQNNCRLIAYQEPADDSSFSLSQEVLRHLRQEEKEEVTV
;
_entity_poly.pdbx_seq_one_letter_code_can   
;APAEISAVCEKGNFNVAHGLAWSYYIGYLRLILPELQARIRTYNQHYNNLLRGAVSQRLYILLPLDCGVPDNLSMADPNI
RFLDKLPQQTGDRAGIKDRVYSNSIYELLENGQRAGTCVLEYATPLQTLFAMSQYSQAGFSREDRLEQAKLFCRTLEDIL
ADAPESQNNCRLIAYQEPADDSSFSLSQEVLRHLRQEEKEEVTV
;
_entity_poly.pdbx_strand_id                 A 
_entity_poly.pdbx_target_identifier         ? 
# 
loop_
_entity_poly_seq.entity_id 
_entity_poly_seq.num 
_entity_poly_seq.mon_id 
_entity_poly_seq.hetero 
1 1   ALA n 
1 2   PRO n 
1 3   ALA n 
1 4   GLU n 
1 5   ILE n 
1 6   SER n 
1 7   ALA n 
1 8   VAL n 
1 9   CYS n 
1 10  GLU n 
1 11  LYS n 
1 12  GLY n 
1 13  ASN n 
1 14  PHE n 
1 15  ASN n 
1 16  VAL n 
1 17  ALA n 
1 18  HIS n 
1 19  GLY n 
1 20  LEU n 
1 21  ALA n 
1 22  TRP n 
1 23  SER n 
1 24  TYR n 
1 25  TYR n 
1 26  ILE n 
1 27  GLY n 
1 28  TYR n 
1 29  LEU n 
1 30  ARG n 
1 31  LEU n 
1 32  ILE n 
1 33  LEU n 
1 34  PRO n 
1 35  GLU n 
1 36  LEU n 
1 37  GLN n 
1 38  ALA n 
1 39  ARG n 
1 40  ILE n 
1 41  ARG n 
1 42  THR n 
1 43  TYR n 
1 44  ASN n 
1 45  GLN n 
1 46  HIS n 
1 47  TYR n 
1 48  ASN n 
1 49  ASN n 
1 50  LEU n 
1 51  LEU n 
1 52  ARG n 
1 53  GLY n 
1 54  ALA n 
1 55  VAL n 
1 56  SER n 
1 57  GLN n 
1 58  ARG n 
1 59  LEU n 
1 60  TYR n 
1 61  ILE n 
1 62  LEU n 
1 63  LEU n 
1 64  PRO n 
1 65  LEU n 
1 66  ASP n 
1 67  CYS n 
1 68  GLY n 
1 69  VAL n 
1 70  PRO n 
1 71  ASP n 
1 72  ASN n 
1 73  LEU n 
1 74  SER n 
1 75  MET n 
1 76  ALA n 
1 77  ASP n 
1 78  PRO n 
1 79  ASN n 
1 80  ILE n 
1 81  ARG n 
1 82  PHE n 
1 83  LEU n 
1 84  ASP n 
1 85  LYS n 
1 86  LEU n 
1 87  PRO n 
1 88  GLN n 
1 89  GLN n 
1 90  THR n 
1 91  GLY n 
1 92  ASP n 
1 93  ARG n 
1 94  ALA n 
1 95  GLY n 
1 96  ILE n 
1 97  LYS n 
1 98  ASP n 
1 99  ARG n 
1 100 VAL n 
1 101 TYR n 
1 102 SER n 
1 103 ASN n 
1 104 SER n 
1 105 ILE n 
1 106 TYR n 
1 107 GLU n 
1 108 LEU n 
1 109 LEU n 
1 110 GLU n 
1 111 ASN n 
1 112 GLY n 
1 113 GLN n 
1 114 ARG n 
1 115 ALA n 
1 116 GLY n 
1 117 THR n 
1 118 CYS n 
1 119 VAL n 
1 120 LEU n 
1 121 GLU n 
1 122 TYR n 
1 123 ALA n 
1 124 THR n 
1 125 PRO n 
1 126 LEU n 
1 127 GLN n 
1 128 THR n 
1 129 LEU n 
1 130 PHE n 
1 131 ALA n 
1 132 MET n 
1 133 SER n 
1 134 GLN n 
1 135 TYR n 
1 136 SER n 
1 137 GLN n 
1 138 ALA n 
1 139 GLY n 
1 140 PHE n 
1 141 SER n 
1 142 ARG n 
1 143 GLU n 
1 144 ASP n 
1 145 ARG n 
1 146 LEU n 
1 147 GLU n 
1 148 GLN n 
1 149 ALA n 
1 150 LYS n 
1 151 LEU n 
1 152 PHE n 
1 153 CYS n 
1 154 ARG n 
1 155 THR n 
1 156 LEU n 
1 157 GLU n 
1 158 ASP n 
1 159 ILE n 
1 160 LEU n 
1 161 ALA n 
1 162 ASP n 
1 163 ALA n 
1 164 PRO n 
1 165 GLU n 
1 166 SER n 
1 167 GLN n 
1 168 ASN n 
1 169 ASN n 
1 170 CYS n 
1 171 ARG n 
1 172 LEU n 
1 173 ILE n 
1 174 ALA n 
1 175 TYR n 
1 176 GLN n 
1 177 GLU n 
1 178 PRO n 
1 179 ALA n 
1 180 ASP n 
1 181 ASP n 
1 182 SER n 
1 183 SER n 
1 184 PHE n 
1 185 SER n 
1 186 LEU n 
1 187 SER n 
1 188 GLN n 
1 189 GLU n 
1 190 VAL n 
1 191 LEU n 
1 192 ARG n 
1 193 HIS n 
1 194 LEU n 
1 195 ARG n 
1 196 GLN n 
1 197 GLU n 
1 198 GLU n 
1 199 LYS n 
1 200 GLU n 
1 201 GLU n 
1 202 VAL n 
1 203 THR n 
1 204 VAL n 
# 
_entity_src_gen.entity_id                          1 
_entity_src_gen.pdbx_src_id                        1 
_entity_src_gen.pdbx_alt_source_flag               sample 
_entity_src_gen.pdbx_seq_type                      'Biological sequence' 
_entity_src_gen.pdbx_beg_seq_num                   1 
_entity_src_gen.pdbx_end_seq_num                   204 
_entity_src_gen.gene_src_common_name               human 
_entity_src_gen.gene_src_genus                     ? 
_entity_src_gen.pdbx_gene_src_gene                 'STING, LOC340061, hCG_1782396' 
_entity_src_gen.gene_src_species                   ? 
_entity_src_gen.gene_src_strain                    ? 
_entity_src_gen.gene_src_tissue                    ? 
_entity_src_gen.gene_src_tissue_fraction           ? 
_entity_src_gen.gene_src_details                   ? 
_entity_src_gen.pdbx_gene_src_fragment             ? 
_entity_src_gen.pdbx_gene_src_scientific_name      'Homo sapiens' 
_entity_src_gen.pdbx_gene_src_ncbi_taxonomy_id     9606 
_entity_src_gen.pdbx_gene_src_variant              ? 
_entity_src_gen.pdbx_gene_src_cell_line            ? 
_entity_src_gen.pdbx_gene_src_atcc                 ? 
_entity_src_gen.pdbx_gene_src_organ                ? 
_entity_src_gen.pdbx_gene_src_organelle            ? 
_entity_src_gen.pdbx_gene_src_cell                 ? 
_entity_src_gen.pdbx_gene_src_cellular_location    ? 
_entity_src_gen.host_org_common_name               ? 
_entity_src_gen.pdbx_host_org_scientific_name      'Escherichia coli BL21(DE3)' 
_entity_src_gen.pdbx_host_org_ncbi_taxonomy_id     469008 
_entity_src_gen.host_org_genus                     ? 
_entity_src_gen.pdbx_host_org_gene                 ? 
_entity_src_gen.pdbx_host_org_organ                ? 
_entity_src_gen.host_org_species                   ? 
_entity_src_gen.pdbx_host_org_tissue               ? 
_entity_src_gen.pdbx_host_org_tissue_fraction      ? 
_entity_src_gen.pdbx_host_org_strain               ? 
_entity_src_gen.pdbx_host_org_variant              ? 
_entity_src_gen.pdbx_host_org_cell_line            ? 
_entity_src_gen.pdbx_host_org_atcc                 ? 
_entity_src_gen.pdbx_host_org_culture_collection   ? 
_entity_src_gen.pdbx_host_org_cell                 ? 
_entity_src_gen.pdbx_host_org_organelle            ? 
_entity_src_gen.pdbx_host_org_cellular_location    ? 
_entity_src_gen.pdbx_host_org_vector_type          ? 
_entity_src_gen.pdbx_host_org_vector               ? 
_entity_src_gen.host_org_details                   ? 
_entity_src_gen.expression_system_id               ? 
_entity_src_gen.plasmid_name                       ? 
_entity_src_gen.plasmid_details                    ? 
_entity_src_gen.pdbx_description                   ? 
# 
_struct_ref.id                         1 
_struct_ref.db_name                    UNP 
_struct_ref.db_code                    A0A2R3XZB7_HUMAN 
_struct_ref.pdbx_db_accession          A0A2R3XZB7 
_struct_ref.pdbx_db_isoform            ? 
_struct_ref.entity_id                  1 
_struct_ref.pdbx_seq_one_letter_code   
;APAEISAVCEKGNFNVAHGLAWSYYIGYLRLILPELQARIRTYNQHYNNLLRGAVSQRLYILLPLDCGVPDNLSMADPNI
RFLDKLPQQTGDRAGIKDRVYSNSIYELLENGQRAGTCVLEYATPLQTLFAMSQYSQAGFSREDRLEQAKLFCRTLEDIL
ADAPESQNNCRLIAYQEPADDSSFSLSQEVLRHLRQEEKEEVTV
;
_struct_ref.pdbx_align_begin           140 
# 
_struct_ref_seq.align_id                      1 
_struct_ref_seq.ref_id                        1 
_struct_ref_seq.pdbx_PDB_id_code              8A2X 
_struct_ref_seq.pdbx_strand_id                A 
_struct_ref_seq.seq_align_beg                 1 
_struct_ref_seq.pdbx_seq_align_beg_ins_code   ? 
_struct_ref_seq.seq_align_end                 204 
_struct_ref_seq.pdbx_seq_align_end_ins_code   ? 
_struct_ref_seq.pdbx_db_accession             A0A2R3XZB7 
_struct_ref_seq.db_align_beg                  140 
_struct_ref_seq.pdbx_db_align_beg_ins_code    ? 
_struct_ref_seq.db_align_end                  343 
_struct_ref_seq.pdbx_db_align_end_ins_code    ? 
_struct_ref_seq.pdbx_auth_seq_align_beg       140 
_struct_ref_seq.pdbx_auth_seq_align_end       343 
# 
loop_
_chem_comp.id 
_chem_comp.type 
_chem_comp.mon_nstd_flag 
_chem_comp.name 
_chem_comp.pdbx_synonyms 
_chem_comp.formula 
_chem_comp.formula_weight 
ALA 'L-peptide linking' y ALANINE ? 'C3 H7 N O2'              89.093  
ARG 'L-peptide linking' y ARGININE ? 'C6 H15 N4 O2 1'          175.209 
ASN 'L-peptide linking' y ASPARAGINE ? 'C4 H8 N2 O3'             132.118 
ASP 'L-peptide linking' y 'ASPARTIC ACID' ? 'C4 H7 N O4'              133.103 
CYS 'L-peptide linking' y CYSTEINE ? 'C3 H7 N O2 S'            121.158 
GLN 'L-peptide linking' y GLUTAMINE ? 'C5 H10 N2 O3'            146.144 
GLU 'L-peptide linking' y 'GLUTAMIC ACID' ? 'C5 H9 N O4'              147.129 
GLY 'peptide linking'   y GLYCINE ? 'C2 H5 N O2'              75.067  
HIS 'L-peptide linking' y HISTIDINE ? 'C6 H10 N3 O2 1'          156.162 
ILE 'L-peptide linking' y ISOLEUCINE ? 'C6 H13 N O2'             131.173 
KZA non-polymer         . 
;9-[(1~{R},3~{R},6~{R},8~{R},9~{R},10~{R},12~{R},15~{R},17~{R},18~{S})-8-(6-aminopurin-9-yl)-9,18-bis(fluoranyl)-3,12-bis(oxidanylidene)-3,12-bis(sulfanyl)-2,4,7,11,13-pentaoxa-3$l^{5},12$l^{5}-diphosphatricyclo[13.3.0.0^{6,10}]octadecan-17-yl]purin-6-amine
;
? 'C21 H24 F2 N10 O7 P2 S2' 692.552 
LEU 'L-peptide linking' y LEUCINE ? 'C6 H13 N O2'             131.173 
LYS 'L-peptide linking' y LYSINE ? 'C6 H15 N2 O2 1'          147.195 
MET 'L-peptide linking' y METHIONINE ? 'C5 H11 N O2 S'           149.211 
PHE 'L-peptide linking' y PHENYLALANINE ? 'C9 H11 N O2'             165.189 
PRO 'L-peptide linking' y PROLINE ? 'C5 H9 N O2'              115.130 
SER 'L-peptide linking' y SERINE ? 'C3 H7 N O3'              105.093 
THR 'L-peptide linking' y THREONINE ? 'C4 H9 N O3'              119.119 
TRP 'L-peptide linking' y TRYPTOPHAN ? 'C11 H12 N2 O2'           204.225 
TYR 'L-peptide linking' y TYROSINE ? 'C9 H11 N O3'             181.189 
VAL 'L-peptide linking' y VALINE ? 'C5 H11 N O2'             117.146 
# 
_exptl.absorpt_coefficient_mu     ? 
_exptl.absorpt_correction_T_max   ? 
_exptl.absorpt_correction_T_min   ? 
_exptl.absorpt_correction_type    ? 
_exptl.absorpt_process_details    ? 
_exptl.entry_id                   8A2X 
_exptl.crystals_number            1 
_exptl.details                    ? 
_exptl.method                     'X-RAY DIFFRACTION' 
_exptl.method_details             ? 
# 
_exptl_crystal.colour                       ? 
_exptl_crystal.density_diffrn               ? 
_exptl_crystal.density_Matthews             2.37 
_exptl_crystal.density_method               ? 
_exptl_crystal.density_percent_sol          48.02 
_exptl_crystal.description                  ? 
_exptl_crystal.F_000                        ? 
_exptl_crystal.id                           1 
_exptl_crystal.preparation                  ? 
_exptl_crystal.size_max                     ? 
_exptl_crystal.size_mid                     ? 
_exptl_crystal.size_min                     ? 
_exptl_crystal.size_rad                     ? 
_exptl_crystal.colour_lustre                ? 
_exptl_crystal.colour_modifier              ? 
_exptl_crystal.colour_primary               ? 
_exptl_crystal.density_meas                 ? 
_exptl_crystal.density_meas_esd             ? 
_exptl_crystal.density_meas_gt              ? 
_exptl_crystal.density_meas_lt              ? 
_exptl_crystal.density_meas_temp            ? 
_exptl_crystal.density_meas_temp_esd        ? 
_exptl_crystal.density_meas_temp_gt         ? 
_exptl_crystal.density_meas_temp_lt         ? 
_exptl_crystal.pdbx_crystal_image_url       ? 
_exptl_crystal.pdbx_crystal_image_format    ? 
_exptl_crystal.pdbx_mosaicity               ? 
_exptl_crystal.pdbx_mosaicity_esd           ? 
_exptl_crystal.pdbx_mosaic_method           ? 
_exptl_crystal.pdbx_mosaic_block_size       ? 
_exptl_crystal.pdbx_mosaic_block_size_esd   ? 
# 
_exptl_crystal_grow.apparatus       ? 
_exptl_crystal_grow.atmosphere      ? 
_exptl_crystal_grow.crystal_id      1 
_exptl_crystal_grow.details         ? 
_exptl_crystal_grow.method          'VAPOR DIFFUSION, SITTING DROP' 
_exptl_crystal_grow.method_ref      ? 
_exptl_crystal_grow.pH              ? 
_exptl_crystal_grow.pressure        ? 
_exptl_crystal_grow.pressure_esd    ? 
_exptl_crystal_grow.seeding         ? 
_exptl_crystal_grow.seeding_ref     ? 
_exptl_crystal_grow.temp            291 
_exptl_crystal_grow.temp_details    ? 
_exptl_crystal_grow.temp_esd        ? 
_exptl_crystal_grow.time            ? 
_exptl_crystal_grow.pdbx_details    
;0.2 M Lithium acetate, 
20% (w/v) PEG 3350
;
_exptl_crystal_grow.pdbx_pH_range   ? 
# 
_diffrn.ambient_environment              ? 
_diffrn.ambient_temp                     100 
_diffrn.ambient_temp_details             ? 
_diffrn.ambient_temp_esd                 ? 
_diffrn.crystal_id                       1 
_diffrn.crystal_support                  ? 
_diffrn.crystal_treatment                ? 
_diffrn.details                          ? 
_diffrn.id                               1 
_diffrn.ambient_pressure                 ? 
_diffrn.ambient_pressure_esd             ? 
_diffrn.ambient_pressure_gt              ? 
_diffrn.ambient_pressure_lt              ? 
_diffrn.ambient_temp_gt                  ? 
_diffrn.ambient_temp_lt                  ? 
_diffrn.pdbx_serial_crystal_experiment   N 
# 
_diffrn_detector.details                      ? 
_diffrn_detector.detector                     PIXEL 
_diffrn_detector.diffrn_id                    1 
_diffrn_detector.type                         'DECTRIS PILATUS 200K' 
_diffrn_detector.area_resol_mean              ? 
_diffrn_detector.dtime                        ? 
_diffrn_detector.pdbx_frames_total            ? 
_diffrn_detector.pdbx_collection_time_total   ? 
_diffrn_detector.pdbx_collection_date         2019-09-23 
_diffrn_detector.pdbx_frequency               ? 
# 
_diffrn_radiation.collimation                      ? 
_diffrn_radiation.diffrn_id                        1 
_diffrn_radiation.filter_edge                      ? 
_diffrn_radiation.inhomogeneity                    ? 
_diffrn_radiation.monochromator                    ? 
_diffrn_radiation.polarisn_norm                    ? 
_diffrn_radiation.polarisn_ratio                   ? 
_diffrn_radiation.probe                            ? 
_diffrn_radiation.type                             ? 
_diffrn_radiation.xray_symbol                      ? 
_diffrn_radiation.wavelength_id                    1 
_diffrn_radiation.pdbx_monochromatic_or_laue_m_l   M 
_diffrn_radiation.pdbx_wavelength_list             ? 
_diffrn_radiation.pdbx_wavelength                  ? 
_diffrn_radiation.pdbx_diffrn_protocol             'SINGLE WAVELENGTH' 
_diffrn_radiation.pdbx_analyzer                    ? 
_diffrn_radiation.pdbx_scattering_type             x-ray 
# 
_diffrn_radiation_wavelength.id           1 
_diffrn_radiation_wavelength.wavelength   1.541870 
_diffrn_radiation_wavelength.wt           1.0 
# 
_diffrn_source.current                     ? 
_diffrn_source.details                     ? 
_diffrn_source.diffrn_id                   1 
_diffrn_source.power                       ? 
_diffrn_source.size                        ? 
_diffrn_source.source                      'ROTATING ANODE' 
_diffrn_source.target                      ? 
_diffrn_source.type                        'RIGAKU MICROMAX-007 HF' 
_diffrn_source.voltage                     ? 
_diffrn_source.take-off_angle              ? 
_diffrn_source.pdbx_wavelength_list        1.541870 
_diffrn_source.pdbx_wavelength             ? 
_diffrn_source.pdbx_synchrotron_beamline   ? 
_diffrn_source.pdbx_synchrotron_site       ? 
# 
_reflns.B_iso_Wilson_estimate                          62.71 
_reflns.entry_id                                       8A2X 
_reflns.data_reduction_details                         ? 
_reflns.data_reduction_method                          ? 
_reflns.d_resolution_high                              3 
_reflns.d_resolution_low                               39.25 
_reflns.details                                        ? 
_reflns.limit_h_max                                    ? 
_reflns.limit_h_min                                    ? 
_reflns.limit_k_max                                    ? 
_reflns.limit_k_min                                    ? 
_reflns.limit_l_max                                    ? 
_reflns.limit_l_min                                    ? 
_reflns.number_all                                     ? 
_reflns.number_obs                                     4778 
_reflns.observed_criterion                             ? 
_reflns.observed_criterion_F_max                       ? 
_reflns.observed_criterion_F_min                       ? 
_reflns.observed_criterion_I_max                       ? 
_reflns.observed_criterion_I_min                       ? 
_reflns.observed_criterion_sigma_F                     ? 
_reflns.observed_criterion_sigma_I                     ? 
_reflns.percent_possible_obs                           99.21 
_reflns.R_free_details                                 ? 
_reflns.Rmerge_F_all                                   ? 
_reflns.Rmerge_F_obs                                   ? 
_reflns.Friedel_coverage                               ? 
_reflns.number_gt                                      ? 
_reflns.threshold_expression                           ? 
_reflns.pdbx_redundancy                                11.6 
_reflns.pdbx_Rmerge_I_obs                              0.2494 
_reflns.pdbx_Rmerge_I_all                              ? 
_reflns.pdbx_Rsym_value                                ? 
_reflns.pdbx_netI_over_av_sigmaI                       ? 
_reflns.pdbx_netI_over_sigmaI                          9.86 
_reflns.pdbx_res_netI_over_av_sigmaI_2                 ? 
_reflns.pdbx_res_netI_over_sigmaI_2                    ? 
_reflns.pdbx_chi_squared                               ? 
_reflns.pdbx_scaling_rejects                           ? 
_reflns.pdbx_d_res_high_opt                            ? 
_reflns.pdbx_d_res_low_opt                             ? 
_reflns.pdbx_d_res_opt_method                          ? 
_reflns.phase_calculation_details                      ? 
_reflns.pdbx_Rrim_I_all                                0.261 
_reflns.pdbx_Rpim_I_all                                0.07549 
_reflns.pdbx_d_opt                                     ? 
_reflns.pdbx_number_measured_all                       ? 
_reflns.pdbx_diffrn_id                                 1 
_reflns.pdbx_ordinal                                   1 
_reflns.pdbx_CC_half                                   0.992 
_reflns.pdbx_CC_star                                   0.998 
_reflns.pdbx_R_split                                   ? 
_reflns.pdbx_aniso_diffraction_limit_axis_1_ortho[1]   ? 
_reflns.pdbx_aniso_diffraction_limit_axis_1_ortho[2]   ? 
_reflns.pdbx_aniso_diffraction_limit_axis_1_ortho[3]   ? 
_reflns.pdbx_aniso_diffraction_limit_axis_2_ortho[1]   ? 
_reflns.pdbx_aniso_diffraction_limit_axis_2_ortho[2]   ? 
_reflns.pdbx_aniso_diffraction_limit_axis_2_ortho[3]   ? 
_reflns.pdbx_aniso_diffraction_limit_axis_3_ortho[1]   ? 
_reflns.pdbx_aniso_diffraction_limit_axis_3_ortho[2]   ? 
_reflns.pdbx_aniso_diffraction_limit_axis_3_ortho[3]   ? 
_reflns.pdbx_aniso_diffraction_limit_1                 ? 
_reflns.pdbx_aniso_diffraction_limit_2                 ? 
_reflns.pdbx_aniso_diffraction_limit_3                 ? 
_reflns.pdbx_aniso_B_tensor_eigenvector_1_ortho[1]     ? 
_reflns.pdbx_aniso_B_tensor_eigenvector_1_ortho[2]     ? 
_reflns.pdbx_aniso_B_tensor_eigenvector_1_ortho[3]     ? 
_reflns.pdbx_aniso_B_tensor_eigenvector_2_ortho[1]     ? 
_reflns.pdbx_aniso_B_tensor_eigenvector_2_ortho[2]     ? 
_reflns.pdbx_aniso_B_tensor_eigenvector_2_ortho[3]     ? 
_reflns.pdbx_aniso_B_tensor_eigenvector_3_ortho[1]     ? 
_reflns.pdbx_aniso_B_tensor_eigenvector_3_ortho[2]     ? 
_reflns.pdbx_aniso_B_tensor_eigenvector_3_ortho[3]     ? 
_reflns.pdbx_aniso_B_tensor_eigenvalue_1               ? 
_reflns.pdbx_aniso_B_tensor_eigenvalue_2               ? 
_reflns.pdbx_aniso_B_tensor_eigenvalue_3               ? 
_reflns.pdbx_orthogonalization_convention              ? 
_reflns.pdbx_percent_possible_ellipsoidal              ? 
_reflns.pdbx_percent_possible_spherical                ? 
_reflns.pdbx_percent_possible_ellipsoidal_anomalous    ? 
_reflns.pdbx_percent_possible_spherical_anomalous      ? 
_reflns.pdbx_redundancy_anomalous                      ? 
_reflns.pdbx_CC_half_anomalous                         ? 
_reflns.pdbx_absDiff_over_sigma_anomalous              ? 
_reflns.pdbx_percent_possible_anomalous                ? 
_reflns.pdbx_observed_signal_threshold                 ? 
_reflns.pdbx_signal_type                               ? 
_reflns.pdbx_signal_details                            ? 
_reflns.pdbx_signal_software_id                        ? 
_reflns.pdbx_CC_split_method                           ? 
# 
_reflns_shell.d_res_high                                    3 
_reflns_shell.d_res_low                                     3.108 
_reflns_shell.meanI_over_sigI_all                           ? 
_reflns_shell.meanI_over_sigI_obs                           2.34 
_reflns_shell.number_measured_all                           ? 
_reflns_shell.number_measured_obs                           ? 
_reflns_shell.number_possible                               ? 
_reflns_shell.number_unique_all                             ? 
_reflns_shell.number_unique_obs                             443 
_reflns_shell.percent_possible_all                          98.23 
_reflns_shell.percent_possible_obs                          ? 
_reflns_shell.Rmerge_F_all                                  ? 
_reflns_shell.Rmerge_F_obs                                  ? 
_reflns_shell.Rmerge_I_all                                  ? 
_reflns_shell.Rmerge_I_obs                                  1.493 
_reflns_shell.meanI_over_sigI_gt                            ? 
_reflns_shell.meanI_over_uI_all                             ? 
_reflns_shell.meanI_over_uI_gt                              ? 
_reflns_shell.number_measured_gt                            ? 
_reflns_shell.number_unique_gt                              ? 
_reflns_shell.percent_possible_gt                           ? 
_reflns_shell.Rmerge_F_gt                                   ? 
_reflns_shell.Rmerge_I_gt                                   ? 
_reflns_shell.pdbx_redundancy                               12.5 
_reflns_shell.pdbx_Rsym_value                               ? 
_reflns_shell.pdbx_chi_squared                              ? 
_reflns_shell.pdbx_netI_over_sigmaI_all                     ? 
_reflns_shell.pdbx_netI_over_sigmaI_obs                     ? 
_reflns_shell.pdbx_Rrim_I_all                               1.555 
_reflns_shell.pdbx_Rpim_I_all                               0.4293 
_reflns_shell.pdbx_rejects                                  ? 
_reflns_shell.pdbx_ordinal                                  1 
_reflns_shell.pdbx_diffrn_id                                1 
_reflns_shell.pdbx_CC_half                                  0.69 
_reflns_shell.pdbx_CC_star                                  0.904 
_reflns_shell.pdbx_R_split                                  ? 
_reflns_shell.pdbx_percent_possible_ellipsoidal             ? 
_reflns_shell.pdbx_percent_possible_spherical               ? 
_reflns_shell.pdbx_percent_possible_ellipsoidal_anomalous   ? 
_reflns_shell.pdbx_percent_possible_spherical_anomalous     ? 
_reflns_shell.pdbx_redundancy_anomalous                     ? 
_reflns_shell.pdbx_CC_half_anomalous                        ? 
_reflns_shell.pdbx_absDiff_over_sigma_anomalous             ? 
_reflns_shell.pdbx_percent_possible_anomalous               ? 
# 
_refine.aniso_B[1][1]                            ? 
_refine.aniso_B[1][2]                            ? 
_refine.aniso_B[1][3]                            ? 
_refine.aniso_B[2][2]                            ? 
_refine.aniso_B[2][3]                            ? 
_refine.aniso_B[3][3]                            ? 
_refine.B_iso_max                                ? 
_refine.B_iso_mean                               55.72 
_refine.B_iso_min                                ? 
_refine.correlation_coeff_Fo_to_Fc               ? 
_refine.correlation_coeff_Fo_to_Fc_free          ? 
_refine.details                                  ? 
_refine.diff_density_max                         ? 
_refine.diff_density_max_esd                     ? 
_refine.diff_density_min                         ? 
_refine.diff_density_min_esd                     ? 
_refine.diff_density_rms                         ? 
_refine.diff_density_rms_esd                     ? 
_refine.entry_id                                 8A2X 
_refine.pdbx_refine_id                           'X-RAY DIFFRACTION' 
_refine.ls_abs_structure_details                 ? 
_refine.ls_abs_structure_Flack                   ? 
_refine.ls_abs_structure_Flack_esd               ? 
_refine.ls_abs_structure_Rogers                  ? 
_refine.ls_abs_structure_Rogers_esd              ? 
_refine.ls_d_res_high                            3.00 
_refine.ls_d_res_low                             39.25 
_refine.ls_extinction_coef                       ? 
_refine.ls_extinction_coef_esd                   ? 
_refine.ls_extinction_expression                 ? 
_refine.ls_extinction_method                     ? 
_refine.ls_goodness_of_fit_all                   ? 
_refine.ls_goodness_of_fit_all_esd               ? 
_refine.ls_goodness_of_fit_obs                   ? 
_refine.ls_goodness_of_fit_obs_esd               ? 
_refine.ls_hydrogen_treatment                    ? 
_refine.ls_matrix_type                           ? 
_refine.ls_number_constraints                    ? 
_refine.ls_number_parameters                     ? 
_refine.ls_number_reflns_all                     ? 
_refine.ls_number_reflns_obs                     4765 
_refine.ls_number_reflns_R_free                  240 
_refine.ls_number_reflns_R_work                  4525 
_refine.ls_number_restraints                     ? 
_refine.ls_percent_reflns_obs                    99.21 
_refine.ls_percent_reflns_R_free                 5.04 
_refine.ls_R_factor_all                          ? 
_refine.ls_R_factor_obs                          0.2253 
_refine.ls_R_factor_R_free                       0.2912 
_refine.ls_R_factor_R_free_error                 ? 
_refine.ls_R_factor_R_free_error_details         ? 
_refine.ls_R_factor_R_work                       0.2217 
_refine.ls_R_Fsqd_factor_obs                     ? 
_refine.ls_R_I_factor_obs                        ? 
_refine.ls_redundancy_reflns_all                 ? 
_refine.ls_redundancy_reflns_obs                 ? 
_refine.ls_restrained_S_all                      ? 
_refine.ls_restrained_S_obs                      ? 
_refine.ls_shift_over_esd_max                    ? 
_refine.ls_shift_over_esd_mean                   ? 
_refine.ls_structure_factor_coef                 ? 
_refine.ls_weighting_details                     ? 
_refine.ls_weighting_scheme                      ? 
_refine.ls_wR_factor_all                         ? 
_refine.ls_wR_factor_obs                         ? 
_refine.ls_wR_factor_R_free                      ? 
_refine.ls_wR_factor_R_work                      ? 
_refine.occupancy_max                            ? 
_refine.occupancy_min                            ? 
_refine.solvent_model_details                    'FLAT BULK SOLVENT MODEL' 
_refine.solvent_model_param_bsol                 ? 
_refine.solvent_model_param_ksol                 ? 
_refine.pdbx_R_complete                          ? 
_refine.ls_R_factor_gt                           ? 
_refine.ls_goodness_of_fit_gt                    ? 
_refine.ls_goodness_of_fit_ref                   ? 
_refine.ls_shift_over_su_max                     ? 
_refine.ls_shift_over_su_max_lt                  ? 
_refine.ls_shift_over_su_mean                    ? 
_refine.ls_shift_over_su_mean_lt                 ? 
_refine.pdbx_ls_sigma_I                          ? 
_refine.pdbx_ls_sigma_F                          1.34 
_refine.pdbx_ls_sigma_Fsqd                       ? 
_refine.pdbx_data_cutoff_high_absF               ? 
_refine.pdbx_data_cutoff_high_rms_absF           ? 
_refine.pdbx_data_cutoff_low_absF                ? 
_refine.pdbx_isotropic_thermal_model             ? 
_refine.pdbx_ls_cross_valid_method               'FREE R-VALUE' 
_refine.pdbx_method_to_determine_struct          'MOLECULAR REPLACEMENT' 
_refine.pdbx_starting_model                      4ksy 
_refine.pdbx_stereochemistry_target_values       'GeoStd + Monomer Library + CDL v1.2' 
_refine.pdbx_R_Free_selection_details            'random selection' 
_refine.pdbx_stereochem_target_val_spec_case     ? 
_refine.pdbx_overall_ESU_R                       ? 
_refine.pdbx_overall_ESU_R_Free                  ? 
_refine.pdbx_solvent_vdw_probe_radii             1.1000 
_refine.pdbx_solvent_ion_probe_radii             ? 
_refine.pdbx_solvent_shrinkage_radii             0.9000 
_refine.pdbx_real_space_R                        ? 
_refine.pdbx_density_correlation                 ? 
_refine.pdbx_pd_number_of_powder_patterns        ? 
_refine.pdbx_pd_number_of_points                 ? 
_refine.pdbx_pd_meas_number_of_points            ? 
_refine.pdbx_pd_proc_ls_prof_R_factor            ? 
_refine.pdbx_pd_proc_ls_prof_wR_factor           ? 
_refine.pdbx_pd_Marquardt_correlation_coeff      ? 
_refine.pdbx_pd_Fsqrd_R_factor                   ? 
_refine.pdbx_pd_ls_matrix_band_width             ? 
_refine.pdbx_overall_phase_error                 18.7232 
_refine.pdbx_overall_SU_R_free_Cruickshank_DPI   ? 
_refine.pdbx_overall_SU_R_free_Blow_DPI          ? 
_refine.pdbx_overall_SU_R_Blow_DPI               ? 
_refine.pdbx_TLS_residual_ADP_flag               ? 
_refine.pdbx_diffrn_id                           1 
_refine.overall_SU_B                             ? 
_refine.overall_SU_ML                            0.3518 
_refine.overall_SU_R_Cruickshank_DPI             ? 
_refine.overall_SU_R_free                        ? 
_refine.overall_FOM_free_R_set                   ? 
_refine.overall_FOM_work_R_set                   ? 
_refine.pdbx_average_fsc_overall                 ? 
_refine.pdbx_average_fsc_work                    ? 
_refine.pdbx_average_fsc_free                    ? 
# 
_refine_hist.pdbx_refine_id                   'X-RAY DIFFRACTION' 
_refine_hist.cycle_id                         LAST 
_refine_hist.details                          ? 
_refine_hist.d_res_high                       3.00 
_refine_hist.d_res_low                        39.25 
_refine_hist.number_atoms_solvent             0 
_refine_hist.number_atoms_total               1453 
_refine_hist.number_reflns_all                ? 
_refine_hist.number_reflns_obs                ? 
_refine_hist.number_reflns_R_free             ? 
_refine_hist.number_reflns_R_work             ? 
_refine_hist.R_factor_all                     ? 
_refine_hist.R_factor_obs                     ? 
_refine_hist.R_factor_R_free                  ? 
_refine_hist.R_factor_R_work                  ? 
_refine_hist.pdbx_number_residues_total       ? 
_refine_hist.pdbx_B_iso_mean_ligand           ? 
_refine_hist.pdbx_B_iso_mean_solvent          ? 
_refine_hist.pdbx_number_atoms_protein        1409 
_refine_hist.pdbx_number_atoms_nucleic_acid   0 
_refine_hist.pdbx_number_atoms_ligand         44 
_refine_hist.pdbx_number_atoms_lipid          ? 
_refine_hist.pdbx_number_atoms_carb           ? 
_refine_hist.pdbx_pseudo_atom_details         ? 
# 
loop_
_refine_ls_restr.pdbx_refine_id 
_refine_ls_restr.criterion 
_refine_ls_restr.dev_ideal 
_refine_ls_restr.dev_ideal_target 
_refine_ls_restr.number 
_refine_ls_restr.rejects 
_refine_ls_restr.type 
_refine_ls_restr.weight 
_refine_ls_restr.pdbx_restraint_function 
'X-RAY DIFFRACTION' ? 0.0033  ? 1484 ? f_bond_d           ? ? 
'X-RAY DIFFRACTION' ? 0.6100  ? 2017 ? f_angle_d          ? ? 
'X-RAY DIFFRACTION' ? 0.0411  ? 220  ? f_chiral_restr     ? ? 
'X-RAY DIFFRACTION' ? 0.0036  ? 258  ? f_plane_restr      ? ? 
'X-RAY DIFFRACTION' ? 12.5770 ? 566  ? f_dihedral_angle_d ? ? 
# 
loop_
_refine_ls_shell.pdbx_refine_id 
_refine_ls_shell.d_res_high 
_refine_ls_shell.d_res_low 
_refine_ls_shell.number_reflns_all 
_refine_ls_shell.number_reflns_obs 
_refine_ls_shell.number_reflns_R_free 
_refine_ls_shell.number_reflns_R_work 
_refine_ls_shell.percent_reflns_obs 
_refine_ls_shell.percent_reflns_R_free 
_refine_ls_shell.R_factor_all 
_refine_ls_shell.R_factor_obs 
_refine_ls_shell.R_factor_R_free 
_refine_ls_shell.R_factor_R_free_error 
_refine_ls_shell.R_factor_R_work 
_refine_ls_shell.redundancy_reflns_all 
_refine_ls_shell.redundancy_reflns_obs 
_refine_ls_shell.wR_factor_all 
_refine_ls_shell.wR_factor_obs 
_refine_ls_shell.wR_factor_R_free 
_refine_ls_shell.wR_factor_R_work 
_refine_ls_shell.pdbx_R_complete 
_refine_ls_shell.pdbx_total_number_of_bins_used 
_refine_ls_shell.pdbx_phase_error 
_refine_ls_shell.pdbx_fsc_work 
_refine_ls_shell.pdbx_fsc_free 
'X-RAY DIFFRACTION' 3.00 3.78  . . 116 2193 99.31 . . . 0.3345 . 0.2478 . . . . . . . . . . . 
'X-RAY DIFFRACTION' 3.78 39.25 . . 124 2332 99.11 . . . 0.2709 . 0.2090 . . . . . . . . . . . 
# 
_struct.entry_id                     8A2X 
_struct.title                        
;Crystal structure of human STING in complex with 3',3'-c-(2'F,2'dAMP(S)-2'F,2'd<carba>AMP(S))
;
_struct.pdbx_model_details           ? 
_struct.pdbx_formula_weight          ? 
_struct.pdbx_formula_weight_method   ? 
_struct.pdbx_model_type_details      ? 
_struct.pdbx_CASP_flag               N 
# 
_struct_keywords.entry_id        8A2X 
_struct_keywords.text            'sting, antiviral, activator, ANTIVIRAL PROTEIN' 
_struct_keywords.pdbx_keywords   'ANTIVIRAL PROTEIN' 
# 
loop_
_struct_asym.id 
_struct_asym.pdbx_blank_PDB_chainid_flag 
_struct_asym.pdbx_modified 
_struct_asym.entity_id 
_struct_asym.details 
A N N 1 ? 
B N N 2 ? 
# 
loop_
_struct_conf.conf_type_id 
_struct_conf.id 
_struct_conf.pdbx_PDB_helix_id 
_struct_conf.beg_label_comp_id 
_struct_conf.beg_label_asym_id 
_struct_conf.beg_label_seq_id 
_struct_conf.pdbx_beg_PDB_ins_code 
_struct_conf.end_label_comp_id 
_struct_conf.end_label_asym_id 
_struct_conf.end_label_seq_id 
_struct_conf.pdbx_end_PDB_ins_code 
_struct_conf.beg_auth_comp_id 
_struct_conf.beg_auth_asym_id 
_struct_conf.beg_auth_seq_id 
_struct_conf.end_auth_comp_id 
_struct_conf.end_auth_asym_id 
_struct_conf.end_auth_seq_id 
_struct_conf.pdbx_PDB_helix_class 
_struct_conf.details 
_struct_conf.pdbx_PDB_helix_length 
HELX_P HELX_P1 AA1 ASN A 15  ? TYR A 28  ? ASN A 154 TYR A 167 1 ? 14 
HELX_P HELX_P2 AA2 TYR A 28  ? HIS A 46  ? TYR A 167 HIS A 185 1 ? 19 
HELX_P HELX_P3 AA3 ASN A 72  ? ALA A 76  ? ASN A 211 ALA A 215 5 ? 5  
HELX_P HELX_P4 AA4 ALA A 123 ? TYR A 135 ? ALA A 262 TYR A 274 1 ? 13 
HELX_P HELX_P5 AA5 SER A 141 ? GLU A 143 ? SER A 280 GLU A 282 5 ? 3  
HELX_P HELX_P6 AA6 ASP A 144 ? ALA A 163 ? ASP A 283 ALA A 302 1 ? 20 
HELX_P HELX_P7 AA7 SER A 185 ? GLU A 198 ? SER A 324 GLU A 337 1 ? 14 
# 
_struct_conf_type.id          HELX_P 
_struct_conf_type.criteria    ? 
_struct_conf_type.reference   ? 
# 
loop_
_struct_sheet.id 
_struct_sheet.type 
_struct_sheet.number_strands 
_struct_sheet.details 
AA1 ? 5 ? 
AA2 ? 2 ? 
# 
loop_
_struct_sheet_order.sheet_id 
_struct_sheet_order.range_id_1 
_struct_sheet_order.range_id_2 
_struct_sheet_order.offset 
_struct_sheet_order.sense 
AA1 1 2 ? anti-parallel 
AA1 2 3 ? anti-parallel 
AA1 3 4 ? parallel      
AA1 4 5 ? parallel      
AA2 1 2 ? anti-parallel 
# 
loop_
_struct_sheet_range.sheet_id 
_struct_sheet_range.id 
_struct_sheet_range.beg_label_comp_id 
_struct_sheet_range.beg_label_asym_id 
_struct_sheet_range.beg_label_seq_id 
_struct_sheet_range.pdbx_beg_PDB_ins_code 
_struct_sheet_range.end_label_comp_id 
_struct_sheet_range.end_label_asym_id 
_struct_sheet_range.end_label_seq_id 
_struct_sheet_range.pdbx_end_PDB_ins_code 
_struct_sheet_range.beg_auth_comp_id 
_struct_sheet_range.beg_auth_asym_id 
_struct_sheet_range.beg_auth_seq_id 
_struct_sheet_range.end_auth_comp_id 
_struct_sheet_range.end_auth_asym_id 
_struct_sheet_range.end_auth_seq_id 
AA1 1 ILE A 80  ? LYS A 85  ? ILE A 219 LYS A 224 
AA1 2 SER A 104 ? GLU A 110 ? SER A 243 GLU A 249 
AA1 3 GLN A 113 ? TYR A 122 ? GLN A 252 TYR A 261 
AA1 4 LEU A 59  ? PRO A 64  ? LEU A 198 PRO A 203 
AA1 5 CYS A 170 ? TYR A 175 ? CYS A 309 TYR A 314 
AA2 1 GLN A 89  ? ARG A 93  ? GLN A 228 ARG A 232 
AA2 2 ILE A 96  ? TYR A 101 ? ILE A 235 TYR A 240 
# 
loop_
_pdbx_struct_sheet_hbond.sheet_id 
_pdbx_struct_sheet_hbond.range_id_1 
_pdbx_struct_sheet_hbond.range_id_2 
_pdbx_struct_sheet_hbond.range_1_label_atom_id 
_pdbx_struct_sheet_hbond.range_1_label_comp_id 
_pdbx_struct_sheet_hbond.range_1_label_asym_id 
_pdbx_struct_sheet_hbond.range_1_label_seq_id 
_pdbx_struct_sheet_hbond.range_1_PDB_ins_code 
_pdbx_struct_sheet_hbond.range_1_auth_atom_id 
_pdbx_struct_sheet_hbond.range_1_auth_comp_id 
_pdbx_struct_sheet_hbond.range_1_auth_asym_id 
_pdbx_struct_sheet_hbond.range_1_auth_seq_id 
_pdbx_struct_sheet_hbond.range_2_label_atom_id 
_pdbx_struct_sheet_hbond.range_2_label_comp_id 
_pdbx_struct_sheet_hbond.range_2_label_asym_id 
_pdbx_struct_sheet_hbond.range_2_label_seq_id 
_pdbx_struct_sheet_hbond.range_2_PDB_ins_code 
_pdbx_struct_sheet_hbond.range_2_auth_atom_id 
_pdbx_struct_sheet_hbond.range_2_auth_comp_id 
_pdbx_struct_sheet_hbond.range_2_auth_asym_id 
_pdbx_struct_sheet_hbond.range_2_auth_seq_id 
AA1 1 2 N ARG A 81  ? N ARG A 220 O GLU A 107 ? O GLU A 246 
AA1 2 3 N TYR A 106 ? N TYR A 245 O CYS A 118 ? O CYS A 257 
AA1 3 4 O GLU A 121 ? O GLU A 260 N LEU A 62  ? N LEU A 201 
AA1 4 5 N LEU A 63  ? N LEU A 202 O ILE A 173 ? O ILE A 312 
AA2 1 2 N GLY A 91  ? N GLY A 230 O ARG A 99  ? O ARG A 238 
# 
_atom_sites.entry_id                    8A2X 
_atom_sites.Cartn_transf_matrix[1][1]   ? 
_atom_sites.Cartn_transf_matrix[1][2]   ? 
_atom_sites.Cartn_transf_matrix[1][3]   ? 
_atom_sites.Cartn_transf_matrix[2][1]   ? 
_atom_sites.Cartn_transf_matrix[2][2]   ? 
_atom_sites.Cartn_transf_matrix[2][3]   ? 
_atom_sites.Cartn_transf_matrix[3][1]   ? 
_atom_sites.Cartn_transf_matrix[3][2]   ? 
_atom_sites.Cartn_transf_matrix[3][3]   ? 
_atom_sites.Cartn_transf_vector[1]      ? 
_atom_sites.Cartn_transf_vector[2]      ? 
_atom_sites.Cartn_transf_vector[3]      ? 
_atom_sites.fract_transf_matrix[1][1]   -0.00559026 
_atom_sites.fract_transf_matrix[1][2]   -0.00423161 
_atom_sites.fract_transf_matrix[1][3]   0.00565566 
_atom_sites.fract_transf_matrix[2][1]   0.00589378 
_atom_sites.fract_transf_matrix[2][2]   -0.00676972 
_atom_sites.fract_transf_matrix[2][3]   0.00076047 
_atom_sites.fract_transf_matrix[3][1]   0.01213142 
_atom_sites.fract_transf_matrix[3][2]   0.01300153 
_atom_sites.fract_transf_matrix[3][3]   0.02171897 
_atom_sites.fract_transf_vector[1]      0.402647 
_atom_sites.fract_transf_vector[2]      0.237184 
_atom_sites.fract_transf_vector[3]      -0.037826 
_atom_sites.solution_primary            ? 
_atom_sites.solution_secondary          ? 
_atom_sites.solution_hydrogens          ? 
_atom_sites.special_details             ? 
# 
loop_
_atom_type.symbol 
_atom_type.scat_dispersion_real 
_atom_type.scat_dispersion_imag 
_atom_type.scat_Cromer_Mann_a1 
_atom_type.scat_Cromer_Mann_a2 
_atom_type.scat_Cromer_Mann_a3 
_atom_type.scat_Cromer_Mann_a4 
_atom_type.scat_Cromer_Mann_b1 
_atom_type.scat_Cromer_Mann_b2 
_atom_type.scat_Cromer_Mann_b3 
_atom_type.scat_Cromer_Mann_b4 
_atom_type.scat_Cromer_Mann_c 
_atom_type.scat_source 
_atom_type.scat_dispersion_source 
C ? ? 3.54356 2.42580 ? ? 25.62398 1.50364  ? ? 0.0 
;2-Gaussian fit: Grosse-Kunstleve RW, Sauter NK, Adams PD: Newsletter of the IUCr Commission on Crystallographic Computing 2004, 3, 22-31.
;
? 
F ? ? 8.95735 ?       ? ? 7.27484  ?        ? ? 0.0 
;1-Gaussian fit: Grosse-Kunstleve RW, Sauter NK, Adams PD: Newsletter of the IUCr Commission on Crystallographic Computing 2004, 3, 22-31.
;
? 
N ? ? 6.96715 ?       ? ? 11.43723 ?        ? ? 0.0 
;1-Gaussian fit: Grosse-Kunstleve RW, Sauter NK, Adams PD: Newsletter of the IUCr Commission on Crystallographic Computing 2004, 3, 22-31.
;
? 
O ? ? 7.96527 ?       ? ? 9.05267  ?        ? ? 0.0 
;1-Gaussian fit: Grosse-Kunstleve RW, Sauter NK, Adams PD: Newsletter of the IUCr Commission on Crystallographic Computing 2004, 3, 22-31.
;
? 
P ? ? 9.51135 5.44231 ? ? 1.42069  35.72801 ? ? 0.0 
;2-Gaussian fit: Grosse-Kunstleve RW, Sauter NK, Adams PD: Newsletter of the IUCr Commission on Crystallographic Computing 2004, 3, 22-31.
;
? 
S ? ? 9.55732 6.39887 ? ? 1.23737  29.19336 ? ? 0.0 
;2-Gaussian fit: Grosse-Kunstleve RW, Sauter NK, Adams PD: Newsletter of the IUCr Commission on Crystallographic Computing 2004, 3, 22-31.
;
? 
# 
loop_
_atom_site.group_PDB 
_atom_site.id 
_atom_site.type_symbol 
_atom_site.label_atom_id 
_atom_site.label_alt_id 
_atom_site.label_comp_id 
_atom_site.label_asym_id 
_atom_site.label_entity_id 
_atom_site.label_seq_id 
_atom_site.pdbx_PDB_ins_code 
_atom_site.Cartn_x 
_atom_site.Cartn_y 
_atom_site.Cartn_z 
_atom_site.occupancy 
_atom_site.B_iso_or_equiv 
_atom_site.pdbx_formal_charge 
_atom_site.auth_seq_id 
_atom_site.auth_comp_id 
_atom_site.auth_asym_id 
_atom_site.auth_atom_id 
_atom_site.pdbx_PDB_model_num 
ATOM   1    N N   . ASN A 1 15  ? 9.30170   16.55227  -11.55967 1.000 52.31000  ? 154 ASN A N   1 
ATOM   2    C CA  . ASN A 1 15  ? 8.32293   15.50160  -11.30162 1.000 60.81000  ? 154 ASN A CA  1 
ATOM   3    C C   . ASN A 1 15  ? 9.01214   14.19540  -10.91759 1.000 70.10000  ? 154 ASN A C   1 
ATOM   4    O O   . ASN A 1 15  ? 9.08556   13.25719  -11.71264 1.000 70.57000  ? 154 ASN A O   1 
ATOM   5    C CB  . ASN A 1 15  ? 7.43123   15.27697  -12.52628 1.000 62.37000  ? 154 ASN A CB  1 
ATOM   6    C CG  . ASN A 1 15  ? 6.63819   16.51197  -12.90534 1.000 90.60000  ? 154 ASN A CG  1 
ATOM   7    O OD1 . ASN A 1 15  ? 6.37148   17.37445  -12.06813 1.000 98.83000  ? 154 ASN A OD1 1 
ATOM   8    N ND2 . ASN A 1 15  ? 6.25274   16.60198  -14.17463 1.000 89.36000  ? 154 ASN A ND2 1 
ATOM   9    N N   . VAL A 1 16  ? 9.52632   14.14232  -9.68932  1.000 58.69000  ? 155 VAL A N   1 
ATOM   10   C CA  . VAL A 1 16  ? 10.13287  12.90843  -9.20547  1.000 83.30000  ? 155 VAL A CA  1 
ATOM   11   C C   . VAL A 1 16  ? 9.06957   11.82818  -9.05310  1.000 54.69000  ? 155 VAL A C   1 
ATOM   12   O O   . VAL A 1 16  ? 9.31019   10.65314  -9.35519  1.000 38.10000  ? 155 VAL A O   1 
ATOM   13   C CB  . VAL A 1 16  ? 10.88338  13.16838  -7.88690  1.000 44.01000  ? 155 VAL A CB  1 
ATOM   14   C CG1 . VAL A 1 16  ? 11.52981  11.89301  -7.37077  1.000 38.63000  ? 155 VAL A CG1 1 
ATOM   15   C CG2 . VAL A 1 16  ? 11.93483  14.25556  -8.08720  1.000 24.68000  ? 155 VAL A CG2 1 
ATOM   16   N N   . ALA A 1 17  ? 7.86724   12.21791  -8.62000  1.000 40.74000  ? 156 ALA A N   1 
ATOM   17   C CA  . ALA A 1 17  ? 6.81715   11.24328  -8.34049  1.000 57.15000  ? 156 ALA A CA  1 
ATOM   18   C C   . ALA A 1 17  ? 6.48600   10.40589  -9.56831  1.000 19.41000  ? 156 ALA A C   1 
ATOM   19   O O   . ALA A 1 17  ? 6.17514   9.21591   -9.44873  1.000 36.58000  ? 156 ALA A O   1 
ATOM   20   C CB  . ALA A 1 17  ? 5.56258   11.95376  -7.83371  1.000 60.07000  ? 156 ALA A CB  1 
ATOM   21   N N   . HIS A 1 18  ? 6.53666   11.00961  -10.75802 1.000 40.61000  ? 157 HIS A N   1 
ATOM   22   C CA  . HIS A 1 18  ? 6.19960   10.26984  -11.97119 1.000 33.91000  ? 157 HIS A CA  1 
ATOM   23   C C   . HIS A 1 18  ? 7.07852   9.03193   -12.11785 1.000 47.05000  ? 157 HIS A C   1 
ATOM   24   O O   . HIS A 1 18  ? 6.57623   7.91604   -12.28335 1.000 36.13000  ? 157 HIS A O   1 
ATOM   25   C CB  . HIS A 1 18  ? 6.33611   11.18031  -13.19215 1.000 29.56000  ? 157 HIS A CB  1 
ATOM   26   C CG  . HIS A 1 18  ? 5.89093   10.54515  -14.47216 1.000 75.04000  ? 157 HIS A CG  1 
ATOM   27   N ND1 . HIS A 1 18  ? 6.77548   10.01854  -15.39027 1.000 41.30000  ? 157 HIS A ND1 1 
ATOM   28   C CD2 . HIS A 1 18  ? 4.65322   10.34794  -14.98621 1.000 22.21000  ? 157 HIS A CD2 1 
ATOM   29   C CE1 . HIS A 1 18  ? 6.10132   9.52799   -16.41570 1.000 55.98000  ? 157 HIS A CE1 1 
ATOM   30   N NE2 . HIS A 1 18  ? 4.81217   9.71449   -16.19499 1.000 62.72000  ? 157 HIS A NE2 1 
ATOM   31   N N   . GLY A 1 19  ? 8.39826   9.21068   -12.03664 1.000 47.20000  ? 158 GLY A N   1 
ATOM   32   C CA  . GLY A 1 19  ? 9.29452   8.07381   -12.15266 1.000 30.91000  ? 158 GLY A CA  1 
ATOM   33   C C   . GLY A 1 19  ? 9.13593   7.07061   -11.02928 1.000 27.39000  ? 158 GLY A C   1 
ATOM   34   O O   . GLY A 1 19  ? 9.30085   5.86674   -11.23822 1.000 46.78000  ? 158 GLY A O   1 
ATOM   35   N N   . LEU A 1 20  ? 8.83747   7.54822   -9.81858  1.000 38.48000  ? 159 LEU A N   1 
ATOM   36   C CA  . LEU A 1 20  ? 8.63433   6.63303   -8.70363  1.000 45.10000  ? 159 LEU A CA  1 
ATOM   37   C C   . LEU A 1 20  ? 7.32409   5.87057   -8.84266  1.000 53.17000  ? 159 LEU A C   1 
ATOM   38   O O   . LEU A 1 20  ? 7.24363   4.70373   -8.44300  1.000 78.26000  ? 159 LEU A O   1 
ATOM   39   C CB  . LEU A 1 20  ? 8.66473   7.39012   -7.37606  1.000 33.00000  ? 159 LEU A CB  1 
ATOM   40   C CG  . LEU A 1 20  ? 9.96667   8.11826   -7.03996  1.000 34.40000  ? 159 LEU A CG  1 
ATOM   41   C CD1 . LEU A 1 20  ? 9.88936   8.71362   -5.64201  1.000 46.85000  ? 159 LEU A CD1 1 
ATOM   42   C CD2 . LEU A 1 20  ? 11.16928  7.19746   -7.15660  1.000 47.01000  ? 159 LEU A CD2 1 
ATOM   43   N N   . ALA A 1 21  ? 6.28877   6.50911   -9.39622  1.000 30.50000  ? 160 ALA A N   1 
ATOM   44   C CA  . ALA A 1 21  ? 5.02531   5.81201   -9.61214  1.000 49.69000  ? 160 ALA A CA  1 
ATOM   45   C C   . ALA A 1 21  ? 5.20647   4.64621   -10.57928 1.000 45.47000  ? 160 ALA A C   1 
ATOM   46   O O   . ALA A 1 21  ? 4.72006   3.53710   -10.33380 1.000 36.96000  ? 160 ALA A O   1 
ATOM   47   C CB  . ALA A 1 21  ? 3.97152   6.78965   -10.13091 1.000 25.13000  ? 160 ALA A CB  1 
ATOM   48   N N   . TRP A 1 22  ? 5.91744   4.87753   -11.68483 1.000 18.05000  ? 161 TRP A N   1 
ATOM   49   C CA  . TRP A 1 22  ? 6.17960   3.79804   -12.62997 1.000 30.92000  ? 161 TRP A CA  1 
ATOM   50   C C   . TRP A 1 22  ? 7.04129   2.71263   -11.99626 1.000 32.82000  ? 161 TRP A C   1 
ATOM   51   O O   . TRP A 1 22  ? 6.75605   1.51882   -12.13296 1.000 46.37000  ? 161 TRP A O   1 
ATOM   52   C CB  . TRP A 1 22  ? 6.84129   4.35070   -13.89261 1.000 28.80000  ? 161 TRP A CB  1 
ATOM   53   C CG  . TRP A 1 22  ? 5.83891   4.90474   -14.84953 1.000 36.14000  ? 161 TRP A CG  1 
ATOM   54   C CD1 . TRP A 1 22  ? 5.41933   6.19934   -14.93909 1.000 32.73000  ? 161 TRP A CD1 1 
ATOM   55   C CD2 . TRP A 1 22  ? 5.10806   4.17581   -15.84018 1.000 43.71000  ? 161 TRP A CD2 1 
ATOM   56   N NE1 . TRP A 1 22  ? 4.47604   6.32330   -15.93004 1.000 36.26000  ? 161 TRP A NE1 1 
ATOM   57   C CE2 . TRP A 1 22  ? 4.26865   5.09419   -16.49879 1.000 51.58000  ? 161 TRP A CE2 1 
ATOM   58   C CE3 . TRP A 1 22  ? 5.08500   2.83507   -16.23699 1.000 31.76000  ? 161 TRP A CE3 1 
ATOM   59   C CZ2 . TRP A 1 22  ? 3.41498   4.71525   -17.53213 1.000 46.60000  ? 161 TRP A CZ2 1 
ATOM   60   C CZ3 . TRP A 1 22  ? 4.23690   2.46171   -17.26385 1.000 39.82000  ? 161 TRP A CZ3 1 
ATOM   61   C CH2 . TRP A 1 22  ? 3.41338   3.39800   -17.89812 1.000 42.09000  ? 161 TRP A CH2 1 
ATOM   62   N N   . SER A 1 23  ? 8.10190   3.10979   -11.29104 1.000 58.53000  ? 162 SER A N   1 
ATOM   63   C CA  . SER A 1 23  ? 8.92931   2.12266   -10.60653 1.000 69.66000  ? 162 SER A CA  1 
ATOM   64   C C   . SER A 1 23  ? 8.09888   1.31776   -9.61820  1.000 41.95000  ? 162 SER A C   1 
ATOM   65   O O   . SER A 1 23  ? 8.32750   0.11694   -9.42900  1.000 40.26000  ? 162 SER A O   1 
ATOM   66   C CB  . SER A 1 23  ? 10.08953  2.80505   -9.88730  1.000 75.84000  ? 162 SER A CB  1 
ATOM   67   O OG  . SER A 1 23  ? 9.63731   3.43990   -8.70295  1.000 71.36000  ? 162 SER A OG  1 
ATOM   68   N N   . TYR A 1 24  ? 7.12352   1.96730   -8.97499  1.000 42.93000  ? 163 TYR A N   1 
ATOM   69   C CA  . TYR A 1 24  ? 6.26591   1.26344   -8.02550  1.000 52.72000  ? 163 TYR A CA  1 
ATOM   70   C C   . TYR A 1 24  ? 5.43022   0.20072   -8.72288  1.000 70.69000  ? 163 TYR A C   1 
ATOM   71   O O   . TYR A 1 24  ? 5.21297   -0.88798  -8.17857  1.000 46.53000  ? 163 TYR A O   1 
ATOM   72   C CB  . TYR A 1 24  ? 5.36035   2.26053   -7.30493  1.000 33.25000  ? 163 TYR A CB  1 
ATOM   73   C CG  . TYR A 1 24  ? 4.58369   1.67137   -6.15139  1.000 56.93000  ? 163 TYR A CG  1 
ATOM   74   C CD1 . TYR A 1 24  ? 5.23184   1.25687   -4.99742  1.000 27.40000  ? 163 TYR A CD1 1 
ATOM   75   C CD2 . TYR A 1 24  ? 3.19990   1.54895   -6.20598  1.000 50.14000  ? 163 TYR A CD2 1 
ATOM   76   C CE1 . TYR A 1 24  ? 4.52908   0.72838   -3.93569  1.000 57.13000  ? 163 TYR A CE1 1 
ATOM   77   C CE2 . TYR A 1 24  ? 2.48707   1.02227   -5.14488  1.000 23.63000  ? 163 TYR A CE2 1 
ATOM   78   C CZ  . TYR A 1 24  ? 3.15821   0.61203   -4.01277  1.000 36.21000  ? 163 TYR A CZ  1 
ATOM   79   O OH  . TYR A 1 24  ? 2.46145   0.08212   -2.95095  1.000 45.53000  ? 163 TYR A OH  1 
ATOM   80   N N   . TYR A 1 25  ? 4.93691   0.50377   -9.92505  1.000 40.85000  ? 164 TYR A N   1 
ATOM   81   C CA  . TYR A 1 25  ? 4.17240   -0.48545  -10.67387 1.000 34.71000  ? 164 TYR A CA  1 
ATOM   82   C C   . TYR A 1 25  ? 5.08919   -1.55236  -11.26198 1.000 34.23000  ? 164 TYR A C   1 
ATOM   83   O O   . TYR A 1 25  ? 4.88524   -2.75066  -11.03817 1.000 50.76000  ? 164 TYR A O   1 
ATOM   84   C CB  . TYR A 1 25  ? 3.36681   0.20777   -11.77492 1.000 36.48000  ? 164 TYR A CB  1 
ATOM   85   C CG  . TYR A 1 25  ? 2.89501   -0.72114  -12.86939 1.000 40.30000  ? 164 TYR A CG  1 
ATOM   86   C CD1 . TYR A 1 25  ? 1.89725   -1.65618  -12.63118 1.000 27.17000  ? 164 TYR A CD1 1 
ATOM   87   C CD2 . TYR A 1 25  ? 3.44118   -0.65363  -14.14412 1.000 24.99000  ? 164 TYR A CD2 1 
ATOM   88   C CE1 . TYR A 1 25  ? 1.46154   -2.50446  -13.63124 1.000 31.83000  ? 164 TYR A CE1 1 
ATOM   89   C CE2 . TYR A 1 25  ? 3.01411   -1.50023  -15.14871 1.000 33.34000  ? 164 TYR A CE2 1 
ATOM   90   C CZ  . TYR A 1 25  ? 2.02295   -2.42286  -14.88673 1.000 34.48000  ? 164 TYR A CZ  1 
ATOM   91   O OH  . TYR A 1 25  ? 1.58794   -3.26855  -15.88097 1.000 48.59000  ? 164 TYR A OH  1 
ATOM   92   N N   . ILE A 1 26  ? 6.11813   -1.13066  -11.99998 1.000 27.99000  ? 165 ILE A N   1 
ATOM   93   C CA  . ILE A 1 26  ? 6.96049   -2.08264  -12.71742 1.000 43.85000  ? 165 ILE A CA  1 
ATOM   94   C C   . ILE A 1 26  ? 7.71716   -2.97802  -11.74590 1.000 36.58000  ? 165 ILE A C   1 
ATOM   95   O O   . ILE A 1 26  ? 7.86610   -4.18257  -11.97911 1.000 66.35000  ? 165 ILE A O   1 
ATOM   96   C CB  . ILE A 1 26  ? 7.93048   -1.34225  -13.65591 1.000 35.94000  ? 165 ILE A CB  1 
ATOM   97   C CG1 . ILE A 1 26  ? 7.14646   -0.51875  -14.67639 1.000 18.87000  ? 165 ILE A CG1 1 
ATOM   98   C CG2 . ILE A 1 26  ? 8.86219   -2.34112  -14.33445 1.000 27.25000  ? 165 ILE A CG2 1 
ATOM   99   C CD1 . ILE A 1 26  ? 8.01771   0.31035   -15.59991 1.000 50.33000  ? 165 ILE A CD1 1 
ATOM   100  N N   . GLY A 1 27  ? 8.23606   -2.40472  -10.66390 1.000 39.49000  ? 166 GLY A N   1 
ATOM   101  C CA  . GLY A 1 27  ? 9.06383   -3.17959  -9.76288  1.000 51.82000  ? 166 GLY A CA  1 
ATOM   102  C C   . GLY A 1 27  ? 8.28625   -4.04362  -8.79839  1.000 58.81000  ? 166 GLY A C   1 
ATOM   103  O O   . GLY A 1 27  ? 8.75898   -5.11973  -8.41955  1.000 87.76000  ? 166 GLY A O   1 
ATOM   104  N N   . TYR A 1 28  ? 7.10833   -3.58605  -8.36525  1.000 41.67000  ? 167 TYR A N   1 
ATOM   105  C CA  . TYR A 1 28  ? 6.35512   -4.27353  -7.32103  1.000 23.02000  ? 167 TYR A CA  1 
ATOM   106  C C   . TYR A 1 28  ? 4.98246   -4.76302  -7.76826  1.000 30.62000  ? 167 TYR A C   1 
ATOM   107  O O   . TYR A 1 28  ? 4.76346   -5.97605  -7.80768  1.000 34.44000  ? 167 TYR A O   1 
ATOM   108  C CB  . TYR A 1 28  ? 6.24286   -3.30979  -6.12797  1.000 27.57000  ? 167 TYR A CB  1 
ATOM   109  C CG  . TYR A 1 28  ? 5.65602   -3.89242  -4.87111  1.000 30.06000  ? 167 TYR A CG  1 
ATOM   110  C CD1 . TYR A 1 28  ? 6.20653   -5.02076  -4.28086  1.000 30.32000  ? 167 TYR A CD1 1 
ATOM   111  C CD2 . TYR A 1 28  ? 4.56826   -3.29310  -4.25395  1.000 18.37000  ? 167 TYR A CD2 1 
ATOM   112  C CE1 . TYR A 1 28  ? 5.67540   -5.54591  -3.12183  1.000 38.10000  ? 167 TYR A CE1 1 
ATOM   113  C CE2 . TYR A 1 28  ? 4.03220   -3.80978  -3.09983  1.000 44.01000  ? 167 TYR A CE2 1 
ATOM   114  C CZ  . TYR A 1 28  ? 4.58773   -4.93249  -2.53385  1.000 48.68000  ? 167 TYR A CZ  1 
ATOM   115  O OH  . TYR A 1 28  ? 4.03760   -5.43463  -1.37799  1.000 56.80000  ? 167 TYR A OH  1 
ATOM   116  N N   . LEU A 1 29  ? 4.06965   -3.87412  -8.16790  1.000 57.05000  ? 168 LEU A N   1 
ATOM   117  C CA  . LEU A 1 29  ? 2.68395   -4.29700  -8.37114  1.000 39.01000  ? 168 LEU A CA  1 
ATOM   118  C C   . LEU A 1 29  ? 2.54637   -5.20551  -9.58825  1.000 51.21000  ? 168 LEU A C   1 
ATOM   119  O O   . LEU A 1 29  ? 1.81353   -6.20291  -9.55374  1.000 26.63000  ? 168 LEU A O   1 
ATOM   120  C CB  . LEU A 1 29  ? 1.77558   -3.07978  -8.52392  1.000 26.00000  ? 168 LEU A CB  1 
ATOM   121  C CG  . LEU A 1 29  ? 1.67403   -2.15295  -7.31603  1.000 27.57000  ? 168 LEU A CG  1 
ATOM   122  C CD1 . LEU A 1 29  ? 0.63586   -1.06960  -7.59533  1.000 42.45000  ? 168 LEU A CD1 1 
ATOM   123  C CD2 . LEU A 1 29  ? 1.33373   -2.91850  -6.04473  1.000 37.14000  ? 168 LEU A CD2 1 
ATOM   124  N N   . ARG A 1 30  ? 3.22664   -4.86235  -10.68028 1.000 41.72000  ? 169 ARG A N   1 
ATOM   125  C CA  . ARG A 1 30  ? 3.20361   -5.69908  -11.87381 1.000 20.51000  ? 169 ARG A CA  1 
ATOM   126  C C   . ARG A 1 30  ? 3.66340   -7.11718  -11.57251 1.000 28.00000  ? 169 ARG A C   1 
ATOM   127  O O   . ARG A 1 30  ? 3.22581   -8.06468  -12.23296 1.000 31.01000  ? 169 ARG A O   1 
ATOM   128  C CB  . ARG A 1 30  ? 4.08736   -5.05719  -12.93780 1.000 26.41000  ? 169 ARG A CB  1 
ATOM   129  C CG  . ARG A 1 30  ? 4.38776   -5.91458  -14.13290 1.000 31.73000  ? 169 ARG A CG  1 
ATOM   130  C CD  . ARG A 1 30  ? 4.92151   -5.04034  -15.26068 1.000 61.08000  ? 169 ARG A CD  1 
ATOM   131  N NE  . ARG A 1 30  ? 5.62234   -5.81132  -16.27883 1.000 61.89000  ? 169 ARG A NE  1 
ATOM   132  C CZ  . ARG A 1 30  ? 6.91882   -6.08949  -16.24713 1.000 75.31000  ? 169 ARG A CZ  1 
ATOM   133  N NH1 . ARG A 1 30  ? 7.69337   -5.67003  -15.25848 1.000 49.25000  ? 169 ARG A NH1 1 
ATOM   134  N NH2 . ARG A 1 30  ? 7.44969   -6.81148  -17.22939 1.000 79.48000  ? 169 ARG A NH2 1 
ATOM   135  N N   . LEU A 1 31  ? 4.53874   -7.28152  -10.58019 1.000 54.48000  ? 170 LEU A N   1 
ATOM   136  C CA  . LEU A 1 31  ? 5.02523   -8.60595  -10.22064 1.000 42.52000  ? 170 LEU A CA  1 
ATOM   137  C C   . LEU A 1 31  ? 4.05760   -9.33057  -9.29032  1.000 39.54000  ? 170 LEU A C   1 
ATOM   138  O O   . LEU A 1 31  ? 3.68374   -10.48063 -9.54717  1.000 63.30000  ? 170 LEU A O   1 
ATOM   139  C CB  . LEU A 1 31  ? 6.39923   -8.49155  -9.55738  1.000 57.67000  ? 170 LEU A CB  1 
ATOM   140  C CG  . LEU A 1 31  ? 7.63420   -8.49556  -10.45803 1.000 48.11000  ? 170 LEU A CG  1 
ATOM   141  C CD1 . LEU A 1 31  ? 7.53563   -7.48657  -11.58599 1.000 48.11000  ? 170 LEU A CD1 1 
ATOM   142  C CD2 . LEU A 1 31  ? 8.86822   -8.22694  -9.59954  1.000 47.97000  ? 170 LEU A CD2 1 
ATOM   143  N N   . ILE A 1 32  ? 3.64187   -8.67517  -8.20585  1.000 30.02000  ? 171 ILE A N   1 
ATOM   144  C CA  . ILE A 1 32  ? 2.96050   -9.40005  -7.13930  1.000 33.89000  ? 171 ILE A CA  1 
ATOM   145  C C   . ILE A 1 32  ? 1.46835   -9.57370  -7.41418  1.000 34.25000  ? 171 ILE A C   1 
ATOM   146  O O   . ILE A 1 32  ? 0.86462   -10.55234 -6.95769  1.000 54.77000  ? 171 ILE A O   1 
ATOM   147  C CB  . ILE A 1 32  ? 3.18348   -8.70255  -5.78542  1.000 38.91000  ? 171 ILE A CB  1 
ATOM   148  C CG1 . ILE A 1 32  ? 2.50173   -7.33287  -5.74506  1.000 43.84000  ? 171 ILE A CG1 1 
ATOM   149  C CG2 . ILE A 1 32  ? 4.66653   -8.52984  -5.50748  1.000 46.07000  ? 171 ILE A CG2 1 
ATOM   150  C CD1 . ILE A 1 32  ? 2.33931   -6.79224  -4.32884  1.000 40.73000  ? 171 ILE A CD1 1 
ATOM   151  N N   . LEU A 1 33  ? 0.84582   -8.63924  -8.12990  1.000 57.54000  ? 172 LEU A N   1 
ATOM   152  C CA  . LEU A 1 33  ? -0.60730  -8.68195  -8.27620  1.000 63.02000  ? 172 LEU A CA  1 
ATOM   153  C C   . LEU A 1 33  ? -1.08635  -9.94212  -8.98221  1.000 53.26000  ? 172 LEU A C   1 
ATOM   154  O O   . LEU A 1 33  ? -2.02522  -10.58317 -8.47858  1.000 81.20000  ? 172 LEU A O   1 
ATOM   155  C CB  . LEU A 1 33  ? -1.08992  -7.42004  -8.99725  1.000 52.27000  ? 172 LEU A CB  1 
ATOM   156  C CG  . LEU A 1 33  ? -1.01176  -6.12097  -8.19012  1.000 37.06000  ? 172 LEU A CG  1 
ATOM   157  C CD1 . LEU A 1 33  ? -1.50627  -4.96008  -9.04310  1.000 32.97000  ? 172 LEU A CD1 1 
ATOM   158  C CD2 . LEU A 1 33  ? -1.80146  -6.20968  -6.88686  1.000 32.94000  ? 172 LEU A CD2 1 
ATOM   159  N N   . PRO A 1 34  ? -0.51003  -10.36189 -10.11391 1.000 36.13000  ? 173 PRO A N   1 
ATOM   160  C CA  . PRO A 1 34  ? -1.00658  -11.59568 -10.74582 1.000 46.38000  ? 173 PRO A CA  1 
ATOM   161  C C   . PRO A 1 34  ? -0.94287  -12.79499 -9.82178  1.000 47.95000  ? 173 PRO A C   1 
ATOM   162  O O   . PRO A 1 34  ? -1.82825  -13.65848 -9.86494  1.000 74.26000  ? 173 PRO A O   1 
ATOM   163  C CB  . PRO A 1 34  ? -0.08943  -11.76334 -11.96679 1.000 50.12000  ? 173 PRO A CB  1 
ATOM   164  C CG  . PRO A 1 34  ? 0.41836   -10.39295 -12.25526 1.000 41.04000  ? 173 PRO A CG  1 
ATOM   165  C CD  . PRO A 1 34  ? 0.55993   -9.72826  -10.90605 1.000 56.74000  ? 173 PRO A CD  1 
ATOM   166  N N   . GLU A 1 35  ? 0.08779   -12.86889 -8.97939  1.000 48.43000  ? 174 GLU A N   1 
ATOM   167  C CA  . GLU A 1 35  ? 0.21568   -13.94443 -8.00762  1.000 51.69000  ? 174 GLU A CA  1 
ATOM   168  C C   . GLU A 1 35  ? -0.56725  -13.68536 -6.72894  1.000 35.60000  ? 174 GLU A C   1 
ATOM   169  O O   . GLU A 1 35  ? -0.68749  -14.59538 -5.90248  1.000 66.20000  ? 174 GLU A O   1 
ATOM   170  C CB  . GLU A 1 35  ? 1.69118   -14.15683 -7.65260  1.000 48.99000  ? 174 GLU A CB  1 
ATOM   171  C CG  . GLU A 1 35  ? 2.57426   -14.54971 -8.82571  1.000 68.51000  ? 174 GLU A CG  1 
ATOM   172  C CD  . GLU A 1 35  ? 2.37203   -15.98801 -9.25919  1.000 78.76000  ? 174 GLU A CD  1 
ATOM   173  O OE1 . GLU A 1 35  ? 1.74315   -16.75914 -8.50187  1.000 74.87000  ? 174 GLU A OE1 1 
ATOM   174  O OE2 . GLU A 1 35  ? 2.84420   -16.34574 -10.35822 1.000 66.01000  ? 174 GLU A OE2 1 
ATOM   175  N N   . LEU A 1 36  ? -1.10444  -12.47733 -6.54719  1.000 52.85000  ? 175 LEU A N   1 
ATOM   176  C CA  . LEU A 1 36  ? -1.66828  -12.10684 -5.25208  1.000 51.65000  ? 175 LEU A CA  1 
ATOM   177  C C   . LEU A 1 36  ? -2.88684  -12.95032 -4.90400  1.000 74.25000  ? 175 LEU A C   1 
ATOM   178  O O   . LEU A 1 36  ? -2.97185  -13.50882 -3.80360  1.000 38.44000  ? 175 LEU A O   1 
ATOM   179  C CB  . LEU A 1 36  ? -2.03875  -10.62356 -5.25069  1.000 70.79000  ? 175 LEU A CB  1 
ATOM   180  C CG  . LEU A 1 36  ? -2.75946  -10.13565 -3.99253  1.000 48.43000  ? 175 LEU A CG  1 
ATOM   181  C CD1 . LEU A 1 36  ? -1.88729  -10.32773 -2.77245  1.000 31.94000  ? 175 LEU A CD1 1 
ATOM   182  C CD2 . LEU A 1 36  ? -3.15714  -8.68008  -4.14546  1.000 53.09000  ? 175 LEU A CD2 1 
ATOM   183  N N   . GLN A 1 37  ? -3.85587  -13.03731 -5.82020  1.000 72.23000  ? 176 GLN A N   1 
ATOM   184  C CA  . GLN A 1 37  ? -5.10315  -13.71896 -5.49092  1.000 28.39000  ? 176 GLN A CA  1 
ATOM   185  C C   . GLN A 1 37  ? -4.86040  -15.18419 -5.15909  1.000 51.18000  ? 176 GLN A C   1 
ATOM   186  O O   . GLN A 1 37  ? -5.54992  -15.74934 -4.30122  1.000 80.44000  ? 176 GLN A O   1 
ATOM   187  C CB  . GLN A 1 37  ? -6.10339  -13.58234 -6.63858  1.000 58.46000  ? 176 GLN A CB  1 
ATOM   188  C CG  . GLN A 1 37  ? -6.59038  -12.15418 -6.87642  1.000 82.95000  ? 176 GLN A CG  1 
ATOM   189  C CD  . GLN A 1 37  ? -7.91968  -12.10200 -7.61137  1.000 93.70000  ? 176 GLN A CD  1 
ATOM   190  O OE1 . GLN A 1 37  ? -8.70582  -13.04987 -7.56382  1.000 78.87000  ? 176 GLN A OE1 1 
ATOM   191  N NE2 . GLN A 1 37  ? -8.17664  -10.99094 -8.29709  1.000 40.01000  ? 176 GLN A NE2 1 
ATOM   192  N N   . ALA A 1 38  ? -3.88050  -15.81242 -5.81371  1.000 71.36000  ? 177 ALA A N   1 
ATOM   193  C CA  . ALA A 1 38  ? -3.55411  -17.19884 -5.49952  1.000 48.36000  ? 177 ALA A CA  1 
ATOM   194  C C   . ALA A 1 38  ? -2.88427  -17.32215 -4.13650  1.000 49.98000  ? 177 ALA A C   1 
ATOM   195  O O   . ALA A 1 38  ? -3.05511  -18.33901 -3.45433  1.000 81.82000  ? 177 ALA A O   1 
ATOM   196  C CB  . ALA A 1 38  ? -2.65532  -17.78550 -6.58865  1.000 72.62000  ? 177 ALA A CB  1 
ATOM   197  N N   . ARG A 1 39  ? -2.12493  -16.30339 -3.72428  1.000 68.37000  ? 178 ARG A N   1 
ATOM   198  C CA  . ARG A 1 39  ? -1.42325  -16.36997 -2.44662  1.000 60.26000  ? 178 ARG A CA  1 
ATOM   199  C C   . ARG A 1 39  ? -2.37015  -16.17999 -1.27021  1.000 43.75000  ? 178 ARG A C   1 
ATOM   200  O O   . ARG A 1 39  ? -2.10967  -16.69819 -0.17883  1.000 42.72000  ? 178 ARG A O   1 
ATOM   201  C CB  . ARG A 1 39  ? -0.31502  -15.31596 -2.39901  1.000 80.65000  ? 178 ARG A CB  1 
ATOM   202  C CG  . ARG A 1 39  ? 0.84873   -15.59381 -3.33764  1.000 70.99000  ? 178 ARG A CG  1 
ATOM   203  C CD  . ARG A 1 39  ? 1.87414   -14.46317 -3.34004  1.000 31.32000  ? 178 ARG A CD  1 
ATOM   204  N NE  . ARG A 1 39  ? 2.41065   -14.20832 -2.00744  1.000 51.34000  ? 178 ARG A NE  1 
ATOM   205  C CZ  . ARG A 1 39  ? 2.43981   -13.01986 -1.41432  1.000 54.72000  ? 178 ARG A CZ  1 
ATOM   206  N NH1 . ARG A 1 39  ? 2.00896   -11.92677 -2.02576  1.000 32.65000  ? 178 ARG A NH1 1 
ATOM   207  N NH2 . ARG A 1 39  ? 2.92826   -12.92453 -0.18169  1.000 59.74000  ? 178 ARG A NH2 1 
ATOM   208  N N   . ILE A 1 40  ? -3.45839  -15.43279 -1.46507  1.000 68.04000  ? 179 ILE A N   1 
ATOM   209  C CA  . ILE A 1 40  ? -4.38170  -15.16841 -0.36576  1.000 94.66000  ? 179 ILE A CA  1 
ATOM   210  C C   . ILE A 1 40  ? -5.21351  -16.41096 -0.06459  1.000 84.41000  ? 179 ILE A C   1 
ATOM   211  O O   . ILE A 1 40  ? -5.28667  -16.86596 1.08355   1.000 43.27000  ? 179 ILE A O   1 
ATOM   212  C CB  . ILE A 1 40  ? -5.26897  -13.95346 -0.69051  1.000 61.22000  ? 179 ILE A CB  1 
ATOM   213  C CG1 . ILE A 1 40  ? -4.39688  -12.71933 -0.94064  1.000 74.46000  ? 179 ILE A CG1 1 
ATOM   214  C CG2 . ILE A 1 40  ? -6.24601  -13.68902 0.44653   1.000 53.25000  ? 179 ILE A CG2 1 
ATOM   215  C CD1 . ILE A 1 40  ? -5.16648  -11.48563 -1.37078  1.000 68.97000  ? 179 ILE A CD1 1 
ATOM   216  N N   . ARG A 1 41  ? -5.83783  -16.98911 -1.09516  1.000 49.28000  ? 180 ARG A N   1 
ATOM   217  C CA  . ARG A 1 41  ? -6.64807  -18.18682 -0.89362  1.000 69.89000  ? 180 ARG A CA  1 
ATOM   218  C C   . ARG A 1 41  ? -5.81143  -19.38140 -0.45714  1.000 60.88000  ? 180 ARG A C   1 
ATOM   219  O O   . ARG A 1 41  ? -6.37276  -20.37263 0.02069   1.000 96.78000  ? 180 ARG A O   1 
ATOM   220  C CB  . ARG A 1 41  ? -7.42159  -18.52720 -2.16930  1.000 78.63000  ? 180 ARG A CB  1 
ATOM   221  C CG  . ARG A 1 41  ? -6.55371  -18.81453 -3.38675  1.000 92.95000  ? 180 ARG A CG  1 
ATOM   222  C CD  . ARG A 1 41  ? -7.40678  -19.01769 -4.63680  1.000 79.62000  ? 180 ARG A CD  1 
ATOM   223  N NE  . ARG A 1 41  ? -8.30252  -17.88943 -4.87391  1.000 86.73000  ? 180 ARG A NE  1 
ATOM   224  C CZ  . ARG A 1 41  ? -9.29030  -17.88408 -5.75867  1.000 107.79000 ? 180 ARG A CZ  1 
ATOM   225  N NH1 . ARG A 1 41  ? -9.53361  -18.93168 -6.52975  1.000 83.94000  ? 180 ARG A NH1 1 
ATOM   226  N NH2 . ARG A 1 41  ? -10.05901 -16.80366 -5.86621  1.000 94.09000  ? 180 ARG A NH2 1 
ATOM   227  N N   . THR A 1 42  ? -4.48611  -19.31238 -0.62613  1.000 88.39000  ? 181 THR A N   1 
ATOM   228  C CA  . THR A 1 42  ? -3.60946  -20.33696 -0.06432  1.000 81.02000  ? 181 THR A CA  1 
ATOM   229  C C   . THR A 1 42  ? -3.47478  -20.17273 1.44357   1.000 45.23000  ? 181 THR A C   1 
ATOM   230  O O   . THR A 1 42  ? -3.39816  -21.16227 2.18054   1.000 83.95000  ? 181 THR A O   1 
ATOM   231  C CB  . THR A 1 42  ? -2.23153  -20.27197 -0.72426  1.000 40.45000  ? 181 THR A CB  1 
ATOM   232  O OG1 . THR A 1 42  ? -2.36629  -20.44847 -2.13947  1.000 68.88000  ? 181 THR A OG1 1 
ATOM   233  C CG2 . THR A 1 42  ? -1.31494  -21.35107 -0.16376  1.000 50.73000  ? 181 THR A CG2 1 
ATOM   234  N N   . TYR A 1 43  ? -3.42419  -18.92567 1.91856   1.000 51.23000  ? 182 TYR A N   1 
ATOM   235  C CA  . TYR A 1 43  ? -3.37427  -18.67946 3.35623   1.000 82.70000  ? 182 TYR A CA  1 
ATOM   236  C C   . TYR A 1 43  ? -4.67689  -19.08986 4.02966   1.000 92.58000  ? 182 TYR A C   1 
ATOM   237  O O   . TYR A 1 43  ? -4.66342  -19.66145 5.12683   1.000 82.98000  ? 182 TYR A O   1 
ATOM   238  C CB  . TYR A 1 43  ? -3.07001  -17.20253 3.61525   1.000 51.74000  ? 182 TYR A CB  1 
ATOM   239  C CG  . TYR A 1 43  ? -3.06139  -16.80365 5.07377   1.000 38.41000  ? 182 TYR A CG  1 
ATOM   240  C CD1 . TYR A 1 43  ? -1.97974  -17.10067 5.89200   1.000 54.62000  ? 182 TYR A CD1 1 
ATOM   241  C CD2 . TYR A 1 43  ? -4.13176  -16.11360 5.62948   1.000 43.51000  ? 182 TYR A CD2 1 
ATOM   242  C CE1 . TYR A 1 43  ? -1.96792  -16.73178 7.22453   1.000 60.36000  ? 182 TYR A CE1 1 
ATOM   243  C CE2 . TYR A 1 43  ? -4.12855  -15.74028 6.96158   1.000 22.07000  ? 182 TYR A CE2 1 
ATOM   244  C CZ  . TYR A 1 43  ? -3.04353  -16.05075 7.75238   1.000 40.08000  ? 182 TYR A CZ  1 
ATOM   245  O OH  . TYR A 1 43  ? -3.03637  -15.67873 9.07787   1.000 57.24000  ? 182 TYR A OH  1 
ATOM   246  N N   . ASN A 1 44  ? -5.81166  -18.81156 3.38542   1.000 78.43000  ? 183 ASN A N   1 
ATOM   247  C CA  . ASN A 1 44  ? -7.10234  -19.13891 3.98308   1.000 91.94000  ? 183 ASN A CA  1 
ATOM   248  C C   . ASN A 1 44  ? -7.24680  -20.64026 4.18707   1.000 99.99000  ? 183 ASN A C   1 
ATOM   249  O O   . ASN A 1 44  ? -7.58500  -21.10306 5.28242   1.000 88.78000  ? 183 ASN A O   1 
ATOM   250  C CB  . ASN A 1 44  ? -8.23083  -18.60233 3.10188   1.000 69.48000  ? 183 ASN A CB  1 
ATOM   251  C CG  . ASN A 1 44  ? -8.25146  -17.08739 3.04272   1.000 86.51000  ? 183 ASN A CG  1 
ATOM   252  O OD1 . ASN A 1 44  ? -8.02761  -16.41361 4.04844   1.000 80.04000  ? 183 ASN A OD1 1 
ATOM   253  N ND2 . ASN A 1 44  ? -8.51759  -16.54437 1.86080   1.000 43.24000  ? 183 ASN A ND2 1 
ATOM   254  N N   . GLN A 1 45  ? -6.97732  -21.42151 3.13943   1.000 81.23000  ? 184 GLN A N   1 
ATOM   255  C CA  . GLN A 1 45  ? -7.10391  -22.87016 3.24760   1.000 54.65000  ? 184 GLN A CA  1 
ATOM   256  C C   . GLN A 1 45  ? -6.14745  -23.42902 4.29250   1.000 36.68000  ? 184 GLN A C   1 
ATOM   257  O O   . GLN A 1 45  ? -6.50652  -24.33643 5.05048   1.000 71.78000  ? 184 GLN A O   1 
ATOM   258  C CB  . GLN A 1 45  ? -6.85744  -23.51639 1.88643   1.000 65.74000  ? 184 GLN A CB  1 
ATOM   259  C CG  . GLN A 1 45  ? -7.89308  -23.14116 0.83929   1.000 56.19000  ? 184 GLN A CG  1 
ATOM   260  C CD  . GLN A 1 45  ? -7.55622  -23.68604 -0.53352  1.000 113.94000 ? 184 GLN A CD  1 
ATOM   261  O OE1 . GLN A 1 45  ? -6.51648  -24.31800 -0.72563  1.000 111.75000 ? 184 GLN A OE1 1 
ATOM   262  N NE2 . GLN A 1 45  ? -8.43549  -23.44100 -1.49959  1.000 114.19000 ? 184 GLN A NE2 1 
ATOM   263  N N   . HIS A 1 46  ? -4.93079  -22.89799 4.35223   1.000 90.96000  ? 185 HIS A N   1 
ATOM   264  C CA  . HIS A 1 46  ? -3.94370  -23.35456 5.32396   1.000 99.87000  ? 185 HIS A CA  1 
ATOM   265  C C   . HIS A 1 46  ? -4.30934  -22.93458 6.74369   1.000 81.97000  ? 185 HIS A C   1 
ATOM   266  O O   . HIS A 1 46  ? -3.81080  -23.50817 7.71198   1.000 50.60000  ? 185 HIS A O   1 
ATOM   267  C CB  . HIS A 1 46  ? -2.55645  -22.81487 4.96788   1.000 83.23000  ? 185 HIS A CB  1 
ATOM   268  C CG  . HIS A 1 46  ? -1.92378  -23.50003 3.79684   1.000 138.24000 ? 185 HIS A CG  1 
ATOM   269  N ND1 . HIS A 1 46  ? -0.77816  -23.03118 3.19034   1.000 149.17000 ? 185 HIS A ND1 1 
ATOM   270  C CD2 . HIS A 1 46  ? -2.27325  -24.62229 3.12459   1.000 112.03000 ? 185 HIS A CD2 1 
ATOM   271  C CE1 . HIS A 1 46  ? -0.45115  -23.83260 2.19243   1.000 126.84000 ? 185 HIS A CE1 1 
ATOM   272  N NE2 . HIS A 1 46  ? -1.34176  -24.80642 2.13164   1.000 124.97000 ? 185 HIS A NE2 1 
ATOM   273  N N   . GLY A 1 53  ? -10.93473 -16.60006 10.51541  1.000 85.03000  ? 192 GLY A N   1 
ATOM   274  C CA  . GLY A 1 53  ? -11.57743 -15.52209 9.78839   1.000 90.09000  ? 192 GLY A CA  1 
ATOM   275  C C   . GLY A 1 53  ? -11.36600 -15.60228 8.28888   1.000 78.15000  ? 192 GLY A C   1 
ATOM   276  O O   . GLY A 1 53  ? -10.90689 -16.62052 7.77218   1.000 103.00000 ? 192 GLY A O   1 
ATOM   277  N N   . ALA A 1 54  ? -11.69931 -14.51950 7.58777   1.000 56.04000  ? 193 ALA A N   1 
ATOM   278  C CA  . ALA A 1 54  ? -11.59563 -14.46194 6.13579   1.000 50.74000  ? 193 ALA A CA  1 
ATOM   279  C C   . ALA A 1 54  ? -10.86718 -13.19314 5.72025   1.000 96.15000  ? 193 ALA A C   1 
ATOM   280  O O   . ALA A 1 54  ? -11.11654 -12.11400 6.26686   1.000 90.51000  ? 193 ALA A O   1 
ATOM   281  C CB  . ALA A 1 54  ? -12.98164 -14.51100 5.48406   1.000 52.18000  ? 193 ALA A CB  1 
ATOM   282  N N   . VAL A 1 55  ? -9.97213  -13.32759 4.74119   1.000 75.84000  ? 194 VAL A N   1 
ATOM   283  C CA  . VAL A 1 55  ? -9.15948  -12.22020 4.24988   1.000 46.23000  ? 194 VAL A CA  1 
ATOM   284  C C   . VAL A 1 55  ? -9.69253  -11.77044 2.89680   1.000 74.48000  ? 194 VAL A C   1 
ATOM   285  O O   . VAL A 1 55  ? -10.03645 -12.59827 2.04260   1.000 87.94000  ? 194 VAL A O   1 
ATOM   286  C CB  . VAL A 1 55  ? -7.67560  -12.62202 4.14495   1.000 60.96000  ? 194 VAL A CB  1 
ATOM   287  C CG1 . VAL A 1 55  ? -6.84674  -11.45572 3.62613   1.000 70.23000  ? 194 VAL A CG1 1 
ATOM   288  C CG2 . VAL A 1 55  ? -7.15438  -13.09606 5.49205   1.000 47.14000  ? 194 VAL A CG2 1 
ATOM   289  N N   . SER A 1 56  ? -9.76523  -10.45603 2.69984   1.000 36.24000  ? 195 SER A N   1 
ATOM   290  C CA  . SER A 1 56  ? -10.20763 -9.91598  1.42430   1.000 46.58000  ? 195 SER A CA  1 
ATOM   291  C C   . SER A 1 56  ? -9.16550  -10.18950 0.34163   1.000 60.06000  ? 195 SER A C   1 
ATOM   292  O O   . SER A 1 56  ? -7.97265  -10.35930 0.61319   1.000 68.48000  ? 195 SER A O   1 
ATOM   293  C CB  . SER A 1 56  ? -10.47343 -8.41408  1.53831   1.000 62.89000  ? 195 SER A CB  1 
ATOM   294  O OG  . SER A 1 56  ? -10.97579 -7.88344  0.32387   1.000 53.12000  ? 195 SER A OG  1 
ATOM   295  N N   . GLN A 1 57  ? -9.63513  -10.22591 -0.90318  1.000 76.28000  ? 196 GLN A N   1 
ATOM   296  C CA  . GLN A 1 57  ? -8.80917  -10.58018 -2.04811  1.000 68.76000  ? 196 GLN A CA  1 
ATOM   297  C C   . GLN A 1 57  ? -8.16517  -9.37354  -2.71787  1.000 59.51000  ? 196 GLN A C   1 
ATOM   298  O O   . GLN A 1 57  ? -7.58587  -9.52036  -3.80008  1.000 54.59000  ? 196 GLN A O   1 
ATOM   299  C CB  . GLN A 1 57  ? -9.64294  -11.34495 -3.08130  1.000 92.88000  ? 196 GLN A CB  1 
ATOM   300  C CG  . GLN A 1 57  ? -10.24979 -12.64072 -2.56892  1.000 59.85000  ? 196 GLN A CG  1 
ATOM   301  C CD  . GLN A 1 57  ? -10.88618 -13.46140 -3.67502  1.000 86.31000  ? 196 GLN A CD  1 
ATOM   302  O OE1 . GLN A 1 57  ? -10.81185 -13.10302 -4.85128  1.000 96.12000  ? 196 GLN A OE1 1 
ATOM   303  N NE2 . GLN A 1 57  ? -11.51345 -14.56974 -3.30221  1.000 103.48000 ? 196 GLN A NE2 1 
ATOM   304  N N   . ARG A 1 58  ? -8.26288  -8.19095  -2.11757  1.000 62.61000  ? 197 ARG A N   1 
ATOM   305  C CA  . ARG A 1 58  ? -7.65919  -6.98909  -2.67148  1.000 75.26000  ? 197 ARG A CA  1 
ATOM   306  C C   . ARG A 1 58  ? -6.48789  -6.53121  -1.80982  1.000 94.20000  ? 197 ARG A C   1 
ATOM   307  O O   . ARG A 1 58  ? -6.48454  -6.69543  -0.58511  1.000 58.84000  ? 197 ARG A O   1 
ATOM   308  C CB  . ARG A 1 58  ? -8.67945  -5.85060  -2.78830  1.000 51.63000  ? 197 ARG A CB  1 
ATOM   309  C CG  . ARG A 1 58  ? -9.50210  -5.87105  -4.06907  1.000 78.91000  ? 197 ARG A CG  1 
ATOM   310  C CD  . ARG A 1 58  ? -10.18816 -4.52747  -4.31052  1.000 48.05000  ? 197 ARG A CD  1 
ATOM   311  N NE  . ARG A 1 58  ? -11.03102 -4.53277  -5.50119  1.000 75.93000  ? 197 ARG A NE  1 
ATOM   312  C CZ  . ARG A 1 58  ? -12.31249 -4.88216  -5.51456  1.000 94.41000  ? 197 ARG A CZ  1 
ATOM   313  N NH1 . ARG A 1 58  ? -12.93640 -5.26693  -4.41230  1.000 72.04000  ? 197 ARG A NH1 1 
ATOM   314  N NH2 . ARG A 1 58  ? -12.98296 -4.84844  -6.66332  1.000 70.37000  ? 197 ARG A NH2 1 
ATOM   315  N N   . LEU A 1 59  ? -5.48737  -5.95704  -2.47458  1.000 48.51000  ? 198 LEU A N   1 
ATOM   316  C CA  . LEU A 1 59  ? -4.34899  -5.34432  -1.80355  1.000 39.50000  ? 198 LEU A CA  1 
ATOM   317  C C   . LEU A 1 59  ? -4.65707  -3.87183  -1.55267  1.000 57.31000  ? 198 LEU A C   1 
ATOM   318  O O   . LEU A 1 59  ? -4.94046  -3.12270  -2.49550  1.000 67.46000  ? 198 LEU A O   1 
ATOM   319  C CB  . LEU A 1 59  ? -3.08805  -5.48878  -2.65144  1.000 44.03000  ? 198 LEU A CB  1 
ATOM   320  C CG  . LEU A 1 59  ? -1.83470  -4.82961  -2.07889  1.000 8.86000   ? 198 LEU A CG  1 
ATOM   321  C CD1 . LEU A 1 59  ? -1.44932  -5.51833  -0.78460  1.000 20.28000  ? 198 LEU A CD1 1 
ATOM   322  C CD2 . LEU A 1 59  ? -0.69713  -4.86739  -3.08198  1.000 60.33000  ? 198 LEU A CD2 1 
ATOM   323  N N   . TYR A 1 60  ? -4.59122  -3.45731  -0.29186  1.000 23.15000  ? 199 TYR A N   1 
ATOM   324  C CA  . TYR A 1 60  ? -4.93745  -2.09748  0.10463   1.000 66.54000  ? 199 TYR A CA  1 
ATOM   325  C C   . TYR A 1 60  ? -3.66741  -1.29277  0.33906   1.000 48.13000  ? 199 TYR A C   1 
ATOM   326  O O   . TYR A 1 60  ? -2.89365  -1.59122  1.25645   1.000 39.44000  ? 199 TYR A O   1 
ATOM   327  C CB  . TYR A 1 60  ? -5.81407  -2.10795  1.35661   1.000 45.99000  ? 199 TYR A CB  1 
ATOM   328  C CG  . TYR A 1 60  ? -7.15373  -2.75460  1.11428   1.000 46.96000  ? 199 TYR A CG  1 
ATOM   329  C CD1 . TYR A 1 60  ? -7.32347  -4.12191  1.27412   1.000 76.61000  ? 199 TYR A CD1 1 
ATOM   330  C CD2 . TYR A 1 60  ? -8.24463  -2.00235  0.70076   1.000 58.11000  ? 199 TYR A CD2 1 
ATOM   331  C CE1 . TYR A 1 60  ? -8.54475  -4.72155  1.04221   1.000 89.59000  ? 199 TYR A CE1 1 
ATOM   332  C CE2 . TYR A 1 60  ? -9.47144  -2.59232  0.46744   1.000 83.41000  ? 199 TYR A CE2 1 
ATOM   333  C CZ  . TYR A 1 60  ? -9.61486  -3.95265  0.63941   1.000 89.15000  ? 199 TYR A CZ  1 
ATOM   334  O OH  . TYR A 1 60  ? -10.83343 -4.54706  0.40932   1.000 94.90000  ? 199 TYR A OH  1 
ATOM   335  N N   . ILE A 1 61  ? -3.46908  -0.26445  -0.47778  1.000 40.59000  ? 200 ILE A N   1 
ATOM   336  C CA  . ILE A 1 61  ? -2.27198  0.56556   -0.44781  1.000 25.10000  ? 200 ILE A CA  1 
ATOM   337  C C   . ILE A 1 61  ? -2.66872  1.92290   0.11668   1.000 49.88000  ? 200 ILE A C   1 
ATOM   338  O O   . ILE A 1 61  ? -3.45442  2.65648   -0.49492  1.000 68.59000  ? 200 ILE A O   1 
ATOM   339  C CB  . ILE A 1 61  ? -1.64723  0.69969   -1.84509  1.000 24.27000  ? 200 ILE A CB  1 
ATOM   340  C CG1 . ILE A 1 61  ? -1.32032  -0.68921  -2.40984  1.000 29.67000  ? 200 ILE A CG1 1 
ATOM   341  C CG2 . ILE A 1 61  ? -0.40292  1.58081   -1.79712  1.000 41.41000  ? 200 ILE A CG2 1 
ATOM   342  C CD1 . ILE A 1 61  ? -0.84760  -0.68691  -3.86170  1.000 38.32000  ? 200 ILE A CD1 1 
ATOM   343  N N   . LEU A 1 62  ? -2.12362  2.26371   1.28316   1.000 46.35000  ? 201 LEU A N   1 
ATOM   344  C CA  . LEU A 1 62  ? -2.38293  3.55756   1.89936   1.000 43.77000  ? 201 LEU A CA  1 
ATOM   345  C C   . LEU A 1 62  ? -1.53722  4.64015   1.23901   1.000 58.82000  ? 201 LEU A C   1 
ATOM   346  O O   . LEU A 1 62  ? -0.32998  4.46455   1.03945   1.000 46.83000  ? 201 LEU A O   1 
ATOM   347  C CB  . LEU A 1 62  ? -2.08541  3.50561   3.39531   1.000 34.03000  ? 201 LEU A CB  1 
ATOM   348  C CG  . LEU A 1 62  ? -2.93305  2.51691   4.19569   1.000 65.15000  ? 201 LEU A CG  1 
ATOM   349  C CD1 . LEU A 1 62  ? -2.47024  2.46959   5.64824   1.000 36.32000  ? 201 LEU A CD1 1 
ATOM   350  C CD2 . LEU A 1 62  ? -4.41499  2.86661   4.10586   1.000 42.00000  ? 201 LEU A CD2 1 
ATOM   351  N N   . LEU A 1 63  ? -2.17083  5.76765   0.91798   1.000 62.24000  ? 202 LEU A N   1 
ATOM   352  C CA  . LEU A 1 63  ? -1.52388  6.88287   0.22892   1.000 45.33000  ? 202 LEU A CA  1 
ATOM   353  C C   . LEU A 1 63  ? -1.79691  8.17661   0.98597   1.000 49.13000  ? 202 LEU A C   1 
ATOM   354  O O   . LEU A 1 63  ? -2.65737  8.97413   0.58723   1.000 54.58000  ? 202 LEU A O   1 
ATOM   355  C CB  . LEU A 1 63  ? -2.00862  6.98212   -1.21920  1.000 55.61000  ? 202 LEU A CB  1 
ATOM   356  C CG  . LEU A 1 63  ? -1.59186  5.83859   -2.14386  1.000 49.96000  ? 202 LEU A CG  1 
ATOM   357  C CD1 . LEU A 1 63  ? -2.40116  5.85149   -3.43268  1.000 51.49000  ? 202 LEU A CD1 1 
ATOM   358  C CD2 . LEU A 1 63  ? -0.10555  5.92400   -2.45523  1.000 29.33000  ? 202 LEU A CD2 1 
ATOM   359  N N   . PRO A 1 64  ? -1.08775  8.41378   2.09055   1.000 64.72000  ? 203 PRO A N   1 
ATOM   360  C CA  . PRO A 1 64  ? -1.21184  9.70413   2.78841   1.000 42.07000  ? 203 PRO A CA  1 
ATOM   361  C C   . PRO A 1 64  ? -0.58143  10.83048  1.98302   1.000 40.80000  ? 203 PRO A C   1 
ATOM   362  O O   . PRO A 1 64  ? 0.56786   10.73237  1.54843   1.000 43.51000  ? 203 PRO A O   1 
ATOM   363  C CB  . PRO A 1 64  ? -0.46201  9.47097   4.10529   1.000 66.87000  ? 203 PRO A CB  1 
ATOM   364  C CG  . PRO A 1 64  ? 0.50033   8.37246   3.79499   1.000 32.65000  ? 203 PRO A CG  1 
ATOM   365  C CD  . PRO A 1 64  ? -0.19509  7.48139   2.80406   1.000 42.59000  ? 203 PRO A CD  1 
ATOM   366  N N   . LEU A 1 65  ? -1.33568  11.91711  1.80683   1.000 39.81000  ? 204 LEU A N   1 
ATOM   367  C CA  . LEU A 1 65  ? -0.87450  13.01469  0.96715   1.000 51.18000  ? 204 LEU A CA  1 
ATOM   368  C C   . LEU A 1 65  ? 0.13239   13.91885  1.66253   1.000 65.47000  ? 204 LEU A C   1 
ATOM   369  O O   . LEU A 1 65  ? 0.80293   14.70455  0.98438   1.000 39.73000  ? 204 LEU A O   1 
ATOM   370  C CB  . LEU A 1 65  ? -2.06413  13.84501  0.48579   1.000 63.65000  ? 204 LEU A CB  1 
ATOM   371  C CG  . LEU A 1 65  ? -2.69394  13.38062  -0.82823  1.000 44.73000  ? 204 LEU A CG  1 
ATOM   372  C CD1 . LEU A 1 65  ? -3.26383  11.98175  -0.69094  1.000 72.14000  ? 204 LEU A CD1 1 
ATOM   373  C CD2 . LEU A 1 65  ? -3.76739  14.36430  -1.27113  1.000 62.35000  ? 204 LEU A CD2 1 
ATOM   374  N N   . ASP A 1 66  ? 0.25968   13.82685  2.98416   1.000 41.91000  ? 205 ASP A N   1 
ATOM   375  C CA  . ASP A 1 66  ? 1.29089   14.56543  3.69916   1.000 33.47000  ? 205 ASP A CA  1 
ATOM   376  C C   . ASP A 1 66  ? 2.64325   13.87023  3.63653   1.000 49.51000  ? 205 ASP A C   1 
ATOM   377  O O   . ASP A 1 66  ? 3.61257   14.37930  4.20943   1.000 80.66000  ? 205 ASP A O   1 
ATOM   378  C CB  . ASP A 1 66  ? 0.87212   14.77987  5.15787   1.000 46.53000  ? 205 ASP A CB  1 
ATOM   379  C CG  . ASP A 1 66  ? 0.53102   13.48760  5.86865   1.000 38.18000  ? 205 ASP A CG  1 
ATOM   380  O OD1 . ASP A 1 66  ? 1.09684   12.43561  5.50384   1.000 61.72000  ? 205 ASP A OD1 1 
ATOM   381  O OD2 . ASP A 1 66  ? -0.31689  13.52174  6.78581   1.000 55.12000  ? 205 ASP A OD2 1 
ATOM   382  N N   . CYS A 1 67  ? 2.71882   12.71837  2.97204   1.000 49.45000  ? 206 CYS A N   1 
ATOM   383  C CA  . CYS A 1 67  ? 3.94533   11.97867  2.68324   1.000 66.47000  ? 206 CYS A CA  1 
ATOM   384  C C   . CYS A 1 67  ? 4.62367   11.40678  3.91972   1.000 51.49000  ? 206 CYS A C   1 
ATOM   385  O O   . CYS A 1 67  ? 5.76969   10.94785  3.82832   1.000 40.60000  ? 206 CYS A O   1 
ATOM   386  C CB  . CYS A 1 67  ? 4.94917   12.84157  1.90969   1.000 33.88000  ? 206 CYS A CB  1 
ATOM   387  S SG  . CYS A 1 67  ? 4.71749   12.77623  0.12666   1.000 47.65000  ? 206 CYS A SG  1 
ATOM   388  N N   . GLY A 1 68  ? 3.94901   11.39929  5.06616   1.000 19.61000  ? 207 GLY A N   1 
ATOM   389  C CA  . GLY A 1 68  ? 4.49960   10.76218  6.25020   1.000 62.62000  ? 207 GLY A CA  1 
ATOM   390  C C   . GLY A 1 68  ? 4.09016   9.29956   6.32956   1.000 57.66000  ? 207 GLY A C   1 
ATOM   391  O O   . GLY A 1 68  ? 2.89609   9.00378   6.28182   1.000 44.47000  ? 207 GLY A O   1 
ATOM   392  N N   . VAL A 1 69  ? 5.04659   8.37874   6.42669   1.000 51.63000  ? 208 VAL A N   1 
ATOM   393  C CA  . VAL A 1 69  ? 4.72485   6.96146   6.41960   1.000 58.43000  ? 208 VAL A CA  1 
ATOM   394  C C   . VAL A 1 69  ? 5.35536   6.31266   7.65000   1.000 45.86000  ? 208 VAL A C   1 
ATOM   395  O O   . VAL A 1 69  ? 6.57329   6.09308   7.67499   1.000 68.23000  ? 208 VAL A O   1 
ATOM   396  C CB  . VAL A 1 69  ? 5.22297   6.28358   5.12421   1.000 65.80000  ? 208 VAL A CB  1 
ATOM   397  C CG1 . VAL A 1 69  ? 5.13473   4.75864   5.20365   1.000 42.47000  ? 208 VAL A CG1 1 
ATOM   398  C CG2 . VAL A 1 69  ? 4.44152   6.78698   3.91136   1.000 47.60000  ? 208 VAL A CG2 1 
ATOM   399  N N   . PRO A 1 70  ? 4.58706   6.02101   8.69833   1.000 19.02000  ? 209 PRO A N   1 
ATOM   400  C CA  . PRO A 1 70  ? 5.13231   5.28470   9.86977   1.000 29.64000  ? 209 PRO A CA  1 
ATOM   401  C C   . PRO A 1 70  ? 5.71492   3.96953   9.40110   1.000 55.20000  ? 209 PRO A C   1 
ATOM   402  O O   . PRO A 1 70  ? 5.32060   3.43306   8.35670   1.000 52.54000  ? 209 PRO A O   1 
ATOM   403  C CB  . PRO A 1 70  ? 3.89595   5.06879   10.75423  1.000 35.18000  ? 209 PRO A CB  1 
ATOM   404  C CG  . PRO A 1 70  ? 2.96635   6.20276   10.36847  1.000 56.56000  ? 209 PRO A CG  1 
ATOM   405  C CD  . PRO A 1 70  ? 3.16324   6.38567   8.89535   1.000 32.17000  ? 209 PRO A CD  1 
ATOM   406  N N   . ASP A 1 71  ? 6.70067   3.43611   10.16110  1.000 46.43000  ? 210 ASP A N   1 
ATOM   407  C CA  . ASP A 1 71  ? 7.26438   2.11095   9.84467   1.000 46.65000  ? 210 ASP A CA  1 
ATOM   408  C C   . ASP A 1 71  ? 6.42462   0.99365   10.45785  1.000 37.97000  ? 210 ASP A C   1 
ATOM   409  O O   . ASP A 1 71  ? 6.08547   0.01326   9.78408   1.000 44.38000  ? 210 ASP A O   1 
ATOM   410  C CB  . ASP A 1 71  ? 8.70999   2.01709   10.34962  1.000 66.42000  ? 210 ASP A CB  1 
ATOM   411  C CG  . ASP A 1 71  ? 9.66720   2.84835   9.52542   1.000 77.02000  ? 210 ASP A CG  1 
ATOM   412  O OD1 . ASP A 1 71  ? 9.97735   2.43423   8.38651   1.000 62.86000  ? 210 ASP A OD1 1 
ATOM   413  O OD2 . ASP A 1 71  ? 10.09298  3.91899   10.01149  1.000 60.68000  ? 210 ASP A OD2 1 
ATOM   414  N N   . ASN A 1 72  ? 6.08878   1.12727   11.73897  1.000 75.22000  ? 211 ASN A N   1 
ATOM   415  C CA  . ASN A 1 72  ? 5.17371   0.20942   12.40147  1.000 68.92000  ? 211 ASN A CA  1 
ATOM   416  C C   . ASN A 1 72  ? 3.75634   0.71992   12.18837  1.000 77.18000  ? 211 ASN A C   1 
ATOM   417  O O   . ASN A 1 72  ? 3.40456   1.80891   12.65704  1.000 63.61000  ? 211 ASN A O   1 
ATOM   418  C CB  . ASN A 1 72  ? 5.47194   0.08855   13.89434  1.000 91.09000  ? 211 ASN A CB  1 
ATOM   419  C CG  . ASN A 1 72  ? 4.48738   -0.82666  14.60959  1.000 87.11000  ? 211 ASN A CG  1 
ATOM   420  O OD1 . ASN A 1 72  ? 3.78631   -1.61724  13.97653  1.000 96.90000  ? 211 ASN A OD1 1 
ATOM   421  N ND2 . ASN A 1 72  ? 4.43235   -0.72063  15.93260  1.000 87.00000  ? 211 ASN A ND2 1 
ATOM   422  N N   . LEU A 1 73  ? 2.94742   -0.06381  11.48092  1.000 62.28000  ? 212 LEU A N   1 
ATOM   423  C CA  . LEU A 1 73  ? 1.59559   0.37667   11.16714  1.000 37.40000  ? 212 LEU A CA  1 
ATOM   424  C C   . LEU A 1 73  ? 0.74439   0.47934   12.42378  1.000 55.37000  ? 212 LEU A C   1 
ATOM   425  O O   . LEU A 1 73  ? -0.12375  1.35412   12.51168  1.000 29.62000  ? 212 LEU A O   1 
ATOM   426  C CB  . LEU A 1 73  ? 0.97782   -0.57873  10.15067  1.000 49.28000  ? 212 LEU A CB  1 
ATOM   427  C CG  . LEU A 1 73  ? -0.37309  -0.19583  9.55421   1.000 39.88000  ? 212 LEU A CG  1 
ATOM   428  C CD1 . LEU A 1 73  ? -0.32659  1.20557   8.98270   1.000 36.85000  ? 212 LEU A CD1 1 
ATOM   429  C CD2 . LEU A 1 73  ? -0.77116  -1.20665  8.48567   1.000 74.70000  ? 212 LEU A CD2 1 
ATOM   430  N N   . SER A 1 74  ? 1.00340   -0.37739  13.41492  1.000 98.75000  ? 213 SER A N   1 
ATOM   431  C CA  . SER A 1 74  ? 0.20575   -0.37453  14.63548  1.000 79.20000  ? 213 SER A CA  1 
ATOM   432  C C   . SER A 1 74  ? 0.32045   0.94268   15.39196  1.000 82.65000  ? 213 SER A C   1 
ATOM   433  O O   . SER A 1 74  ? -0.58831  1.28345   16.15825  1.000 95.00000  ? 213 SER A O   1 
ATOM   434  C CB  . SER A 1 74  ? 0.62183   -1.54740  15.52781  1.000 86.67000  ? 213 SER A CB  1 
ATOM   435  O OG  . SER A 1 74  ? 0.47784   -2.78612  14.84410  1.000 53.54000  ? 213 SER A OG  1 
ATOM   436  N N   . MET A 1 75  ? 1.40131   1.69589   15.18905  1.000 97.69000  ? 214 MET A N   1 
ATOM   437  C CA  . MET A 1 75  ? 1.55729   3.00023   15.81902  1.000 96.88000  ? 214 MET A CA  1 
ATOM   438  C C   . MET A 1 75  ? 0.92010   4.12484   15.01447  1.000 38.88000  ? 214 MET A C   1 
ATOM   439  O O   . MET A 1 75  ? 0.83686   5.25257   15.51158  1.000 50.29000  ? 214 MET A O   1 
ATOM   440  C CB  . MET A 1 75  ? 3.04248   3.30321   16.04363  1.000 116.52000 ? 214 MET A CB  1 
ATOM   441  C CG  . MET A 1 75  ? 3.71039   2.35972   17.03795  1.000 89.87000  ? 214 MET A CG  1 
ATOM   442  S SD  . MET A 1 75  ? 3.03374   2.49569   18.70706  1.000 114.00000 ? 214 MET A SD  1 
ATOM   443  C CE  . MET A 1 75  ? 3.38622   0.86018   19.34965  1.000 91.42000  ? 214 MET A CE  1 
ATOM   444  N N   . ALA A 1 76  ? 0.47477   3.84813   13.78749  1.000 54.57000  ? 215 ALA A N   1 
ATOM   445  C CA  . ALA A 1 76  ? -0.32657  4.82818   13.06294  1.000 76.65000  ? 215 ALA A CA  1 
ATOM   446  C C   . ALA A 1 76  ? -1.73251  4.92456   13.64710  1.000 60.98000  ? 215 ALA A C   1 
ATOM   447  O O   . ALA A 1 76  ? -2.25718  6.02814   13.84431  1.000 35.51000  ? 215 ALA A O   1 
ATOM   448  C CB  . ALA A 1 76  ? -0.38572  4.46357   11.57853  1.000 40.18000  ? 215 ALA A CB  1 
ATOM   449  N N   . ASP A 1 77  ? -2.35575  3.77806   13.93323  1.000 48.88000  ? 216 ASP A N   1 
ATOM   450  C CA  . ASP A 1 77  ? -3.69836  3.72290   14.50164  1.000 54.20000  ? 216 ASP A CA  1 
ATOM   451  C C   . ASP A 1 77  ? -3.71691  2.55574   15.48469  1.000 50.24000  ? 216 ASP A C   1 
ATOM   452  O O   . ASP A 1 77  ? -3.29769  1.43913   15.12412  1.000 51.93000  ? 216 ASP A O   1 
ATOM   453  C CB  . ASP A 1 77  ? -4.77350  3.53868   13.42374  1.000 60.86000  ? 216 ASP A CB  1 
ATOM   454  C CG  . ASP A 1 77  ? -6.18726  3.75157   13.95674  1.000 56.90000  ? 216 ASP A CG  1 
ATOM   455  O OD1 . ASP A 1 77  ? -6.47570  3.32599   15.09249  1.000 53.65000  ? 216 ASP A OD1 1 
ATOM   456  O OD2 . ASP A 1 77  ? -7.01210  4.35189   13.23224  1.000 64.62000  ? 216 ASP A OD2 1 
ATOM   457  N N   . PRO A 1 78  ? -4.17210  2.76427   16.72300  1.000 54.95000  ? 217 PRO A N   1 
ATOM   458  C CA  . PRO A 1 78  ? -4.31463  1.61710   17.63667  1.000 57.19000  ? 217 PRO A CA  1 
ATOM   459  C C   . PRO A 1 78  ? -5.29249  0.57039   17.12931  1.000 57.87000  ? 217 PRO A C   1 
ATOM   460  O O   . PRO A 1 78  ? -5.14803  -0.61330  17.45995  1.000 49.11000  ? 217 PRO A O   1 
ATOM   461  C CB  . PRO A 1 78  ? -4.80110  2.26267   18.94490  1.000 39.70000  ? 217 PRO A CB  1 
ATOM   462  C CG  . PRO A 1 78  ? -4.41311  3.70347   18.83757  1.000 70.01000  ? 217 PRO A CG  1 
ATOM   463  C CD  . PRO A 1 78  ? -4.52143  4.03878   17.37909  1.000 57.93000  ? 217 PRO A CD  1 
ATOM   464  N N   . ASN A 1 79  ? -6.28639  0.97167   16.33406  1.000 44.09000  ? 218 ASN A N   1 
ATOM   465  C CA  . ASN A 1 79  ? -7.27885  0.03668   15.82098  1.000 44.28000  ? 218 ASN A CA  1 
ATOM   466  C C   . ASN A 1 79  ? -6.73918  -0.85553  14.71210  1.000 62.10000  ? 218 ASN A C   1 
ATOM   467  O O   . ASN A 1 79  ? -7.40664  -1.83256  14.35024  1.000 50.33000  ? 218 ASN A O   1 
ATOM   468  C CB  . ASN A 1 79  ? -8.49784  0.80449   15.30684  1.000 50.91000  ? 218 ASN A CB  1 
ATOM   469  C CG  . ASN A 1 79  ? -9.19741  1.57836   16.40009  1.000 53.46000  ? 218 ASN A CG  1 
ATOM   470  O OD1 . ASN A 1 79  ? -9.22405  1.15253   17.55390  1.000 22.94000  ? 218 ASN A OD1 1 
ATOM   471  N ND2 . ASN A 1 79  ? -9.76498  2.72644   16.04665  1.000 66.27000  ? 218 ASN A ND2 1 
ATOM   472  N N   . ILE A 1 80  ? -5.57079  -0.54961  14.16068  1.000 31.93000  ? 219 ILE A N   1 
ATOM   473  C CA  . ILE A 1 80  ? -4.94408  -1.39969  13.15503  1.000 38.47000  ? 219 ILE A CA  1 
ATOM   474  C C   . ILE A 1 80  ? -3.96791  -2.32286  13.87196  1.000 50.63000  ? 219 ILE A C   1 
ATOM   475  O O   . ILE A 1 80  ? -3.01584  -1.86015  14.50939  1.000 64.78000  ? 219 ILE A O   1 
ATOM   476  C CB  . ILE A 1 80  ? -4.23386  -0.56720  12.07646  1.000 41.41000  ? 219 ILE A CB  1 
ATOM   477  C CG1 . ILE A 1 80  ? -5.24142  0.34290   11.36809  1.000 44.19000  ? 219 ILE A CG1 1 
ATOM   478  C CG2 . ILE A 1 80  ? -3.52207  -1.48507  11.07550  1.000 28.13000  ? 219 ILE A CG2 1 
ATOM   479  C CD1 . ILE A 1 80  ? -4.61777  1.26561   10.33039  1.000 63.53000  ? 219 ILE A CD1 1 
ATOM   480  N N   . ARG A 1 81  ? -4.20521  -3.62666  13.77044  1.000 42.30000  ? 220 ARG A N   1 
ATOM   481  C CA  . ARG A 1 81  ? -3.42992  -4.63381  14.47924  1.000 25.76000  ? 220 ARG A CA  1 
ATOM   482  C C   . ARG A 1 81  ? -2.85039  -5.62871  13.48582  1.000 51.31000  ? 220 ARG A C   1 
ATOM   483  O O   . ARG A 1 81  ? -3.48874  -5.96954  12.48517  1.000 54.34000  ? 220 ARG A O   1 
ATOM   484  C CB  . ARG A 1 81  ? -4.30081  -5.36127  15.51102  1.000 45.86000  ? 220 ARG A CB  1 
ATOM   485  C CG  . ARG A 1 81  ? -3.57154  -6.41281  16.33542  1.000 81.03000  ? 220 ARG A CG  1 
ATOM   486  C CD  . ARG A 1 81  ? -4.48224  -6.98307  17.41681  1.000 69.12000  ? 220 ARG A CD  1 
ATOM   487  N NE  . ARG A 1 81  ? -5.66411  -7.62440  16.85182  1.000 82.89000  ? 220 ARG A NE  1 
ATOM   488  C CZ  . ARG A 1 81  ? -6.69633  -8.05738  17.56221  1.000 72.62000  ? 220 ARG A CZ  1 
ATOM   489  N NH1 . ARG A 1 81  ? -6.74596  -7.90532  18.87404  1.000 48.98000  ? 220 ARG A NH1 1 
ATOM   490  N NH2 . ARG A 1 81  ? -7.70698  -8.65871  16.93837  1.000 73.86000  ? 220 ARG A NH2 1 
ATOM   491  N N   . PHE A 1 82  ? -1.63128  -6.08145  13.75959  1.000 62.01000  ? 221 PHE A N   1 
ATOM   492  C CA  . PHE A 1 82  ? -0.99282  -7.08959  12.92600  1.000 69.44000  ? 221 PHE A CA  1 
ATOM   493  C C   . PHE A 1 82  ? -1.48064  -8.48110  13.32194  1.000 44.30000  ? 221 PHE A C   1 
ATOM   494  O O   . PHE A 1 82  ? -1.61232  -8.79534  14.50639  1.000 41.60000  ? 221 PHE A O   1 
ATOM   495  C CB  . PHE A 1 82  ? 0.52971   -6.99789  13.05333  1.000 35.62000  ? 221 PHE A CB  1 
ATOM   496  C CG  . PHE A 1 82  ? 1.26065   -8.06823  12.29966  1.000 28.55000  ? 221 PHE A CG  1 
ATOM   497  C CD1 . PHE A 1 82  ? 1.30754   -8.04843  10.91621  1.000 31.25000  ? 221 PHE A CD1 1 
ATOM   498  C CD2 . PHE A 1 82  ? 1.88753   -9.10241  12.97054  1.000 64.32000  ? 221 PHE A CD2 1 
ATOM   499  C CE1 . PHE A 1 82  ? 1.96876   -9.03895  10.21705  1.000 37.52000  ? 221 PHE A CE1 1 
ATOM   500  C CE2 . PHE A 1 82  ? 2.55076   -10.09474 12.27521  1.000 75.89000  ? 221 PHE A CE2 1 
ATOM   501  C CZ  . PHE A 1 82  ? 2.58879   -10.06351 10.89633  1.000 44.36000  ? 221 PHE A CZ  1 
ATOM   502  N N   . LEU A 1 83  ? -1.75929  -9.31415  12.31810  1.000 28.65000  ? 222 LEU A N   1 
ATOM   503  C CA  . LEU A 1 83  ? -2.24880  -10.66884 12.54559  1.000 53.16000  ? 222 LEU A CA  1 
ATOM   504  C C   . LEU A 1 83  ? -1.23541  -11.73208 12.14172  1.000 55.91000  ? 222 LEU A C   1 
ATOM   505  O O   . LEU A 1 83  ? -0.86786  -12.58484 12.95482  1.000 35.40000  ? 222 LEU A O   1 
ATOM   506  C CB  . LEU A 1 83  ? -3.55944  -10.87814 11.77839  1.000 51.72000  ? 222 LEU A CB  1 
ATOM   507  C CG  . LEU A 1 83  ? -4.13215  -12.29377 11.82390  1.000 46.97000  ? 222 LEU A CG  1 
ATOM   508  C CD1 . LEU A 1 83  ? -4.55869  -12.64249 13.24539  1.000 81.39000  ? 222 LEU A CD1 1 
ATOM   509  C CD2 . LEU A 1 83  ? -5.28882  -12.42198 10.84590  1.000 60.55000  ? 222 LEU A CD2 1 
ATOM   510  N N   . ASP A 1 84  ? -0.79025  -11.71929 10.89025  1.000 47.00000  ? 223 ASP A N   1 
ATOM   511  C CA  . ASP A 1 84  ? 0.16043   -12.70378 10.39413  1.000 62.43000  ? 223 ASP A CA  1 
ATOM   512  C C   . ASP A 1 84  ? 0.58014   -12.26480 8.99997   1.000 55.50000  ? 223 ASP A C   1 
ATOM   513  O O   . ASP A 1 84  ? 0.05715   -11.29287 8.45050   1.000 37.93000  ? 223 ASP A O   1 
ATOM   514  C CB  . ASP A 1 84  ? -0.44041  -14.11550 10.38451  1.000 74.51000  ? 223 ASP A CB  1 
ATOM   515  C CG  . ASP A 1 84  ? 0.61996   -15.20320 10.34642  1.000 102.30000 ? 223 ASP A CG  1 
ATOM   516  O OD1 . ASP A 1 84  ? 1.20421   -15.43734 9.26589   1.000 94.64000  ? 223 ASP A OD1 1 
ATOM   517  O OD2 . ASP A 1 84  ? 0.88398   -15.80958 11.40718  1.000 84.91000  ? 223 ASP A OD2 1 
ATOM   518  N N   . LYS A 1 85  ? 1.53517   -12.98962 8.43644   1.000 52.02000  ? 224 LYS A N   1 
ATOM   519  C CA  . LYS A 1 85  ? 2.05196   -12.69249 7.11175   1.000 43.79000  ? 224 LYS A CA  1 
ATOM   520  C C   . LYS A 1 85  ? 1.41365   -13.61772 6.08481   1.000 38.35000  ? 224 LYS A C   1 
ATOM   521  O O   . LYS A 1 85  ? 0.72154   -14.58218 6.41676   1.000 73.73000  ? 224 LYS A O   1 
ATOM   522  C CB  . LYS A 1 85  ? 3.57589   -12.83606 7.08833   1.000 44.73000  ? 224 LYS A CB  1 
ATOM   523  C CG  . LYS A 1 85  ? 4.29321   -12.09378 8.20779   1.000 33.84000  ? 224 LYS A CG  1 
ATOM   524  C CD  . LYS A 1 85  ? 5.78856   -12.39053 8.19122   1.000 48.03000  ? 224 LYS A CD  1 
ATOM   525  C CE  . LYS A 1 85  ? 6.50776   -11.73910 9.36402   1.000 64.19000  ? 224 LYS A CE  1 
ATOM   526  N NZ  . LYS A 1 85  ? 7.96498   -12.05930 9.37504   1.000 45.82000  ? 224 LYS A NZ  1 
ATOM   527  N N   . LEU A 1 86  ? 1.64693   -13.30537 4.83053   1.000 39.15000  ? 225 LEU A N   1 
ATOM   528  C CA  . LEU A 1 86  ? 1.25544   -14.16393 3.72792   1.000 40.00000  ? 225 LEU A CA  1 
ATOM   529  C C   . LEU A 1 86  ? 2.37313   -15.14011 3.38556   1.000 51.63000  ? 225 LEU A C   1 
ATOM   530  O O   . LEU A 1 86  ? 3.53476   -14.93502 3.75386   1.000 43.83000  ? 225 LEU A O   1 
ATOM   531  C CB  . LEU A 1 86  ? 0.92490   -13.32144 2.50094   1.000 41.13000  ? 225 LEU A CB  1 
ATOM   532  C CG  . LEU A 1 86  ? -0.40842  -12.58217 2.45289   1.000 45.12000  ? 225 LEU A CG  1 
ATOM   533  C CD1 . LEU A 1 86  ? -0.56982  -11.89098 1.10310   1.000 69.78000  ? 225 LEU A CD1 1 
ATOM   534  C CD2 . LEU A 1 86  ? -1.55123  -13.53818 2.69291   1.000 81.96000  ? 225 LEU A CD2 1 
ATOM   535  N N   . PRO A 1 87  ? 2.05489   -16.22975 2.69055   1.000 51.97000  ? 226 PRO A N   1 
ATOM   536  C CA  . PRO A 1 87  ? 3.11914   -17.02986 2.06715   1.000 51.00000  ? 226 PRO A CA  1 
ATOM   537  C C   . PRO A 1 87  ? 3.89426   -16.16918 1.08020   1.000 75.84000  ? 226 PRO A C   1 
ATOM   538  O O   . PRO A 1 87  ? 3.30920   -15.47036 0.25069   1.000 75.29000  ? 226 PRO A O   1 
ATOM   539  C CB  . PRO A 1 87  ? 2.35555   -18.16380 1.37342   1.000 70.37000  ? 226 PRO A CB  1 
ATOM   540  C CG  . PRO A 1 87  ? 0.95621   -17.64074 1.20347   1.000 80.23000  ? 226 PRO A CG  1 
ATOM   541  C CD  . PRO A 1 87  ? 0.71122   -16.75340 2.38975   1.000 62.43000  ? 226 PRO A CD  1 
ATOM   542  N N   . GLN A 1 88  ? 5.22086   -16.23101 1.16976   1.000 77.01000  ? 227 GLN A N   1 
ATOM   543  C CA  . GLN A 1 88  ? 6.06388   -15.29092 0.44631   1.000 55.01000  ? 227 GLN A CA  1 
ATOM   544  C C   . GLN A 1 88  ? 6.02708   -15.57290 -1.05612  1.000 33.56000  ? 227 GLN A C   1 
ATOM   545  O O   . GLN A 1 88  ? 5.37388   -16.50518 -1.53286  1.000 75.01000  ? 227 GLN A O   1 
ATOM   546  C CB  . GLN A 1 88  ? 7.49216   -15.34977 0.98263   1.000 58.11000  ? 227 GLN A CB  1 
ATOM   547  C CG  . GLN A 1 88  ? 7.61679   -14.86907 2.42431   1.000 69.80000  ? 227 GLN A CG  1 
ATOM   548  C CD  . GLN A 1 88  ? 9.03211   -14.96704 2.96156   1.000 66.30000  ? 227 GLN A CD  1 
ATOM   549  O OE1 . GLN A 1 88  ? 9.88236   -15.65735 2.39196   1.000 22.03000  ? 227 GLN A OE1 1 
ATOM   550  N NE2 . GLN A 1 88  ? 9.29401   -14.27315 4.06453   1.000 37.82000  ? 227 GLN A NE2 1 
ATOM   551  N N   . GLN A 1 89  ? 6.72511   -14.73087 -1.81308  1.000 54.09000  ? 228 GLN A N   1 
ATOM   552  C CA  . GLN A 1 89  ? 6.85075   -14.87413 -3.25663  1.000 60.24000  ? 228 GLN A CA  1 
ATOM   553  C C   . GLN A 1 89  ? 8.31953   -14.75258 -3.63154  1.000 32.71000  ? 228 GLN A C   1 
ATOM   554  O O   . GLN A 1 89  ? 9.03472   -13.89745 -3.10188  1.000 45.06000  ? 228 GLN A O   1 
ATOM   555  C CB  . GLN A 1 89  ? 6.01937   -13.82182 -3.99344  1.000 32.02000  ? 228 GLN A CB  1 
ATOM   556  C CG  . GLN A 1 89  ? 6.14703   -13.86408 -5.50118  1.000 12.86000  ? 228 GLN A CG  1 
ATOM   557  C CD  . GLN A 1 89  ? 5.14453   -12.95530 -6.18960  1.000 51.17000  ? 228 GLN A CD  1 
ATOM   558  O OE1 . GLN A 1 89  ? 4.24762   -12.40552 -5.54988  1.000 64.08000  ? 228 GLN A OE1 1 
ATOM   559  N NE2 . GLN A 1 89  ? 5.29221   -12.79285 -7.49891  1.000 44.97000  ? 228 GLN A NE2 1 
ATOM   560  N N   . THR A 1 90  ? 8.76624   -15.61407 -4.54016  1.000 49.96000  ? 229 THR A N   1 
ATOM   561  C CA  . THR A 1 90  ? 10.16812  -15.69165 -4.91358  1.000 24.05000  ? 229 THR A CA  1 
ATOM   562  C C   . THR A 1 90  ? 10.34037  -15.37098 -6.39079  1.000 39.94000  ? 229 THR A C   1 
ATOM   563  O O   . THR A 1 90  ? 9.43778   -15.59494 -7.20524  1.000 57.48000  ? 229 THR A O   1 
ATOM   564  C CB  . THR A 1 90  ? 10.75119  -17.08335 -4.62199  1.000 86.75000  ? 229 THR A CB  1 
ATOM   565  O OG1 . THR A 1 90  ? 10.01301  -18.07737 -5.34518  1.000 71.75000  ? 229 THR A OG1 1 
ATOM   566  C CG2 . THR A 1 90  ? 10.69755  -17.38936 -3.12806  1.000 53.39000  ? 229 THR A CG2 1 
ATOM   567  N N   . GLY A 1 91  ? 11.50743  -14.83195 -6.71654  1.000 59.05000  ? 230 GLY A N   1 
ATOM   568  C CA  . GLY A 1 91  ? 11.86176  -14.57090 -8.09820  1.000 31.37000  ? 230 GLY A CA  1 
ATOM   569  C C   . GLY A 1 91  ? 13.28220  -14.05085 -8.16381  1.000 57.79000  ? 230 GLY A C   1 
ATOM   570  O O   . GLY A 1 91  ? 13.81509  -13.50053 -7.19348  1.000 48.54000  ? 230 GLY A O   1 
ATOM   571  N N   . ASP A 1 92  ? 13.88702  -14.23606 -9.33553  1.000 32.51000  ? 231 ASP A N   1 
ATOM   572  C CA  . ASP A 1 92  ? 15.25714  -13.79974 -9.57882  1.000 50.93000  ? 231 ASP A CA  1 
ATOM   573  C C   . ASP A 1 92  ? 15.21129  -12.41564 -10.21633 1.000 57.44000  ? 231 ASP A C   1 
ATOM   574  O O   . ASP A 1 92  ? 14.78195  -12.26795 -11.36640 1.000 64.60000  ? 231 ASP A O   1 
ATOM   575  C CB  . ASP A 1 92  ? 15.98910  -14.79820 -10.47042 1.000 94.37000  ? 231 ASP A CB  1 
ATOM   576  C CG  . ASP A 1 92  ? 16.00912  -16.19741 -9.88568  1.000 78.55000  ? 231 ASP A CG  1 
ATOM   577  O OD1 . ASP A 1 92  ? 16.03481  -16.32377 -8.63924  1.000 42.41000  ? 231 ASP A OD1 1 
ATOM   578  O OD2 . ASP A 1 92  ? 15.99763  -17.16790 -10.67732 1.000 29.01000  ? 231 ASP A OD2 1 
ATOM   579  N N   . ARG A 1 93  ? 15.65940  -11.40349 -9.47640  1.000 41.78000  ? 232 ARG A N   1 
ATOM   580  C CA  . ARG A 1 93  ? 15.56131  -10.01013 -9.89900  1.000 69.01000  ? 232 ARG A CA  1 
ATOM   581  C C   . ARG A 1 93  ? 16.95480  -9.39913  -9.98850  1.000 65.82000  ? 232 ARG A C   1 
ATOM   582  O O   . ARG A 1 93  ? 17.58666  -9.12482  -8.96120  1.000 36.66000  ? 232 ARG A O   1 
ATOM   583  C CB  . ARG A 1 93  ? 14.68583  -9.21566  -8.92919  1.000 72.63000  ? 232 ARG A CB  1 
ATOM   584  C CG  . ARG A 1 93  ? 13.26465  -9.74291  -8.79165  1.000 38.62000  ? 232 ARG A CG  1 
ATOM   585  C CD  . ARG A 1 93  ? 12.33862  -9.15635  -9.84945  1.000 61.88000  ? 232 ARG A CD  1 
ATOM   586  N NE  . ARG A 1 93  ? 12.08331  -7.73766  -9.62169  1.000 51.71000  ? 232 ARG A NE  1 
ATOM   587  C CZ  . ARG A 1 93  ? 12.56431  -6.75039  -10.36504 1.000 58.86000  ? 232 ARG A CZ  1 
ATOM   588  N NH1 . ARG A 1 93  ? 13.31625  -6.98441  -11.42945 1.000 45.47000  ? 232 ARG A NH1 1 
ATOM   589  N NH2 . ARG A 1 93  ? 12.28166  -5.49409  -10.03255 1.000 59.52000  ? 232 ARG A NH2 1 
ATOM   590  N N   . ALA A 1 94  ? 17.41870  -9.16080  -11.21356 1.000 56.66000  ? 233 ALA A N   1 
ATOM   591  C CA  . ALA A 1 94  ? 18.66040  -8.42793  -11.44632 1.000 31.14000  ? 233 ALA A CA  1 
ATOM   592  C C   . ALA A 1 94  ? 19.85019  -9.10740  -10.77231 1.000 50.69000  ? 233 ALA A C   1 
ATOM   593  O O   . ALA A 1 94  ? 20.73541  -8.44689  -10.22498 1.000 49.90000  ? 233 ALA A O   1 
ATOM   594  C CB  . ALA A 1 94  ? 18.53284  -6.97788  -10.97007 1.000 52.59000  ? 233 ALA A CB  1 
ATOM   595  N N   . GLY A 1 95  ? 19.87131  -10.43969 -10.80854 1.000 39.54000  ? 234 GLY A N   1 
ATOM   596  C CA  . GLY A 1 95  ? 20.97903  -11.21429 -10.29798 1.000 60.42000  ? 234 GLY A CA  1 
ATOM   597  C C   . GLY A 1 95  ? 20.79982  -11.74571 -8.88976  1.000 47.00000  ? 234 GLY A C   1 
ATOM   598  O O   . GLY A 1 95  ? 21.52567  -12.66741 -8.49401  1.000 40.09000  ? 234 GLY A O   1 
ATOM   599  N N   . ILE A 1 96  ? 19.85975  -11.20093 -8.12601  1.000 46.47000  ? 235 ILE A N   1 
ATOM   600  C CA  . ILE A 1 96  ? 19.59840  -11.69062 -6.77573  1.000 38.37000  ? 235 ILE A CA  1 
ATOM   601  C C   . ILE A 1 96  ? 18.74456  -12.94864 -6.86787  1.000 61.26000  ? 235 ILE A C   1 
ATOM   602  O O   . ILE A 1 96  ? 17.63989  -12.92246 -7.41935  1.000 68.92000  ? 235 ILE A O   1 
ATOM   603  C CB  . ILE A 1 96  ? 18.90804  -10.61876 -5.92029  1.000 27.89000  ? 235 ILE A CB  1 
ATOM   604  C CG1 . ILE A 1 96  ? 19.81394  -9.39316  -5.79776  1.000 55.96000  ? 235 ILE A CG1 1 
ATOM   605  C CG2 . ILE A 1 96  ? 18.55470  -11.18815 -4.55492  1.000 45.46000  ? 235 ILE A CG2 1 
ATOM   606  C CD1 . ILE A 1 96  ? 19.23781  -8.27459  -4.96170  1.000 31.81000  ? 235 ILE A CD1 1 
ATOM   607  N N   . LYS A 1 97  ? 19.24994  -14.05051 -6.31995  1.000 55.88000  ? 236 LYS A N   1 
ATOM   608  C CA  . LYS A 1 97  ? 18.51053  -15.30322 -6.33960  1.000 68.16000  ? 236 LYS A CA  1 
ATOM   609  C C   . LYS A 1 97  ? 17.39744  -15.25228 -5.30248  1.000 45.09000  ? 236 LYS A C   1 
ATOM   610  O O   . LYS A 1 97  ? 17.62720  -14.87861 -4.14755  1.000 31.38000  ? 236 LYS A O   1 
ATOM   611  C CB  . LYS A 1 97  ? 19.43867  -16.48940 -6.07557  1.000 62.48000  ? 236 LYS A CB  1 
ATOM   612  C CG  . LYS A 1 97  ? 19.77683  -17.30559 -7.32677  1.000 72.32000  ? 236 LYS A CG  1 
ATOM   613  C CD  . LYS A 1 97  ? 20.35328  -16.42502 -8.43308  1.000 78.92000  ? 236 LYS A CD  1 
ATOM   614  C CE  . LYS A 1 97  ? 20.67744  -17.22298 -9.68607  1.000 47.93000  ? 236 LYS A CE  1 
ATOM   615  N NZ  . LYS A 1 97  ? 21.16874  -16.33644 -10.77811 1.000 83.17000  ? 236 LYS A NZ  1 
ATOM   616  N N   . ASP A 1 98  ? 16.18740  -15.60175 -5.72791  1.000 90.81000  ? 237 ASP A N   1 
ATOM   617  C CA  . ASP A 1 98  ? 15.03256  -15.72580 -4.84705  1.000 72.79000  ? 237 ASP A CA  1 
ATOM   618  C C   . ASP A 1 98  ? 14.85823  -14.47896 -3.98135  1.000 49.18000  ? 237 ASP A C   1 
ATOM   619  O O   . ASP A 1 98  ? 14.84088  -14.53816 -2.75107  1.000 26.64000  ? 237 ASP A O   1 
ATOM   620  C CB  . ASP A 1 98  ? 15.15731  -16.97869 -3.97285  1.000 33.14000  ? 237 ASP A CB  1 
ATOM   621  C CG  . ASP A 1 98  ? 15.48100  -18.22079 -4.78135  1.000 47.52000  ? 237 ASP A CG  1 
ATOM   622  O OD1 . ASP A 1 98  ? 15.10460  -18.27769 -5.97164  1.000 48.26000  ? 237 ASP A OD1 1 
ATOM   623  O OD2 . ASP A 1 98  ? 16.11726  -19.14014 -4.22711  1.000 65.89000  ? 237 ASP A OD2 1 
ATOM   624  N N   . ARG A 1 99  ? 14.74531  -13.33418 -4.65397  1.000 29.89000  ? 238 ARG A N   1 
ATOM   625  C CA  . ARG A 1 99  ? 14.39046  -12.10501 -3.95603  1.000 52.01000  ? 238 ARG A CA  1 
ATOM   626  C C   . ARG A 1 99  ? 12.99447  -12.25587 -3.36384  1.000 38.02000  ? 238 ARG A C   1 
ATOM   627  O O   . ARG A 1 99  ? 12.07206  -12.73585 -4.02948  1.000 40.75000  ? 238 ARG A O   1 
ATOM   628  C CB  . ARG A 1 99  ? 14.45156  -10.90883 -4.90396  1.000 42.03000  ? 238 ARG A CB  1 
ATOM   629  C CG  . ARG A 1 99  ? 14.10504  -9.58059  -4.24154  1.000 61.37000  ? 238 ARG A CG  1 
ATOM   630  C CD  . ARG A 1 99  ? 14.30691  -8.40655  -5.18635  1.000 49.17000  ? 238 ARG A CD  1 
ATOM   631  N NE  . ARG A 1 99  ? 13.79450  -7.16116  -4.62723  1.000 36.58000  ? 238 ARG A NE  1 
ATOM   632  C CZ  . ARG A 1 99  ? 13.78120  -6.00237  -5.27213  1.000 49.39000  ? 238 ARG A CZ  1 
ATOM   633  N NH1 . ARG A 1 99  ? 14.27947  -5.88396  -6.49242  1.000 53.46000  ? 238 ARG A NH1 1 
ATOM   634  N NH2 . ARG A 1 99  ? 13.24774  -4.93663  -4.68030  1.000 39.22000  ? 238 ARG A NH2 1 
ATOM   635  N N   . VAL A 1 100 ? 12.84080  -11.84435 -2.11045  1.000 39.14000  ? 239 VAL A N   1 
ATOM   636  C CA  . VAL A 1 100 ? 11.65304  -12.14597 -1.32331  1.000 56.70000  ? 239 VAL A CA  1 
ATOM   637  C C   . VAL A 1 100 ? 10.69832  -10.95925 -1.36474  1.000 52.03000  ? 239 VAL A C   1 
ATOM   638  O O   . VAL A 1 100 ? 11.05477  -9.84615  -0.95843  1.000 26.42000  ? 239 VAL A O   1 
ATOM   639  C CB  . VAL A 1 100 ? 12.02550  -12.49425 0.12852   1.000 50.07000  ? 239 VAL A CB  1 
ATOM   640  C CG1 . VAL A 1 100 ? 10.77487  -12.78376 0.94222   1.000 78.31000  ? 239 VAL A CG1 1 
ATOM   641  C CG2 . VAL A 1 100 ? 12.98523  -13.67232 0.16068   1.000 41.22000  ? 239 VAL A CG2 1 
ATOM   642  N N   . TYR A 1 101 ? 9.47410   -11.21002 -1.83228  1.000 37.91000  ? 240 TYR A N   1 
ATOM   643  C CA  . TYR A 1 101 ? 8.36652   -10.26278 -1.75483  1.000 28.48000  ? 240 TYR A CA  1 
ATOM   644  C C   . TYR A 1 101 ? 7.40753   -10.77498 -0.68251  1.000 49.20000  ? 240 TYR A C   1 
ATOM   645  O O   . TYR A 1 101 ? 6.80522   -11.84380 -0.83841  1.000 45.12000  ? 240 TYR A O   1 
ATOM   646  C CB  . TYR A 1 101 ? 7.66605   -10.11959 -3.10617  1.000 35.32000  ? 240 TYR A CB  1 
ATOM   647  C CG  . TYR A 1 101 ? 8.54737   -9.54632  -4.19363  1.000 32.35000  ? 240 TYR A CG  1 
ATOM   648  C CD1 . TYR A 1 101 ? 8.69699   -8.17527  -4.34189  1.000 25.28000  ? 240 TYR A CD1 1 
ATOM   649  C CD2 . TYR A 1 101 ? 9.23253   -10.37632 -5.07076  1.000 76.60000  ? 240 TYR A CD2 1 
ATOM   650  C CE1 . TYR A 1 101 ? 9.51065   -7.64428  -5.32877  1.000 53.98000  ? 240 TYR A CE1 1 
ATOM   651  C CE2 . TYR A 1 101 ? 10.04644  -9.85523  -6.06479  1.000 53.28000  ? 240 TYR A CE2 1 
ATOM   652  C CZ  . TYR A 1 101 ? 10.18061  -8.49091  -6.18876  1.000 42.17000  ? 240 TYR A CZ  1 
ATOM   653  O OH  . TYR A 1 101 ? 10.98770  -7.97498  -7.17588  1.000 65.59000  ? 240 TYR A OH  1 
ATOM   654  N N   . SER A 1 102 ? 7.27486   -10.02044 0.40552   1.000 33.48000  ? 241 SER A N   1 
ATOM   655  C CA  . SER A 1 102 ? 6.44636   -10.40836 1.53734   1.000 34.18000  ? 241 SER A CA  1 
ATOM   656  C C   . SER A 1 102 ? 5.38605   -9.34649  1.79506   1.000 57.37000  ? 241 SER A C   1 
ATOM   657  O O   . SER A 1 102 ? 5.54005   -8.17527  1.43313   1.000 29.93000  ? 241 SER A O   1 
ATOM   658  C CB  . SER A 1 102 ? 7.29014   -10.61324 2.80420   1.000 55.79000  ? 241 SER A CB  1 
ATOM   659  O OG  . SER A 1 102 ? 6.46718   -10.79441 3.94488   1.000 64.49000  ? 241 SER A OG  1 
ATOM   660  N N   . ASN A 1 103 ? 4.29866   -9.77034  2.43387   1.000 44.48000  ? 242 ASN A N   1 
ATOM   661  C CA  . ASN A 1 103 ? 3.20477   -8.87304  2.76621   1.000 37.74000  ? 242 ASN A CA  1 
ATOM   662  C C   . ASN A 1 103 ? 2.62552   -9.25321  4.11993   1.000 45.33000  ? 242 ASN A C   1 
ATOM   663  O O   . ASN A 1 103 ? 2.72073   -10.39958 4.56043   1.000 49.94000  ? 242 ASN A O   1 
ATOM   664  C CB  . ASN A 1 103 ? 2.11909   -8.91011  1.69401   1.000 27.20000  ? 242 ASN A CB  1 
ATOM   665  C CG  . ASN A 1 103 ? 2.63529   -8.48649  0.33915   1.000 48.07000  ? 242 ASN A CG  1 
ATOM   666  O OD1 . ASN A 1 103 ? 3.06945   -9.31505  -0.46326  1.000 32.93000  ? 242 ASN A OD1 1 
ATOM   667  N ND2 . ASN A 1 103 ? 2.59577   -7.18523  0.07596   1.000 46.08000  ? 242 ASN A ND2 1 
ATOM   668  N N   . SER A 1 104 ? 2.00772   -8.26884  4.77139   1.000 34.32000  ? 243 SER A N   1 
ATOM   669  C CA  . SER A 1 104 ? 1.48410   -8.41743  6.12083   1.000 47.44000  ? 243 SER A CA  1 
ATOM   670  C C   . SER A 1 104 ? -0.03360  -8.28986  6.11933   1.000 54.03000  ? 243 SER A C   1 
ATOM   671  O O   . SER A 1 104 ? -0.59684  -7.46463  5.39324   1.000 43.16000  ? 243 SER A O   1 
ATOM   672  C CB  . SER A 1 104 ? 2.09310   -7.36804  7.05880   1.000 60.34000  ? 243 SER A CB  1 
ATOM   673  O OG  . SER A 1 104 ? 3.49230   -7.55073  7.19180   1.000 59.17000  ? 243 SER A OG  1 
ATOM   674  N N   . ILE A 1 105 ? -0.69019  -9.11469  6.93332   1.000 37.96000  ? 244 ILE A N   1 
ATOM   675  C CA  . ILE A 1 105 ? -2.14036  -9.08397  7.09812   1.000 69.70000  ? 244 ILE A CA  1 
ATOM   676  C C   . ILE A 1 105 ? -2.46005  -8.31449  8.37083   1.000 71.53000  ? 244 ILE A C   1 
ATOM   677  O O   . ILE A 1 105 ? -1.89385  -8.59476  9.43593   1.000 34.30000  ? 244 ILE A O   1 
ATOM   678  C CB  . ILE A 1 105 ? -2.73134  -10.50345 7.15613   1.000 57.93000  ? 244 ILE A CB  1 
ATOM   679  C CG1 . ILE A 1 105 ? -2.58632  -11.19598 5.80179   1.000 50.20000  ? 244 ILE A CG1 1 
ATOM   680  C CG2 . ILE A 1 105 ? -4.19464  -10.45437 7.58610   1.000 70.56000  ? 244 ILE A CG2 1 
ATOM   681  C CD1 . ILE A 1 105 ? -3.12825  -12.61106 5.77938   1.000 97.82000  ? 244 ILE A CD1 1 
ATOM   682  N N   . TYR A 1 106 ? -3.37919  -7.35900  8.26960   1.000 34.43000  ? 245 TYR A N   1 
ATOM   683  C CA  . TYR A 1 106 ? -3.75135  -6.50985  9.39081   1.000 58.08000  ? 245 TYR A CA  1 
ATOM   684  C C   . TYR A 1 106 ? -5.24355  -6.62288  9.66772   1.000 52.22000  ? 245 TYR A C   1 
ATOM   685  O O   . TYR A 1 106 ? -6.05354  -6.75194  8.74345   1.000 31.15000  ? 245 TYR A O   1 
ATOM   686  C CB  . TYR A 1 106 ? -3.37704  -5.05028  9.11835   1.000 58.98000  ? 245 TYR A CB  1 
ATOM   687  C CG  . TYR A 1 106 ? -1.91205  -4.74425  9.32527   1.000 54.07000  ? 245 TYR A CG  1 
ATOM   688  C CD1 . TYR A 1 106 ? -0.99987  -4.87049  8.28647   1.000 31.34000  ? 245 TYR A CD1 1 
ATOM   689  C CD2 . TYR A 1 106 ? -1.44142  -4.32848  10.56344  1.000 62.10000  ? 245 TYR A CD2 1 
ATOM   690  C CE1 . TYR A 1 106 ? 0.34132   -4.58912  8.47522   1.000 41.48000  ? 245 TYR A CE1 1 
ATOM   691  C CE2 . TYR A 1 106 ? -0.10497  -4.04464  10.76368  1.000 57.65000  ? 245 TYR A CE2 1 
ATOM   692  C CZ  . TYR A 1 106 ? 0.78193   -4.17403  9.71505   1.000 60.70000  ? 245 TYR A CZ  1 
ATOM   693  O OH  . TYR A 1 106 ? 2.11661   -3.89081  9.91149   1.000 67.71000  ? 245 TYR A OH  1 
ATOM   694  N N   . GLU A 1 107 ? -5.59743  -6.58230  10.94740  1.000 29.54000  ? 246 GLU A N   1 
ATOM   695  C CA  . GLU A 1 107 ? -6.98400  -6.57799  11.39104  1.000 30.77000  ? 246 GLU A CA  1 
ATOM   696  C C   . GLU A 1 107 ? -7.35219  -5.17674  11.85255  1.000 62.85000  ? 246 GLU A C   1 
ATOM   697  O O   . GLU A 1 107 ? -6.61609  -4.56008  12.63219  1.000 49.45000  ? 246 GLU A O   1 
ATOM   698  C CB  . GLU A 1 107 ? -7.20195  -7.58284  12.52141  1.000 37.28000  ? 246 GLU A CB  1 
ATOM   699  C CG  . GLU A 1 107 ? -7.01108  -9.02935  12.10720  1.000 77.39000  ? 246 GLU A CG  1 
ATOM   700  C CD  . GLU A 1 107 ? -7.32217  -9.99354  13.23167  1.000 93.02000  ? 246 GLU A CD  1 
ATOM   701  O OE1 . GLU A 1 107 ? -7.25941  -9.57399  14.40718  1.000 71.02000  ? 246 GLU A OE1 1 
ATOM   702  O OE2 . GLU A 1 107 ? -7.63784  -11.16615 12.93901  1.000 88.51000  ? 246 GLU A OE2 1 
ATOM   703  N N   . LEU A 1 108 ? -8.48102  -4.67176  11.36785  1.000 44.88000  ? 247 LEU A N   1 
ATOM   704  C CA  . LEU A 1 108 ? -8.95652  -3.34151  11.72114  1.000 48.36000  ? 247 LEU A CA  1 
ATOM   705  C C   . LEU A 1 108 ? -10.09665 -3.46742  12.72026  1.000 53.47000  ? 247 LEU A C   1 
ATOM   706  O O   . LEU A 1 108 ? -10.99906 -4.29092  12.53730  1.000 47.21000  ? 247 LEU A O   1 
ATOM   707  C CB  . LEU A 1 108 ? -9.40903  -2.58222  10.47380  1.000 43.54000  ? 247 LEU A CB  1 
ATOM   708  C CG  . LEU A 1 108 ? -8.30908  -2.30975  9.44427   1.000 64.86000  ? 247 LEU A CG  1 
ATOM   709  C CD1 . LEU A 1 108 ? -8.25033  -3.41324  8.39319   1.000 48.59000  ? 247 LEU A CD1 1 
ATOM   710  C CD2 . LEU A 1 108 ? -8.50013  -0.94185  8.79287   1.000 82.24000  ? 247 LEU A CD2 1 
ATOM   711  N N   . LEU A 1 109 ? -10.05564 -2.65475  13.77340  1.000 31.41000  ? 248 LEU A N   1 
ATOM   712  C CA  . LEU A 1 109 ? -10.99647 -2.78051  14.87566  1.000 52.32000  ? 248 LEU A CA  1 
ATOM   713  C C   . LEU A 1 109 ? -11.90017 -1.55821  14.99251  1.000 51.92000  ? 248 LEU A C   1 
ATOM   714  O O   . LEU A 1 109 ? -11.52237 -0.43941  14.63259  1.000 45.16000  ? 248 LEU A O   1 
ATOM   715  C CB  . LEU A 1 109 ? -10.25967 -2.99074  16.20160  1.000 62.61000  ? 248 LEU A CB  1 
ATOM   716  C CG  . LEU A 1 109 ? -9.77292  -4.41320  16.48011  1.000 46.37000  ? 248 LEU A CG  1 
ATOM   717  C CD1 . LEU A 1 109 ? -8.47156  -4.68568  15.75478  1.000 65.60000  ? 248 LEU A CD1 1 
ATOM   718  C CD2 . LEU A 1 109 ? -9.62542  -4.64056  17.98004  1.000 65.84000  ? 248 LEU A CD2 1 
ATOM   719  N N   . GLU A 1 110 ? -13.11013 -1.80326  15.49582  1.000 49.20000  ? 249 GLU A N   1 
ATOM   720  C CA  . GLU A 1 110 ? -14.07555 -0.75469  15.81189  1.000 39.96000  ? 249 GLU A CA  1 
ATOM   721  C C   . GLU A 1 110 ? -14.68508 -1.05548  17.17119  1.000 35.43000  ? 249 GLU A C   1 
ATOM   722  O O   . GLU A 1 110 ? -15.36258 -2.07542  17.33432  1.000 44.34000  ? 249 GLU A O   1 
ATOM   723  C CB  . GLU A 1 110 ? -15.17828 -0.66657  14.75439  1.000 52.05000  ? 249 GLU A CB  1 
ATOM   724  C CG  . GLU A 1 110 ? -14.88553 0.29609   13.62817  1.000 69.83000  ? 249 GLU A CG  1 
ATOM   725  C CD  . GLU A 1 110 ? -16.09444 0.54225   12.75120  1.000 63.70000  ? 249 GLU A CD  1 
ATOM   726  O OE1 . GLU A 1 110 ? -17.14040 -0.10275  12.98358  1.000 52.87000  ? 249 GLU A OE1 1 
ATOM   727  O OE2 . GLU A 1 110 ? -15.99295 1.38170   11.83271  1.000 47.96000  ? 249 GLU A OE2 1 
ATOM   728  N N   . ASN A 1 111 ? -14.45619 -0.17012  18.13791  1.000 33.77000  ? 250 ASN A N   1 
ATOM   729  C CA  . ASN A 1 111 ? -15.01720 -0.32147  19.48018  1.000 42.13000  ? 250 ASN A CA  1 
ATOM   730  C C   . ASN A 1 111 ? -14.70005 -1.70027  20.05216  1.000 36.89000  ? 250 ASN A C   1 
ATOM   731  O O   . ASN A 1 111 ? -15.55201 -2.36293  20.64943  1.000 58.34000  ? 250 ASN A O   1 
ATOM   732  C CB  . ASN A 1 111 ? -16.52978 -0.07849  19.47135  1.000 51.64000  ? 250 ASN A CB  1 
ATOM   733  C CG  . ASN A 1 111 ? -16.90573 1.27019   18.88561  1.000 38.23000  ? 250 ASN A CG  1 
ATOM   734  O OD1 . ASN A 1 111 ? -16.09122 1.93261   18.24478  1.000 62.91000  ? 250 ASN A OD1 1 
ATOM   735  N ND2 . ASN A 1 111 ? -18.14919 1.67774   19.09709  1.000 76.69000  ? 250 ASN A ND2 1 
ATOM   736  N N   . GLY A 1 112 ? -13.46021 -2.14254  19.85572  1.000 42.74000  ? 251 GLY A N   1 
ATOM   737  C CA  . GLY A 1 112 ? -13.03704 -3.43287  20.35818  1.000 64.90000  ? 251 GLY A CA  1 
ATOM   738  C C   . GLY A 1 112 ? -13.55036 -4.62177  19.58082  1.000 64.83000  ? 251 GLY A C   1 
ATOM   739  O O   . GLY A 1 112 ? -13.50766 -5.74343  20.09143  1.000 44.07000  ? 251 GLY A O   1 
ATOM   740  N N   . GLN A 1 113 ? -14.01669 -4.40804  18.35761  1.000 40.62000  ? 252 GLN A N   1 
ATOM   741  C CA  . GLN A 1 113 ? -14.57323 -5.48512  17.51290  1.000 50.43000  ? 252 GLN A CA  1 
ATOM   742  C C   . GLN A 1 113 ? -13.65536 -5.65740  16.31626  1.000 51.47000  ? 252 GLN A C   1 
ATOM   743  O O   . GLN A 1 113 ? -12.92662 -4.73209  16.03899  1.000 36.91000  ? 252 GLN A O   1 
ATOM   744  C CB  . GLN A 1 113 ? -15.99064 -5.13060  17.08430  1.000 49.30000  ? 252 GLN A CB  1 
ATOM   745  C CG  . GLN A 1 113 ? -16.88184 -4.66380  18.22027  1.000 60.00000  ? 252 GLN A CG  1 
ATOM   746  C CD  . GLN A 1 113 ? -17.20328 -5.77802  19.17926  1.000 30.24000  ? 252 GLN A CD  1 
ATOM   747  O OE1 . GLN A 1 113 ? -17.01153 -6.95316  18.88773  1.000 52.36000  ? 252 GLN A OE1 1 
ATOM   748  N NE2 . GLN A 1 113 ? -17.69777 -5.40557  20.34528  1.000 87.40000  ? 252 GLN A NE2 1 
ATOM   749  N N   . ARG A 1 114 ? -13.65900 -6.82305  15.68101  1.000 50.47000  ? 253 ARG A N   1 
ATOM   750  C CA  . ARG A 1 114 ? -12.86323 -7.06464  14.45836  1.000 36.67000  ? 253 ARG A CA  1 
ATOM   751  C C   . ARG A 1 114 ? -13.77043 -6.73996  13.28056  1.000 43.09000  ? 253 ARG A C   1 
ATOM   752  O O   . ARG A 1 114 ? -14.62795 -7.56850  12.97733  1.000 50.05000  ? 253 ARG A O   1 
ATOM   753  C CB  . ARG A 1 114 ? -12.29797 -8.48266  14.46418  1.000 53.76000  ? 253 ARG A CB  1 
ATOM   754  C CG  . ARG A 1 114 ? -10.84980 -8.55165  14.92180  1.000 69.64000  ? 253 ARG A CG  1 
ATOM   755  C CD  . ARG A 1 114 ? -10.48349 -9.91020  15.48264  1.000 80.36000  ? 253 ARG A CD  1 
ATOM   756  N NE  . ARG A 1 114 ? -11.38292 -10.95521 15.02221  1.000 38.09000  ? 253 ARG A NE  1 
ATOM   757  C CZ  . ARG A 1 114 ? -11.45645 -11.40407 13.77591  1.000 69.40000  ? 253 ARG A CZ  1 
ATOM   758  N NH1 . ARG A 1 114 ? -10.67465 -10.91506 12.82807  1.000 60.83000  ? 253 ARG A NH1 1 
ATOM   759  N NH2 . ARG A 1 114 ? -12.32163 -12.35324 13.47679  1.000 70.35000  ? 253 ARG A NH2 1 
ATOM   760  N N   . ALA A 1 115 ? -13.57328 -5.59388  12.64463  1.000 26.78000  ? 254 ALA A N   1 
ATOM   761  C CA  . ALA A 1 115 ? -14.39739 -5.08112  11.54953  1.000 51.60000  ? 254 ALA A CA  1 
ATOM   762  C C   . ALA A 1 115 ? -13.94632 -5.56150  10.17382  1.000 59.91000  ? 254 ALA A C   1 
ATOM   763  O O   . ALA A 1 115 ? -14.57466 -5.20055  9.17138   1.000 45.74000  ? 254 ALA A O   1 
ATOM   764  C CB  . ALA A 1 115 ? -14.38535 -3.54432  11.57405  1.000 71.30000  ? 254 ALA A CB  1 
ATOM   765  N N   . GLY A 1 116 ? -12.88542 -6.34818  10.09869  1.000 68.33000  ? 255 GLY A N   1 
ATOM   766  C CA  . GLY A 1 116 ? -12.43021 -6.87434  8.82821   1.000 59.49000  ? 255 GLY A CA  1 
ATOM   767  C C   . GLY A 1 116 ? -10.99254 -7.32484  8.90876   1.000 35.52000  ? 255 GLY A C   1 
ATOM   768  O O   . GLY A 1 116 ? -10.28090 -7.06077  9.87824   1.000 28.58000  ? 255 GLY A O   1 
ATOM   769  N N   . THR A 1 117 ? -10.57209 -8.02461  7.85468   1.000 85.01000  ? 256 THR A N   1 
ATOM   770  C CA  . THR A 1 117 ? -9.21205  -8.53639  7.74257   1.000 58.16000  ? 256 THR A CA  1 
ATOM   771  C C   . THR A 1 117 ? -8.76778  -8.42828  6.29238   1.000 68.57000  ? 256 THR A C   1 
ATOM   772  O O   . THR A 1 117 ? -9.49165  -8.85683  5.38683   1.000 56.28000  ? 256 THR A O   1 
ATOM   773  C CB  . THR A 1 117 ? -9.12415  -9.99151  8.21560   1.000 59.57000  ? 256 THR A CB  1 
ATOM   774  O OG1 . THR A 1 117 ? -9.66594  -10.10451 9.53708   1.000 46.57000  ? 256 THR A OG1 1 
ATOM   775  C CG2 . THR A 1 117 ? -7.67929  -10.45789 8.22926   1.000 90.55000  ? 256 THR A CG2 1 
ATOM   776  N N   . CYS A 1 118 ? -7.58622  -7.85099  6.07649   1.000 66.45000  ? 257 CYS A N   1 
ATOM   777  C CA  . CYS A 1 118 ? -7.04593  -7.68580  4.73364   1.000 58.70000  ? 257 CYS A CA  1 
ATOM   778  C C   . CYS A 1 118 ? -5.55051  -7.42244  4.82245   1.000 44.39000  ? 257 CYS A C   1 
ATOM   779  O O   . CYS A 1 118 ? -5.01932  -7.10619  5.88992   1.000 27.02000  ? 257 CYS A O   1 
ATOM   780  C CB  . CYS A 1 118 ? -7.73366  -6.53719  3.98948   1.000 53.70000  ? 257 CYS A CB  1 
ATOM   781  S SG  . CYS A 1 118 ? -7.44383  -4.92212  4.73736   1.000 52.38000  ? 257 CYS A SG  1 
ATOM   782  N N   . VAL A 1 119 ? -4.87978  -7.55366  3.67983   1.000 56.76000  ? 258 VAL A N   1 
ATOM   783  C CA  . VAL A 1 119 ? -3.47132  -7.18137  3.57624   1.000 58.35000  ? 258 VAL A CA  1 
ATOM   784  C C   . VAL A 1 119 ? -3.37754  -5.67375  3.38259   1.000 32.43000  ? 258 VAL A C   1 
ATOM   785  O O   . VAL A 1 119 ? -3.97073  -5.11302  2.45288   1.000 53.21000  ? 258 VAL A O   1 
ATOM   786  C CB  . VAL A 1 119 ? -2.78454  -7.93046  2.42359   1.000 40.98000  ? 258 VAL A CB  1 
ATOM   787  C CG1 . VAL A 1 119 ? -2.76131  -9.42710  2.69652   1.000 72.00000  ? 258 VAL A CG1 1 
ATOM   788  C CG2 . VAL A 1 119 ? -3.46913  -7.62935  1.09938   1.000 64.29000  ? 258 VAL A CG2 1 
ATOM   789  N N   . LEU A 1 120 ? -2.61525  -5.01368  4.25086   1.000 57.63000  ? 259 LEU A N   1 
ATOM   790  C CA  . LEU A 1 120 ? -2.57838  -3.55922  4.32115   1.000 46.98000  ? 259 LEU A CA  1 
ATOM   791  C C   . LEU A 1 120 ? -1.13612  -3.09453  4.41089   1.000 42.43000  ? 259 LEU A C   1 
ATOM   792  O O   . LEU A 1 120 ? -0.37514  -3.58306  5.25148   1.000 52.42000  ? 259 LEU A O   1 
ATOM   793  C CB  . LEU A 1 120 ? -3.37872  -3.06618  5.53153   1.000 48.14000  ? 259 LEU A CB  1 
ATOM   794  C CG  . LEU A 1 120 ? -3.56141  -1.55960  5.69455   1.000 44.93000  ? 259 LEU A CG  1 
ATOM   795  C CD1 . LEU A 1 120 ? -4.20172  -0.95457  4.45834   1.000 77.31000  ? 259 LEU A CD1 1 
ATOM   796  C CD2 . LEU A 1 120 ? -4.40353  -1.27720  6.92900   1.000 57.79000  ? 259 LEU A CD2 1 
ATOM   797  N N   . GLU A 1 121 ? -0.76225  -2.15001  3.54877   1.000 61.78000  ? 260 GLU A N   1 
ATOM   798  C CA  . GLU A 1 121 ? 0.59303   -1.62102  3.54650   1.000 28.98000  ? 260 GLU A CA  1 
ATOM   799  C C   . GLU A 1 121 ? 0.59440   -0.21247  2.97395   1.000 40.46000  ? 260 GLU A C   1 
ATOM   800  O O   . GLU A 1 121 ? -0.20552  0.12220   2.09602   1.000 38.87000  ? 260 GLU A O   1 
ATOM   801  C CB  . GLU A 1 121 ? 1.54338   -2.51203  2.73613   1.000 30.57000  ? 260 GLU A CB  1 
ATOM   802  C CG  . GLU A 1 121 ? 1.22104   -2.56684  1.25204   1.000 40.79000  ? 260 GLU A CG  1 
ATOM   803  C CD  . GLU A 1 121 ? 2.14014   -3.49647  0.48223   1.000 43.20000  ? 260 GLU A CD  1 
ATOM   804  O OE1 . GLU A 1 121 ? 2.30222   -4.66480  0.89594   1.000 27.05000  ? 260 GLU A OE1 1 
ATOM   805  O OE2 . GLU A 1 121 ? 2.70157   -3.05470  -0.54041  1.000 33.53000  ? 260 GLU A OE2 1 
ATOM   806  N N   . TYR A 1 122 ? 1.50831   0.60954   3.48094   1.000 47.28000  ? 261 TYR A N   1 
ATOM   807  C CA  . TYR A 1 122 ? 1.73799   1.92259   2.90653   1.000 30.43000  ? 261 TYR A CA  1 
ATOM   808  C C   . TYR A 1 122 ? 2.44982   1.78433   1.56035   1.000 31.16000  ? 261 TYR A C   1 
ATOM   809  O O   . TYR A 1 122 ? 2.98610   0.72813   1.20938   1.000 57.53000  ? 261 TYR A O   1 
ATOM   810  C CB  . TYR A 1 122 ? 2.57847   2.78531   3.84762   1.000 36.24000  ? 261 TYR A CB  1 
ATOM   811  C CG  . TYR A 1 122 ? 1.80867   3.49759   4.93685   1.000 14.74000  ? 261 TYR A CG  1 
ATOM   812  C CD1 . TYR A 1 122 ? 1.08917   4.65217   4.65791   1.000 26.59000  ? 261 TYR A CD1 1 
ATOM   813  C CD2 . TYR A 1 122 ? 1.82565   3.03797   6.24549   1.000 23.08000  ? 261 TYR A CD2 1 
ATOM   814  C CE1 . TYR A 1 122 ? 0.39177   5.31773   5.64678   1.000 67.85000  ? 261 TYR A CE1 1 
ATOM   815  C CE2 . TYR A 1 122 ? 1.12899   3.69757   7.24655   1.000 44.19000  ? 261 TYR A CE2 1 
ATOM   816  C CZ  . TYR A 1 122 ? 0.41261   4.84114   6.94016   1.000 79.92000  ? 261 TYR A CZ  1 
ATOM   817  O OH  . TYR A 1 122 ? -0.28375  5.51497   7.92349   1.000 35.39000  ? 261 TYR A OH  1 
ATOM   818  N N   . ALA A 1 123 ? 2.45037   2.87119   0.79569   1.000 47.94000  ? 262 ALA A N   1 
ATOM   819  C CA  . ALA A 1 123 ? 3.21448   2.95000   -0.44470  1.000 50.02000  ? 262 ALA A CA  1 
ATOM   820  C C   . ALA A 1 123 ? 4.61063   3.46838   -0.11190  1.000 30.70000  ? 262 ALA A C   1 
ATOM   821  O O   . ALA A 1 123 ? 4.78144   4.64110   0.23834   1.000 31.45000  ? 262 ALA A O   1 
ATOM   822  C CB  . ALA A 1 123 ? 2.51667   3.85200   -1.45822  1.000 43.98000  ? 262 ALA A CB  1 
ATOM   823  N N   . THR A 1 124 ? 5.60774   2.59820   -0.23452  1.000 50.86000  ? 263 THR A N   1 
ATOM   824  C CA  . THR A 1 124 ? 6.95024   2.95478   0.21088   1.000 37.13000  ? 263 THR A CA  1 
ATOM   825  C C   . THR A 1 124 ? 7.47198   4.22669   -0.44646  1.000 40.15000  ? 263 THR A C   1 
ATOM   826  O O   . THR A 1 124 ? 8.05094   5.06149   0.27098   1.000 82.92000  ? 263 THR A O   1 
ATOM   827  C CB  . THR A 1 124 ? 7.90062   1.77309   -0.03649  1.000 51.27000  ? 263 THR A CB  1 
ATOM   828  O OG1 . THR A 1 124 ? 7.23500   0.54249   0.29135   1.000 45.34000  ? 263 THR A OG1 1 
ATOM   829  C CG2 . THR A 1 124 ? 9.15438   1.89473   0.81755   1.000 27.71000  ? 263 THR A CG2 1 
ATOM   830  N N   . PRO A 1 125 ? 7.29477   4.45933   -1.75202  1.000 36.95000  ? 264 PRO A N   1 
ATOM   831  C CA  . PRO A 1 125 ? 7.90917   5.64946   -2.36305  1.000 69.69000  ? 264 PRO A CA  1 
ATOM   832  C C   . PRO A 1 125 ? 7.43265   6.95730   -1.76314  1.000 62.36000  ? 264 PRO A C   1 
ATOM   833  O O   . PRO A 1 125 ? 8.12910   7.97170   -1.89736  1.000 30.08000  ? 264 PRO A O   1 
ATOM   834  C CB  . PRO A 1 125 ? 7.50936   5.52909   -3.84217  1.000 52.54000  ? 264 PRO A CB  1 
ATOM   835  C CG  . PRO A 1 125 ? 7.23361   4.07675   -4.03231  1.000 49.23000  ? 264 PRO A CG  1 
ATOM   836  C CD  . PRO A 1 125 ? 6.57198   3.65888   -2.75477  1.000 27.91000  ? 264 PRO A CD  1 
ATOM   837  N N   . LEU A 1 126 ? 6.26429   6.97695   -1.12101  1.000 34.53000  ? 265 LEU A N   1 
ATOM   838  C CA  . LEU A 1 126 ? 5.86360   8.17047   -0.38516  1.000 30.84000  ? 265 LEU A CA  1 
ATOM   839  C C   . LEU A 1 126 ? 6.85280   8.45895   0.73518   1.000 49.96000  ? 265 LEU A C   1 
ATOM   840  O O   . LEU A 1 126 ? 7.22298   9.61540   0.97088   1.000 47.86000  ? 265 LEU A O   1 
ATOM   841  C CB  . LEU A 1 126 ? 4.45085   7.99776   0.16614   1.000 29.25000  ? 265 LEU A CB  1 
ATOM   842  C CG  . LEU A 1 126 ? 3.32178   8.14009   -0.85612  1.000 31.99000  ? 265 LEU A CG  1 
ATOM   843  C CD1 . LEU A 1 126 ? 1.96888   7.89419   -0.20009  1.000 36.53000  ? 265 LEU A CD1 1 
ATOM   844  C CD2 . LEU A 1 126 ? 3.35876   9.51455   -1.52250  1.000 57.41000  ? 265 LEU A CD2 1 
ATOM   845  N N   . GLN A 1 127 ? 7.30028   7.41354   1.42899   1.000 63.27000  ? 266 GLN A N   1 
ATOM   846  C CA  . GLN A 1 127 ? 8.30757   7.58493   2.46845   1.000 44.56000  ? 266 GLN A CA  1 
ATOM   847  C C   . GLN A 1 127 ? 9.61677   8.09576   1.87985   1.000 49.89000  ? 266 GLN A C   1 
ATOM   848  O O   . GLN A 1 127 ? 10.27355  8.96134   2.46949   1.000 64.02000  ? 266 GLN A O   1 
ATOM   849  C CB  . GLN A 1 127 ? 8.50844   6.25820   3.19699   1.000 37.32000  ? 266 GLN A CB  1 
ATOM   850  C CG  . GLN A 1 127 ? 9.23287   6.34916   4.51626   1.000 33.13000  ? 266 GLN A CG  1 
ATOM   851  C CD  . GLN A 1 127 ? 9.46296   4.98205   5.12083   1.000 28.98000  ? 266 GLN A CD  1 
ATOM   852  O OE1 . GLN A 1 127 ? 10.07210  4.10911   4.49798   1.000 21.96000  ? 266 GLN A OE1 1 
ATOM   853  N NE2 . GLN A 1 127 ? 8.95702   4.77858   6.33041   1.000 50.58000  ? 266 GLN A NE2 1 
ATOM   854  N N   . THR A 1 128 ? 10.00003  7.58552   0.70465   1.000 30.54000  ? 267 THR A N   1 
ATOM   855  C CA  . THR A 1 128 ? 11.22170  8.04589   0.04911   1.000 28.34000  ? 267 THR A CA  1 
ATOM   856  C C   . THR A 1 128 ? 11.12665  9.51278   -0.35847  1.000 48.28000  ? 267 THR A C   1 
ATOM   857  O O   . THR A 1 128 ? 12.11316  10.25314  -0.26448  1.000 57.96000  ? 267 THR A O   1 
ATOM   858  C CB  . THR A 1 128 ? 11.51854  7.17355   -1.16866  1.000 19.68000  ? 267 THR A CB  1 
ATOM   859  O OG1 . THR A 1 128 ? 11.78887  5.84031   -0.72833  1.000 44.16000  ? 267 THR A OG1 1 
ATOM   860  C CG2 . THR A 1 128 ? 12.71279  7.70587   -1.94242  1.000 62.19000  ? 267 THR A CG2 1 
ATOM   861  N N   . LEU A 1 129 ? 9.95673   9.95281   -0.83045  1.000 49.73000  ? 268 LEU A N   1 
ATOM   862  C CA  . LEU A 1 129 ? 9.78443   11.36813  -1.14591  1.000 61.77000  ? 268 LEU A CA  1 
ATOM   863  C C   . LEU A 1 129 ? 10.03857  12.22416  0.08662   1.000 30.36000  ? 268 LEU A C   1 
ATOM   864  O O   . LEU A 1 129 ? 10.75008  13.23346  0.02718   1.000 51.09000  ? 268 LEU A O   1 
ATOM   865  C CB  . LEU A 1 129 ? 8.37762   11.62335  -1.68770  1.000 46.49000  ? 268 LEU A CB  1 
ATOM   866  C CG  . LEU A 1 129 ? 8.09118   11.13737  -3.10692  1.000 45.12000  ? 268 LEU A CG  1 
ATOM   867  C CD1 . LEU A 1 129 ? 6.60696   11.26549  -3.42213  1.000 64.50000  ? 268 LEU A CD1 1 
ATOM   868  C CD2 . LEU A 1 129 ? 8.92527   11.91172  -4.11132  1.000 79.14000  ? 268 LEU A CD2 1 
ATOM   869  N N   . PHE A 1 130 ? 9.47193   11.81864  1.22360   1.000 40.62000  ? 269 PHE A N   1 
ATOM   870  C CA  . PHE A 1 130 ? 9.70632   12.52787  2.47491   1.000 49.76000  ? 269 PHE A CA  1 
ATOM   871  C C   . PHE A 1 130 ? 11.19363  12.61227  2.78653   1.000 40.76000  ? 269 PHE A C   1 
ATOM   872  O O   . PHE A 1 130 ? 11.68034  13.64647  3.25778   1.000 42.45000  ? 269 PHE A O   1 
ATOM   873  C CB  . PHE A 1 130 ? 8.95946   11.81514  3.60048   1.000 45.95000  ? 269 PHE A CB  1 
ATOM   874  C CG  . PHE A 1 130 ? 8.86300   12.60511  4.86549   1.000 55.13000  ? 269 PHE A CG  1 
ATOM   875  C CD1 . PHE A 1 130 ? 9.89435   12.59357  5.78390   1.000 42.55000  ? 269 PHE A CD1 1 
ATOM   876  C CD2 . PHE A 1 130 ? 7.72784   13.34487  5.14588   1.000 41.24000  ? 269 PHE A CD2 1 
ATOM   877  C CE1 . PHE A 1 130 ? 9.80035   13.31350  6.95116   1.000 43.42000  ? 269 PHE A CE1 1 
ATOM   878  C CE2 . PHE A 1 130 ? 7.62897   14.06472  6.31463   1.000 17.24000  ? 269 PHE A CE2 1 
ATOM   879  C CZ  . PHE A 1 130 ? 8.66519   14.05025  7.21656   1.000 42.16000  ? 269 PHE A CZ  1 
ATOM   880  N N   . ALA A 1 131 ? 11.93317  11.53557  2.52558   1.000 42.82000  ? 270 ALA A N   1 
ATOM   881  C CA  . ALA A 1 131 ? 13.36495  11.53826  2.80081   1.000 30.27000  ? 270 ALA A CA  1 
ATOM   882  C C   . ALA A 1 131 ? 14.11701  12.46587  1.85389   1.000 36.78000  ? 270 ALA A C   1 
ATOM   883  O O   . ALA A 1 131 ? 15.02582  13.18885  2.27696   1.000 63.41000  ? 270 ALA A O   1 
ATOM   884  C CB  . ALA A 1 131 ? 13.91711  10.11706  2.70213   1.000 55.53000  ? 270 ALA A CB  1 
ATOM   885  N N   . MET A 1 132 ? 13.76419  12.45201  0.56780   1.000 54.09000  ? 271 MET A N   1 
ATOM   886  C CA  . MET A 1 132 ? 14.48813  13.27180  -0.39839  1.000 64.21000  ? 271 MET A CA  1 
ATOM   887  C C   . MET A 1 132 ? 14.41662  14.75363  -0.05002  1.000 56.25000  ? 271 MET A C   1 
ATOM   888  O O   . MET A 1 132 ? 15.37135  15.49640  -0.30419  1.000 53.61000  ? 271 MET A O   1 
ATOM   889  C CB  . MET A 1 132 ? 13.93593  13.03637  -1.80364  1.000 47.96000  ? 271 MET A CB  1 
ATOM   890  C CG  . MET A 1 132 ? 14.23176  11.65789  -2.35468  1.000 48.23000  ? 271 MET A CG  1 
ATOM   891  S SD  . MET A 1 132 ? 13.67389  11.47203  -4.05655  1.000 64.24000  ? 271 MET A SD  1 
ATOM   892  C CE  . MET A 1 132 ? 14.71218  12.67046  -4.89381  1.000 44.57000  ? 271 MET A CE  1 
ATOM   893  N N   . SER A 1 133 ? 13.30179  15.20278  0.52998   1.000 38.52000  ? 272 SER A N   1 
ATOM   894  C CA  . SER A 1 133 ? 13.16494  16.61719  0.85569   1.000 50.72000  ? 272 SER A CA  1 
ATOM   895  C C   . SER A 1 133 ? 14.20557  17.06328  1.87881   1.000 45.90000  ? 272 SER A C   1 
ATOM   896  O O   . SER A 1 133 ? 14.58939  18.23846  1.90310   1.000 27.49000  ? 272 SER A O   1 
ATOM   897  C CB  . SER A 1 133 ? 11.74992  16.89462  1.36884   1.000 46.74000  ? 272 SER A CB  1 
ATOM   898  O OG  . SER A 1 133 ? 11.42503  16.05761  2.46494   1.000 58.87000  ? 272 SER A OG  1 
ATOM   899  N N   . GLN A 1 134 ? 14.67613  16.14404  2.72328   1.000 33.67000  ? 273 GLN A N   1 
ATOM   900  C CA  . GLN A 1 134 ? 15.64469  16.49888  3.75341   1.000 36.03000  ? 273 GLN A CA  1 
ATOM   901  C C   . GLN A 1 134 ? 17.05834  16.63560  3.20634   1.000 28.11000  ? 273 GLN A C   1 
ATOM   902  O O   . GLN A 1 134 ? 17.81853  17.48675  3.68353   1.000 41.57000  ? 273 GLN A O   1 
ATOM   903  C CB  . GLN A 1 134 ? 15.61783  15.45526  4.87005   1.000 22.98000  ? 273 GLN A CB  1 
ATOM   904  C CG  . GLN A 1 134 ? 14.25265  15.31439  5.52564   1.000 68.78000  ? 273 GLN A CG  1 
ATOM   905  C CD  . GLN A 1 134 ? 14.27354  14.38900  6.72060   1.000 99.33000  ? 273 GLN A CD  1 
ATOM   906  O OE1 . GLN A 1 134 ? 14.34796  13.16802  6.57504   1.000 77.90000  ? 273 GLN A OE1 1 
ATOM   907  N NE2 . GLN A 1 134 ? 14.21192  14.96728  7.91581   1.000 102.42000 ? 273 GLN A NE2 1 
ATOM   908  N N   . TYR A 1 135 ? 17.42814  15.82315  2.21699   1.000 38.54000  ? 274 TYR A N   1 
ATOM   909  C CA  . TYR A 1 135 ? 18.79456  15.80873  1.70924   1.000 30.41000  ? 274 TYR A CA  1 
ATOM   910  C C   . TYR A 1 135 ? 19.07416  17.02817  0.83859   1.000 32.41000  ? 274 TYR A C   1 
ATOM   911  O O   . TYR A 1 135 ? 18.21830  17.47661  0.06854   1.000 41.49000  ? 274 TYR A O   1 
ATOM   912  C CB  . TYR A 1 135 ? 19.05090  14.52362  0.92145   1.000 22.49000  ? 274 TYR A CB  1 
ATOM   913  C CG  . TYR A 1 135 ? 19.17565  13.29909  1.79934   1.000 23.42000  ? 274 TYR A CG  1 
ATOM   914  C CD1 . TYR A 1 135 ? 20.40263  12.92762  2.33283   1.000 54.88000  ? 274 TYR A CD1 1 
ATOM   915  C CD2 . TYR A 1 135 ? 18.06738  12.51559  2.09903   1.000 47.09000  ? 274 TYR A CD2 1 
ATOM   916  C CE1 . TYR A 1 135 ? 20.52469  11.80968  3.13808   1.000 62.28000  ? 274 TYR A CE1 1 
ATOM   917  C CE2 . TYR A 1 135 ? 18.18097  11.39429  2.90456   1.000 45.83000  ? 274 TYR A CE2 1 
ATOM   918  C CZ  . TYR A 1 135 ? 19.41514  11.04723  3.42200   1.000 49.51000  ? 274 TYR A CZ  1 
ATOM   919  O OH  . TYR A 1 135 ? 19.55214  9.93657   4.22359   1.000 45.33000  ? 274 TYR A OH  1 
ATOM   920  N N   . SER A 1 136 ? 20.28987  17.56222  0.96812   1.000 37.75000  ? 275 SER A N   1 
ATOM   921  C CA  . SER A 1 136 ? 20.60674  18.84667  0.35179   1.000 42.84000  ? 275 SER A CA  1 
ATOM   922  C C   . SER A 1 136 ? 20.70392  18.73298  -1.16466  1.000 50.10000  ? 275 SER A C   1 
ATOM   923  O O   . SER A 1 136 ? 20.07915  19.51232  -1.89353  1.000 45.06000  ? 275 SER A O   1 
ATOM   924  C CB  . SER A 1 136 ? 21.90990  19.38969  0.93762   1.000 34.32000  ? 275 SER A CB  1 
ATOM   925  O OG  . SER A 1 136 ? 22.15916  20.70842  0.48716   1.000 64.46000  ? 275 SER A OG  1 
ATOM   926  N N   . GLN A 1 137 ? 21.46149  17.75614  -1.65959  1.000 70.47000  ? 276 GLN A N   1 
ATOM   927  C CA  . GLN A 1 137 ? 21.70823  17.63843  -3.09174  1.000 78.54000  ? 276 GLN A CA  1 
ATOM   928  C C   . GLN A 1 137 ? 20.55624  16.98126  -3.83972  1.000 52.84000  ? 276 GLN A C   1 
ATOM   929  O O   . GLN A 1 137 ? 20.61898  16.87118  -5.06897  1.000 70.95000  ? 276 GLN A O   1 
ATOM   930  C CB  . GLN A 1 137 ? 23.00253  16.85740  -3.33809  1.000 83.55000  ? 276 GLN A CB  1 
ATOM   931  C CG  . GLN A 1 137 ? 24.25294  17.56011  -2.81711  1.000 98.80000  ? 276 GLN A CG  1 
ATOM   932  C CD  . GLN A 1 137 ? 24.51144  18.88781  -3.50815  1.000 78.85000  ? 276 GLN A CD  1 
ATOM   933  O OE1 . GLN A 1 137 ? 24.25102  19.03929  -4.70185  1.000 122.25000 ? 276 GLN A OE1 1 
ATOM   934  N NE2 . GLN A 1 137 ? 25.01975  19.85919  -2.75675  1.000 72.75000  ? 276 GLN A NE2 1 
ATOM   935  N N   . ALA A 1 138 ? 19.51032  16.54349  -3.13690  1.000 62.54000  ? 277 ALA A N   1 
ATOM   936  C CA  . ALA A 1 138 ? 18.32910  16.03086  -3.81679  1.000 38.99000  ? 277 ALA A CA  1 
ATOM   937  C C   . ALA A 1 138 ? 17.63613  17.10469  -4.64120  1.000 50.62000  ? 277 ALA A C   1 
ATOM   938  O O   . ALA A 1 138 ? 16.86448  16.77415  -5.54771  1.000 79.17000  ? 277 ALA A O   1 
ATOM   939  C CB  . ALA A 1 138 ? 17.34687  15.44962  -2.80000  1.000 40.80000  ? 277 ALA A CB  1 
ATOM   940  N N   . GLY A 1 139 ? 17.88317  18.37768  -4.34445  1.000 43.72000  ? 278 GLY A N   1 
ATOM   941  C CA  . GLY A 1 139 ? 17.23596  19.44356  -5.08499  1.000 61.35000  ? 278 GLY A CA  1 
ATOM   942  C C   . GLY A 1 139 ? 15.73059  19.39209  -5.01075  1.000 54.11000  ? 278 GLY A C   1 
ATOM   943  O O   . GLY A 1 139 ? 15.05045  19.83404  -5.94486  1.000 87.87000  ? 278 GLY A O   1 
ATOM   944  N N   . PHE A 1 140 ? 15.18662  18.86291  -3.91840  1.000 60.40000  ? 279 PHE A N   1 
ATOM   945  C CA  . PHE A 1 140 ? 13.74808  18.68060  -3.75018  1.000 61.36000  ? 279 PHE A CA  1 
ATOM   946  C C   . PHE A 1 140 ? 13.30630  19.42559  -2.49542  1.000 43.51000  ? 279 PHE A C   1 
ATOM   947  O O   . PHE A 1 140 ? 13.64958  19.03047  -1.37664  1.000 32.93000  ? 279 PHE A O   1 
ATOM   948  C CB  . PHE A 1 140 ? 13.40111  17.19375  -3.67181  1.000 53.20000  ? 279 PHE A CB  1 
ATOM   949  C CG  . PHE A 1 140 ? 11.94162  16.92363  -3.48327  1.000 24.97000  ? 279 PHE A CG  1 
ATOM   950  C CD1 . PHE A 1 140 ? 11.00373  17.57444  -4.25627  1.000 64.97000  ? 279 PHE A CD1 1 
ATOM   951  C CD2 . PHE A 1 140 ? 11.50660  16.01537  -2.53502  1.000 63.76000  ? 279 PHE A CD2 1 
ATOM   952  C CE1 . PHE A 1 140 ? 9.66272   17.33264  -4.08235  1.000 63.23000  ? 279 PHE A CE1 1 
ATOM   953  C CE2 . PHE A 1 140 ? 10.16252  15.76711  -2.35941  1.000 31.38000  ? 279 PHE A CE2 1 
ATOM   954  C CZ  . PHE A 1 140 ? 9.24110   16.42537  -3.13443  1.000 46.23000  ? 279 PHE A CZ  1 
ATOM   955  N N   . SER A 1 141 ? 12.54127  20.49942  -2.69025  1.000 43.77000  ? 280 SER A N   1 
ATOM   956  C CA  . SER A 1 141 ? 12.10099  21.33065  -1.57971  1.000 31.19000  ? 280 SER A CA  1 
ATOM   957  C C   . SER A 1 141 ? 10.99790  20.64185  -0.78516  1.000 51.56000  ? 280 SER A C   1 
ATOM   958  O O   . SER A 1 141 ? 10.13544  19.95980  -1.34522  1.000 56.69000  ? 280 SER A O   1 
ATOM   959  C CB  . SER A 1 141 ? 11.59806  22.67730  -2.09976  1.000 34.46000  ? 280 SER A CB  1 
ATOM   960  O OG  . SER A 1 141 ? 11.18085  23.51178  -1.03248  1.000 98.66000  ? 280 SER A OG  1 
ATOM   961  N N   . ARG A 1 142 ? 11.01894  20.83506  0.53494   1.000 30.58000  ? 281 ARG A N   1 
ATOM   962  C CA  . ARG A 1 142 ? 10.00784  20.21880  1.38073   1.000 49.06000  ? 281 ARG A CA  1 
ATOM   963  C C   . ARG A 1 142 ? 8.61949   20.79195  1.13329   1.000 52.38000  ? 281 ARG A C   1 
ATOM   964  O O   . ARG A 1 142 ? 7.62695   20.16884  1.52564   1.000 45.52000  ? 281 ARG A O   1 
ATOM   965  C CB  . ARG A 1 142 ? 10.38163  20.38235  2.85369   1.000 48.17000  ? 281 ARG A CB  1 
ATOM   966  C CG  . ARG A 1 142 ? 10.47978  21.82641  3.31602   1.000 79.13000  ? 281 ARG A CG  1 
ATOM   967  C CD  . ARG A 1 142 ? 10.72256  21.91244  4.81810   1.000 75.12000  ? 281 ARG A CD  1 
ATOM   968  N NE  . ARG A 1 142 ? 9.61593   21.34902  5.58352   1.000 88.49000  ? 281 ARG A NE  1 
ATOM   969  C CZ  . ARG A 1 142 ? 8.52083   22.01597  5.92389   1.000 79.45000  ? 281 ARG A CZ  1 
ATOM   970  N NH1 . ARG A 1 142 ? 8.35156   23.28527  5.58817   1.000 100.47000 ? 281 ARG A NH1 1 
ATOM   971  N NH2 . ARG A 1 142 ? 7.57154   21.39366  6.61600   1.000 61.54000  ? 281 ARG A NH2 1 
ATOM   972  N N   . GLU A 1 143 ? 8.52453   21.96363  0.50174   1.000 65.80000  ? 282 GLU A N   1 
ATOM   973  C CA  . GLU A 1 143 ? 7.22032   22.54353  0.20714   1.000 70.88000  ? 282 GLU A CA  1 
ATOM   974  C C   . GLU A 1 143 ? 6.51100   21.80981  -0.92191  1.000 62.17000  ? 282 GLU A C   1 
ATOM   975  O O   . GLU A 1 143 ? 5.29299   21.95388  -1.07354  1.000 65.09000  ? 282 GLU A O   1 
ATOM   976  C CB  . GLU A 1 143 ? 7.36922   24.02169  -0.15475  1.000 87.87000  ? 282 GLU A CB  1 
ATOM   977  C CG  . GLU A 1 143 ? 7.97213   24.87536  0.94772   1.000 81.90000  ? 282 GLU A CG  1 
ATOM   978  C CD  . GLU A 1 143 ? 8.05504   26.34357  0.57049   1.000 78.21000  ? 282 GLU A CD  1 
ATOM   979  O OE1 . GLU A 1 143 ? 7.85716   26.66542  -0.62184  1.000 36.18000  ? 282 GLU A OE1 1 
ATOM   980  O OE2 . GLU A 1 143 ? 8.31347   27.17638  1.46816   1.000 64.49000  ? 282 GLU A OE2 1 
ATOM   981  N N   . ASP A 1 144 ? 7.24323   21.02707  -1.70758  1.000 51.89000  ? 283 ASP A N   1 
ATOM   982  C CA  . ASP A 1 144 ? 6.68607   20.33660  -2.86092  1.000 62.32000  ? 283 ASP A CA  1 
ATOM   983  C C   . ASP A 1 144 ? 6.24535   18.91605  -2.54370  1.000 47.76000  ? 283 ASP A C   1 
ATOM   984  O O   . ASP A 1 144 ? 5.78689   18.21036  -3.44839  1.000 61.57000  ? 283 ASP A O   1 
ATOM   985  C CB  . ASP A 1 144 ? 7.71645   20.31833  -3.99677  1.000 36.17000  ? 283 ASP A CB  1 
ATOM   986  C CG  . ASP A 1 144 ? 8.27394   21.69998  -4.29776  1.000 68.64000  ? 283 ASP A CG  1 
ATOM   987  O OD1 . ASP A 1 144 ? 7.53386   22.69162  -4.12647  1.000 63.89000  ? 283 ASP A OD1 1 
ATOM   988  O OD2 . ASP A 1 144 ? 9.45352   21.79419  -4.70027  1.000 49.40000  ? 283 ASP A OD2 1 
ATOM   989  N N   . ARG A 1 145 ? 6.36208   18.47871  -1.28861  1.000 50.07000  ? 284 ARG A N   1 
ATOM   990  C CA  . ARG A 1 145 ? 5.99240   17.10679  -0.95876  1.000 58.19000  ? 284 ARG A CA  1 
ATOM   991  C C   . ARG A 1 145 ? 4.51704   16.85521  -1.24031  1.000 37.88000  ? 284 ARG A C   1 
ATOM   992  O O   . ARG A 1 145 ? 4.15461   15.82079  -1.81186  1.000 44.31000  ? 284 ARG A O   1 
ATOM   993  C CB  . ARG A 1 145 ? 6.31904   16.80512  0.50498   1.000 44.56000  ? 284 ARG A CB  1 
ATOM   994  C CG  . ARG A 1 145 ? 7.77841   16.43850  0.74937   1.000 67.82000  ? 284 ARG A CG  1 
ATOM   995  C CD  . ARG A 1 145 ? 8.05211   16.10709  2.21655   1.000 66.47000  ? 284 ARG A CD  1 
ATOM   996  N NE  . ARG A 1 145 ? 7.80937   17.24426  3.09822   1.000 83.27000  ? 284 ARG A NE  1 
ATOM   997  C CZ  . ARG A 1 145 ? 8.24744   17.33487  4.34761   1.000 50.47000  ? 284 ARG A CZ  1 
ATOM   998  N NH1 . ARG A 1 145 ? 8.96544   16.37194  4.89908   1.000 56.28000  ? 284 ARG A NH1 1 
ATOM   999  N NH2 . ARG A 1 145 ? 7.96873   18.42517  5.05514   1.000 63.59000  ? 284 ARG A NH2 1 
ATOM   1000 N N   . LEU A 1 146 ? 3.65206   17.79753  -0.85986  1.000 33.95000  ? 285 LEU A N   1 
ATOM   1001 C CA  . LEU A 1 146 ? 2.21848   17.59278  -1.03640  1.000 31.64000  ? 285 LEU A CA  1 
ATOM   1002 C C   . LEU A 1 146 ? 1.84903   17.48467  -2.51138  1.000 41.04000  ? 285 LEU A C   1 
ATOM   1003 O O   . LEU A 1 146 ? 1.05254   16.62032  -2.89576  1.000 50.38000  ? 285 LEU A O   1 
ATOM   1004 C CB  . LEU A 1 146 ? 1.44585   18.72895  -0.36865  1.000 39.06000  ? 285 LEU A CB  1 
ATOM   1005 C CG  . LEU A 1 146 ? -0.07156  18.74350  -0.56114  1.000 25.81000  ? 285 LEU A CG  1 
ATOM   1006 C CD1 . LEU A 1 146 ? -0.67864  17.42487  -0.12025  1.000 54.71000  ? 285 LEU A CD1 1 
ATOM   1007 C CD2 . LEU A 1 146 ? -0.68310  19.90782  0.21044   1.000 45.70000  ? 285 LEU A CD2 1 
ATOM   1008 N N   . GLU A 1 147 ? 2.41908   18.35063  -3.35463  1.000 34.11000  ? 286 GLU A N   1 
ATOM   1009 C CA  . GLU A 1 147 ? 2.07668   18.32552  -4.77421  1.000 26.28000  ? 286 GLU A CA  1 
ATOM   1010 C C   . GLU A 1 147 ? 2.63543   17.07771  -5.45340  1.000 32.20000  ? 286 GLU A C   1 
ATOM   1011 O O   . GLU A 1 147 ? 1.98854   16.50799  -6.34069  1.000 47.84000  ? 286 GLU A O   1 
ATOM   1012 C CB  . GLU A 1 147 ? 2.58469   19.59529  -5.46267  1.000 46.83000  ? 286 GLU A CB  1 
ATOM   1013 C CG  . GLU A 1 147 ? 1.68141   20.10644  -6.58626  1.000 62.68000  ? 286 GLU A CG  1 
ATOM   1014 C CD  . GLU A 1 147 ? 0.33895   20.62949  -6.08361  1.000 102.51000 ? 286 GLU A CD  1 
ATOM   1015 O OE1 . GLU A 1 147 ? 0.32049   21.35596  -5.06455  1.000 65.78000  ? 286 GLU A OE1 1 
ATOM   1016 O OE2 . GLU A 1 147 ? -0.69979  20.31136  -6.70490  1.000 73.59000  ? 286 GLU A OE2 1 
ATOM   1017 N N   . GLN A 1 148 ? 3.82882   16.63214  -5.04678  1.000 23.58000  ? 287 GLN A N   1 
ATOM   1018 C CA  . GLN A 1 148 ? 4.39231   15.41052  -5.61248  1.000 25.08000  ? 287 GLN A CA  1 
ATOM   1019 C C   . GLN A 1 148 ? 3.60292   14.17513  -5.19713  1.000 21.88000  ? 287 GLN A C   1 
ATOM   1020 O O   . GLN A 1 148 ? 3.50818   13.21536  -5.97065  1.000 43.50000  ? 287 GLN A O   1 
ATOM   1021 C CB  . GLN A 1 148 ? 5.85506   15.25769  -5.19682  1.000 34.52000  ? 287 GLN A CB  1 
ATOM   1022 C CG  . GLN A 1 148 ? 6.78423   16.30450  -5.79190  1.000 62.30000  ? 287 GLN A CG  1 
ATOM   1023 C CD  . GLN A 1 148 ? 7.22181   15.98200  -7.20934  1.000 62.12000  ? 287 GLN A CD  1 
ATOM   1024 O OE1 . GLN A 1 148 ? 7.04470   14.86318  -7.69431  1.000 83.70000  ? 287 GLN A OE1 1 
ATOM   1025 N NE2 . GLN A 1 148 ? 7.80646   16.96769  -7.88170  1.000 69.07000  ? 287 GLN A NE2 1 
ATOM   1026 N N   . ALA A 1 149 ? 3.05651   14.16373  -3.97782  1.000 41.13000  ? 288 ALA A N   1 
ATOM   1027 C CA  . ALA A 1 149 ? 2.20172   13.05443  -3.56782  1.000 41.48000  ? 288 ALA A CA  1 
ATOM   1028 C C   . ALA A 1 149 ? 0.94782   12.98238  -4.42949  1.000 63.61000  ? 288 ALA A C   1 
ATOM   1029 O O   . ALA A 1 149 ? 0.55218   11.89844  -4.87660  1.000 45.21000  ? 288 ALA A O   1 
ATOM   1030 C CB  . ALA A 1 149 ? 1.82776   13.19654  -2.09344  1.000 50.82000  ? 288 ALA A CB  1 
ATOM   1031 N N   . LYS A 1 150 ? 0.31295   14.13134  -4.67996  1.000 44.42000  ? 289 LYS A N   1 
ATOM   1032 C CA  . LYS A 1 150 ? -0.85719  14.15257  -5.54991  1.000 49.19000  ? 289 LYS A CA  1 
ATOM   1033 C C   . LYS A 1 150 ? -0.51250  13.62234  -6.93587  1.000 53.99000  ? 289 LYS A C   1 
ATOM   1034 O O   . LYS A 1 150 ? -1.29396  12.87574  -7.53743  1.000 53.14000  ? 289 LYS A O   1 
ATOM   1035 C CB  . LYS A 1 150 ? -1.41779  15.57316  -5.64000  1.000 60.61000  ? 289 LYS A CB  1 
ATOM   1036 C CG  . LYS A 1 150 ? -2.02607  16.08761  -4.34163  1.000 57.98000  ? 289 LYS A CG  1 
ATOM   1037 C CD  . LYS A 1 150 ? -2.76384  17.40842  -4.55090  1.000 71.86000  ? 289 LYS A CD  1 
ATOM   1038 C CE  . LYS A 1 150 ? -3.60203  17.78182  -3.33048  1.000 110.44000 ? 289 LYS A CE  1 
ATOM   1039 N NZ  . LYS A 1 150 ? -4.44605  18.98816  -3.56955  1.000 86.95000  ? 289 LYS A NZ  1 
ATOM   1040 N N   . LEU A 1 151 ? 0.65749   13.99929  -7.45962  1.000 29.95000  ? 290 LEU A N   1 
ATOM   1041 C CA  . LEU A 1 151 ? 1.09255   13.47207  -8.74923  1.000 43.00000  ? 290 LEU A CA  1 
ATOM   1042 C C   . LEU A 1 151 ? 1.32817   11.96874  -8.67752  1.000 47.08000  ? 290 LEU A C   1 
ATOM   1043 O O   . LEU A 1 151 ? 0.97453   11.23320  -9.60608  1.000 60.10000  ? 290 LEU A O   1 
ATOM   1044 C CB  . LEU A 1 151 ? 2.36053   14.19160  -9.20968  1.000 31.50000  ? 290 LEU A CB  1 
ATOM   1045 C CG  . LEU A 1 151 ? 2.99521   13.67423  -10.50166 1.000 43.94000  ? 290 LEU A CG  1 
ATOM   1046 C CD1 . LEU A 1 151 ? 2.00482   13.77000  -11.65104 1.000 47.55000  ? 290 LEU A CD1 1 
ATOM   1047 C CD2 . LEU A 1 151 ? 4.27635   14.43635  -10.81532 1.000 48.50000  ? 290 LEU A CD2 1 
ATOM   1048 N N   . PHE A 1 152 ? 1.92707   11.49268  -7.58326  1.000 50.36000  ? 291 PHE A N   1 
ATOM   1049 C CA  . PHE A 1 152 ? 2.16580   10.06060  -7.43446  1.000 41.47000  ? 291 PHE A CA  1 
ATOM   1050 C C   . PHE A 1 152 ? 0.85709   9.27928   -7.45709  1.000 37.58000  ? 291 PHE A C   1 
ATOM   1051 O O   . PHE A 1 152 ? 0.72807   8.28357   -8.17831  1.000 43.80000  ? 291 PHE A O   1 
ATOM   1052 C CB  . PHE A 1 152 ? 2.92534   9.78846   -6.13715  1.000 22.18000  ? 291 PHE A CB  1 
ATOM   1053 C CG  . PHE A 1 152 ? 3.14105   8.32975   -5.85743  1.000 18.48000  ? 291 PHE A CG  1 
ATOM   1054 C CD1 . PHE A 1 152 ? 4.20851   7.65080   -6.42204  1.000 14.23000  ? 291 PHE A CD1 1 
ATOM   1055 C CD2 . PHE A 1 152 ? 2.27641   7.63674   -5.02942  1.000 33.79000  ? 291 PHE A CD2 1 
ATOM   1056 C CE1 . PHE A 1 152 ? 4.40640   6.31111   -6.16486  1.000 25.10000  ? 291 PHE A CE1 1 
ATOM   1057 C CE2 . PHE A 1 152 ? 2.46776   6.29555   -4.77027  1.000 11.90000  ? 291 PHE A CE2 1 
ATOM   1058 C CZ  . PHE A 1 152 ? 3.53361   5.63366   -5.33644  1.000 36.45000  ? 291 PHE A CZ  1 
ATOM   1059 N N   . CYS A 1 153 ? -0.12848  9.71646   -6.67070  1.000 26.54000  ? 292 CYS A N   1 
ATOM   1060 C CA  . CYS A 1 153 ? -1.40553  9.01011   -6.62664  1.000 43.24000  ? 292 CYS A CA  1 
ATOM   1061 C C   . CYS A 1 153 ? -2.10407  9.05085   -7.98106  1.000 67.38000  ? 292 CYS A C   1 
ATOM   1062 O O   . CYS A 1 153 ? -2.57392  8.02265   -8.48212  1.000 51.71000  ? 292 CYS A O   1 
ATOM   1063 C CB  . CYS A 1 153 ? -2.29824  9.61091   -5.54162  1.000 33.95000  ? 292 CYS A CB  1 
ATOM   1064 S SG  . CYS A 1 153 ? -1.61607  9.46879   -3.87310  1.000 64.07000  ? 292 CYS A SG  1 
ATOM   1065 N N   . ARG A 1 154 ? -2.17910  10.23382  -8.59561  1.000 59.67000  ? 293 ARG A N   1 
ATOM   1066 C CA  . ARG A 1 154 ? -2.87572  10.34075  -9.87312  1.000 64.22000  ? 293 ARG A CA  1 
ATOM   1067 C C   . ARG A 1 154 ? -2.17217  9.52558   -10.95033 1.000 30.22000  ? 293 ARG A C   1 
ATOM   1068 O O   . ARG A 1 154 ? -2.82620  8.84999   -11.75346 1.000 65.06000  ? 293 ARG A O   1 
ATOM   1069 C CB  . ARG A 1 154 ? -3.00205  11.80591  -10.29062 1.000 47.03000  ? 293 ARG A CB  1 
ATOM   1070 C CG  . ARG A 1 154 ? -4.08773  12.56233  -9.53474  1.000 90.14000  ? 293 ARG A CG  1 
ATOM   1071 C CD  . ARG A 1 154 ? -4.56443  13.78786  -10.30583 1.000 102.49000 ? 293 ARG A CD  1 
ATOM   1072 N NE  . ARG A 1 154 ? -3.47964  14.72734  -10.56299 1.000 101.17000 ? 293 ARG A NE  1 
ATOM   1073 C CZ  . ARG A 1 154 ? -3.14080  15.72495  -9.75719  1.000 60.40000  ? 293 ARG A CZ  1 
ATOM   1074 N NH1 . ARG A 1 154 ? -3.79458  15.95839  -8.62965  1.000 54.89000  ? 293 ARG A NH1 1 
ATOM   1075 N NH2 . ARG A 1 154 ? -2.11772  16.50661  -10.08832 1.000 90.86000  ? 293 ARG A NH2 1 
ATOM   1076 N N   . THR A 1 155 ? -0.83844  9.56803   -10.98275 1.000 44.84000  ? 294 THR A N   1 
ATOM   1077 C CA  . THR A 1 155 ? -0.10335  8.78369   -11.97068 1.000 41.42000  ? 294 THR A CA  1 
ATOM   1078 C C   . THR A 1 155 ? -0.35970  7.29598   -11.77310 1.000 25.91000  ? 294 THR A C   1 
ATOM   1079 O O   . THR A 1 155 ? -0.66385  6.57157   -12.72564 1.000 54.74000  ? 294 THR A O   1 
ATOM   1080 C CB  . THR A 1 155 ? 1.39407   9.08095   -11.88001 1.000 18.94000  ? 294 THR A CB  1 
ATOM   1081 O OG1 . THR A 1 155 ? 1.61812   10.49190  -11.97740 1.000 38.20000  ? 294 THR A OG1 1 
ATOM   1082 C CG2 . THR A 1 155 ? 2.14346   8.37893   -13.00404 1.000 28.02000  ? 294 THR A CG2 1 
ATOM   1083 N N   . LEU A 1 156 ? -0.26420  6.82964   -10.52886 1.000 35.30000  ? 295 LEU A N   1 
ATOM   1084 C CA  . LEU A 1 156 ? -0.49799  5.41899   -10.24656 1.000 22.68000  ? 295 LEU A CA  1 
ATOM   1085 C C   . LEU A 1 156 ? -1.91243  5.01269   -10.63623 1.000 30.62000  ? 295 LEU A C   1 
ATOM   1086 O O   . LEU A 1 156 ? -2.11597  3.95884   -11.25001 1.000 39.64000  ? 295 LEU A O   1 
ATOM   1087 C CB  . LEU A 1 156 ? -0.24085  5.14507   -8.76706  1.000 14.67000  ? 295 LEU A CB  1 
ATOM   1088 C CG  . LEU A 1 156 ? -0.25387  3.69113   -8.30689  1.000 12.41000  ? 295 LEU A CG  1 
ATOM   1089 C CD1 . LEU A 1 156 ? 0.74898   2.86212   -9.09065  1.000 36.78000  ? 295 LEU A CD1 1 
ATOM   1090 C CD2 . LEU A 1 156 ? 0.04815   3.64369   -6.81744  1.000 10.42000  ? 295 LEU A CD2 1 
ATOM   1091 N N   . GLU A 1 157 ? -2.90321  5.84727   -10.31101 1.000 48.98000  ? 296 GLU A N   1 
ATOM   1092 C CA  . GLU A 1 157 ? -4.28161  5.52998   -10.67330 1.000 40.10000  ? 296 GLU A CA  1 
ATOM   1093 C C   . GLU A 1 157 ? -4.42529  5.33280   -12.17970 1.000 47.87000  ? 296 GLU A C   1 
ATOM   1094 O O   . GLU A 1 157 ? -5.20770  4.48654   -12.63060 1.000 33.31000  ? 296 GLU A O   1 
ATOM   1095 C CB  . GLU A 1 157 ? -5.22622  6.62548   -10.18369 1.000 38.49000  ? 296 GLU A CB  1 
ATOM   1096 C CG  . GLU A 1 157 ? -5.57732  6.52165   -8.70667  1.000 66.75000  ? 296 GLU A CG  1 
ATOM   1097 C CD  . GLU A 1 157 ? -6.65633  7.50349   -8.28203  1.000 86.85000  ? 296 GLU A CD  1 
ATOM   1098 O OE1 . GLU A 1 157 ? -6.90485  8.48030   -9.02005  1.000 90.62000  ? 296 GLU A OE1 1 
ATOM   1099 O OE2 . GLU A 1 157 ? -7.25773  7.29366   -7.20661  1.000 91.05000  ? 296 GLU A OE2 1 
ATOM   1100 N N   . ASP A 1 158 ? -3.68156  6.10495   -12.97722 1.000 26.96000  ? 297 ASP A N   1 
ATOM   1101 C CA  . ASP A 1 158 ? -3.70588  5.90160   -14.42124 1.000 27.39000  ? 297 ASP A CA  1 
ATOM   1102 C C   . ASP A 1 158 ? -3.06576  4.57518   -14.80803 1.000 42.27000  ? 297 ASP A C   1 
ATOM   1103 O O   . ASP A 1 158 ? -3.49104  3.94131   -15.78071 1.000 51.45000  ? 297 ASP A O   1 
ATOM   1104 C CB  . ASP A 1 158 ? -2.99317  7.05019   -15.13341 1.000 44.42000  ? 297 ASP A CB  1 
ATOM   1105 C CG  . ASP A 1 158 ? -3.70193  8.37195   -14.95492 1.000 46.48000  ? 297 ASP A CG  1 
ATOM   1106 O OD1 . ASP A 1 158 ? -4.91534  8.35689   -14.66362 1.000 67.30000  ? 297 ASP A OD1 1 
ATOM   1107 O OD2 . ASP A 1 158 ? -3.04635  9.42459   -15.10729 1.000 77.96000  ? 297 ASP A OD2 1 
ATOM   1108 N N   . ILE A 1 159 ? -2.04202  4.14161   -14.06957 1.000 48.55000  ? 298 ILE A N   1 
ATOM   1109 C CA  . ILE A 1 159 ? -1.38061  2.88206   -14.39325 1.000 23.53000  ? 298 ILE A CA  1 
ATOM   1110 C C   . ILE A 1 159 ? -2.34177  1.71806   -14.20257 1.000 48.61000  ? 298 ILE A C   1 
ATOM   1111 O O   . ILE A 1 159 ? -2.58173  0.92803   -15.12325 1.000 42.67000  ? 298 ILE A O   1 
ATOM   1112 C CB  . ILE A 1 159 ? -0.11996  2.70073   -13.52972 1.000 26.90000  ? 298 ILE A CB  1 
ATOM   1113 C CG1 . ILE A 1 159 ? 0.83731   3.88305   -13.69301 1.000 36.72000  ? 298 ILE A CG1 1 
ATOM   1114 C CG2 . ILE A 1 159 ? 0.57125   1.39523   -13.87744 1.000 50.53000  ? 298 ILE A CG2 1 
ATOM   1115 C CD1 . ILE A 1 159 ? 1.31712   4.10897   -15.10435 1.000 33.26000  ? 298 ILE A CD1 1 
ATOM   1116 N N   . LEU A 1 160 ? -2.92593  1.61012   -13.00520 1.000 27.12000  ? 299 LEU A N   1 
ATOM   1117 C CA  . LEU A 1 160 ? -3.71820  0.43661   -12.65630 1.000 70.76000  ? 299 LEU A CA  1 
ATOM   1118 C C   . LEU A 1 160 ? -5.00577  0.33198   -13.46415 1.000 48.72000  ? 299 LEU A C   1 
ATOM   1119 O O   . LEU A 1 160 ? -5.61409  -0.74411  -13.49603 1.000 61.32000  ? 299 LEU A O   1 
ATOM   1120 C CB  . LEU A 1 160 ? -4.02953  0.45743   -11.15980 1.000 37.87000  ? 299 LEU A CB  1 
ATOM   1121 C CG  . LEU A 1 160 ? -2.79604  0.54291   -10.25729 1.000 25.69000  ? 299 LEU A CG  1 
ATOM   1122 C CD1 . LEU A 1 160 ? -3.19005  0.45956   -8.78666  1.000 29.96000  ? 299 LEU A CD1 1 
ATOM   1123 C CD2 . LEU A 1 160 ? -1.78762  -0.54341  -10.61485 1.000 35.82000  ? 299 LEU A CD2 1 
ATOM   1124 N N   . ALA A 1 161 ? -5.44127  1.41484   -14.10693 1.000 41.25000  ? 300 ALA A N   1 
ATOM   1125 C CA  . ALA A 1 161 ? -6.62284  1.33898   -14.95890 1.000 54.73000  ? 300 ALA A CA  1 
ATOM   1126 C C   . ALA A 1 161 ? -6.35880  0.47663   -16.18888 1.000 53.75000  ? 300 ALA A C   1 
ATOM   1127 O O   . ALA A 1 161 ? -7.11821  -0.45441  -16.48298 1.000 75.15000  ? 300 ALA A O   1 
ATOM   1128 C CB  . ALA A 1 161 ? -7.06044  2.74567   -15.36786 1.000 61.48000  ? 300 ALA A CB  1 
ATOM   1129 N N   . ASP A 1 162 ? -5.27459  0.75861   -16.90512 1.000 70.00000  ? 301 ASP A N   1 
ATOM   1130 C CA  . ASP A 1 162 ? -4.89425  -0.00608  -18.08405 1.000 54.71000  ? 301 ASP A CA  1 
ATOM   1131 C C   . ASP A 1 162 ? -3.99615  -1.18988  -17.75555 1.000 49.12000  ? 301 ASP A C   1 
ATOM   1132 O O   . ASP A 1 162 ? -3.52122  -1.85929  -18.67730 1.000 101.11000 ? 301 ASP A O   1 
ATOM   1133 C CB  . ASP A 1 162 ? -4.17614  0.89395   -19.09631 1.000 41.05000  ? 301 ASP A CB  1 
ATOM   1134 C CG  . ASP A 1 162 ? -5.04059  2.03386   -19.57888 1.000 75.08000  ? 301 ASP A CG  1 
ATOM   1135 O OD1 . ASP A 1 162 ? -6.28103  1.89672   -19.52509 1.000 97.55000  ? 301 ASP A OD1 1 
ATOM   1136 O OD2 . ASP A 1 162 ? -4.47835  3.06374   -20.01574 1.000 48.48000  ? 301 ASP A OD2 1 
ATOM   1137 N N   . ALA A 1 163 ? -3.74126  -1.45528  -16.47895 1.000 71.82000  ? 302 ALA A N   1 
ATOM   1138 C CA  . ALA A 1 163 ? -2.82903  -2.52336  -16.09450 1.000 70.37000  ? 302 ALA A CA  1 
ATOM   1139 C C   . ALA A 1 163 ? -3.51877  -3.87719  -16.20284 1.000 81.19000  ? 302 ALA A C   1 
ATOM   1140 O O   . ALA A 1 163 ? -4.44434  -4.16251  -15.43105 1.000 75.84000  ? 302 ALA A O   1 
ATOM   1141 C CB  . ALA A 1 163 ? -2.32582  -2.30393  -14.66523 1.000 66.75000  ? 302 ALA A CB  1 
ATOM   1142 N N   . PRO A 1 164 ? -3.09965  -4.74384  -17.13303 1.000 46.16000  ? 303 PRO A N   1 
ATOM   1143 C CA  . PRO A 1 164 ? -3.69494  -6.08751  -17.17226 1.000 52.10000  ? 303 PRO A CA  1 
ATOM   1144 C C   . PRO A 1 164 ? -3.43344  -6.85962  -15.89715 1.000 41.66000  ? 303 PRO A C   1 
ATOM   1145 O O   . PRO A 1 164 ? -4.26573  -7.67920  -15.48704 1.000 46.13000  ? 303 PRO A O   1 
ATOM   1146 C CB  . PRO A 1 164 ? -3.02517  -6.74416  -18.38883 1.000 68.80000  ? 303 PRO A CB  1 
ATOM   1147 C CG  . PRO A 1 164 ? -2.39213  -5.62212  -19.15821 1.000 44.27000  ? 303 PRO A CG  1 
ATOM   1148 C CD  . PRO A 1 164 ? -2.02445  -4.59846  -18.13080 1.000 46.02000  ? 303 PRO A CD  1 
ATOM   1149 N N   . GLU A 1 165 ? -2.29713  -6.60363  -15.24663 1.000 40.46000  ? 304 GLU A N   1 
ATOM   1150 C CA  . GLU A 1 165 ? -1.96837  -7.32153  -14.02215 1.000 58.96000  ? 304 GLU A CA  1 
ATOM   1151 C C   . GLU A 1 165 ? -2.96619  -7.01849  -12.91341 1.000 31.64000  ? 304 GLU A C   1 
ATOM   1152 O O   . GLU A 1 165 ? -3.16339  -7.84520  -12.01628 1.000 50.25000  ? 304 GLU A O   1 
ATOM   1153 C CB  . GLU A 1 165 ? -0.54633  -6.96647  -13.57890 1.000 22.41000  ? 304 GLU A CB  1 
ATOM   1154 C CG  . GLU A 1 165 ? 0.55265   -7.37436  -14.56894 1.000 70.62000  ? 304 GLU A CG  1 
ATOM   1155 C CD  . GLU A 1 165 ? 0.72792   -6.38895  -15.71941 1.000 61.26000  ? 304 GLU A CD  1 
ATOM   1156 O OE1 . GLU A 1 165 ? 0.21660   -5.25532  -15.61873 1.000 24.73000  ? 304 GLU A OE1 1 
ATOM   1157 O OE2 . GLU A 1 165 ? 1.38008   -6.74991  -16.72577 1.000 54.38000  ? 304 GLU A OE2 1 
ATOM   1158 N N   . SER A 1 166 ? -3.61506  -5.85682  -12.96593 1.000 59.62000  ? 305 SER A N   1 
ATOM   1159 C CA  . SER A 1 166 ? -4.52835  -5.41124  -11.91865 1.000 58.52000  ? 305 SER A CA  1 
ATOM   1160 C C   . SER A 1 166 ? -5.95697  -5.43859  -12.44971 1.000 82.81000  ? 305 SER A C   1 
ATOM   1161 O O   . SER A 1 166 ? -6.33329  -4.60956  -13.28765 1.000 57.54000  ? 305 SER A O   1 
ATOM   1162 C CB  . SER A 1 166 ? -4.15737  -4.01057  -11.43412 1.000 61.62000  ? 305 SER A CB  1 
ATOM   1163 O OG  . SER A 1 166 ? -5.12011  -3.51642  -10.51883 1.000 48.97000  ? 305 SER A OG  1 
ATOM   1164 N N   . GLN A 1 167 ? -6.74617  -6.39489  -11.95597 1.000 66.10000  ? 306 GLN A N   1 
ATOM   1165 C CA  . GLN A 1 167 ? -8.19248  -6.42828  -12.19050 1.000 45.36000  ? 306 GLN A CA  1 
ATOM   1166 C C   . GLN A 1 167 ? -8.85953  -6.81019  -10.87070 1.000 70.60000  ? 306 GLN A C   1 
ATOM   1167 O O   . GLN A 1 167 ? -8.85093  -7.98173  -10.48050 1.000 44.32000  ? 306 GLN A O   1 
ATOM   1168 C CB  . GLN A 1 167 ? -8.56016  -7.40585  -13.29332 1.000 40.02000  ? 306 GLN A CB  1 
ATOM   1169 C CG  . GLN A 1 167 ? -8.07114  -6.99759  -14.66903 1.000 88.98000  ? 306 GLN A CG  1 
ATOM   1170 C CD  . GLN A 1 167 ? -7.75477  -8.18780  -15.55104 1.000 46.48000  ? 306 GLN A CD  1 
ATOM   1171 O OE1 . GLN A 1 167 ? -7.30663  -9.23147  -15.07190 1.000 38.41000  ? 306 GLN A OE1 1 
ATOM   1172 N NE2 . GLN A 1 167 ? -7.98230  -8.03550  -16.85018 1.000 70.81000  ? 306 GLN A NE2 1 
ATOM   1173 N N   . ASN A 1 168 ? -9.43593  -5.82243  -10.19012 1.000 63.81000  ? 307 ASN A N   1 
ATOM   1174 C CA  . ASN A 1 168 ? -10.17152 -6.03040  -8.94650  1.000 65.75000  ? 307 ASN A CA  1 
ATOM   1175 C C   . ASN A 1 168 ? -9.32828  -6.70842  -7.87172  1.000 67.20000  ? 307 ASN A C   1 
ATOM   1176 O O   . ASN A 1 168 ? -9.87301  -7.34409  -6.96333  1.000 81.86000  ? 307 ASN A O   1 
ATOM   1177 C CB  . ASN A 1 168 ? -11.44761 -6.84615  -9.19678  1.000 73.10000  ? 307 ASN A CB  1 
ATOM   1178 C CG  . ASN A 1 168 ? -12.37354 -6.18560  -10.20071 1.000 107.55000 ? 307 ASN A CG  1 
ATOM   1179 O OD1 . ASN A 1 168 ? -12.42351 -4.95825  -10.30655 1.000 89.19000  ? 307 ASN A OD1 1 
ATOM   1180 N ND2 . ASN A 1 168 ? -13.11375 -6.99901  -10.94687 1.000 111.12000 ? 307 ASN A ND2 1 
ATOM   1181 N N   . ASN A 1 169 ? -8.00226  -6.59337  -7.95621  1.000 66.67000  ? 308 ASN A N   1 
ATOM   1182 C CA  . ASN A 1 169 ? -7.10468  -7.11597  -6.93760  1.000 62.30000  ? 308 ASN A CA  1 
ATOM   1183 C C   . ASN A 1 169 ? -6.45279  -6.01875  -6.10780  1.000 63.48000  ? 308 ASN A C   1 
ATOM   1184 O O   . ASN A 1 169 ? -5.66105  -6.32616  -5.20801  1.000 40.27000  ? 308 ASN A O   1 
ATOM   1185 C CB  . ASN A 1 169 ? -6.01272  -7.97869  -7.58682  1.000 33.09000  ? 308 ASN A CB  1 
ATOM   1186 C CG  . ASN A 1 169 ? -5.35900  -7.29396  -8.77285  1.000 42.85000  ? 308 ASN A CG  1 
ATOM   1187 O OD1 . ASN A 1 169 ? -5.55017  -6.09897  -8.99628  1.000 66.58000  ? 308 ASN A OD1 1 
ATOM   1188 N ND2 . ASN A 1 169 ? -4.58235  -8.04928  -9.54030  1.000 62.98000  ? 308 ASN A ND2 1 
ATOM   1189 N N   . CYS A 1 170 ? -6.76637  -4.75242  -6.37018  1.000 75.20000  ? 309 CYS A N   1 
ATOM   1190 C CA  . CYS A 1 170 ? -6.04218  -3.65087  -5.75396  1.000 75.38000  ? 309 CYS A CA  1 
ATOM   1191 C C   . CYS A 1 170 ? -6.94150  -2.43236  -5.61014  1.000 52.97000  ? 309 CYS A C   1 
ATOM   1192 O O   . CYS A 1 170 ? -7.72440  -2.11870  -6.51086  1.000 62.26000  ? 309 CYS A O   1 
ATOM   1193 C CB  . CYS A 1 170 ? -4.80428  -3.30174  -6.58978  1.000 62.98000  ? 309 CYS A CB  1 
ATOM   1194 S SG  . CYS A 1 170 ? -3.88320  -1.86754  -6.01902  1.000 49.09000  ? 309 CYS A SG  1 
ATOM   1195 N N   . ARG A 1 171 ? -6.81658  -1.74718  -4.47069  1.000 39.36000  ? 310 ARG A N   1 
ATOM   1196 C CA  . ARG A 1 171 ? -7.53667  -0.49911  -4.23272  1.000 67.53000  ? 310 ARG A CA  1 
ATOM   1197 C C   . ARG A 1 171 ? -6.60060  0.49830   -3.56782  1.000 52.40000  ? 310 ARG A C   1 
ATOM   1198 O O   . ARG A 1 171 ? -6.04564  0.21647   -2.50067  1.000 26.50000  ? 310 ARG A O   1 
ATOM   1199 C CB  . ARG A 1 171 ? -8.78055  -0.71390  -3.36282  1.000 66.50000  ? 310 ARG A CB  1 
ATOM   1200 C CG  . ARG A 1 171 ? -9.56900  0.57262   -3.11745  1.000 58.73000  ? 310 ARG A CG  1 
ATOM   1201 C CD  . ARG A 1 171 ? -11.07606 0.33472   -3.03148  1.000 81.29000  ? 310 ARG A CD  1 
ATOM   1202 N NE  . ARG A 1 171 ? -11.57612 -0.44802  -4.15760  1.000 86.85000  ? 310 ARG A NE  1 
ATOM   1203 C CZ  . ARG A 1 171 ? -11.70119 0.00789   -5.39588  1.000 86.67000  ? 310 ARG A CZ  1 
ATOM   1204 N NH1 . ARG A 1 171 ? -11.37576 1.25090   -5.71302  1.000 107.42000 ? 310 ARG A NH1 1 
ATOM   1205 N NH2 . ARG A 1 171 ? -12.15811 -0.80641  -6.34369  1.000 94.16000  ? 310 ARG A NH2 1 
ATOM   1206 N N   . LEU A 1 172 ? -6.44540  1.66514   -4.19145  1.000 38.83000  ? 311 LEU A N   1 
ATOM   1207 C CA  . LEU A 1 172 ? -5.58255  2.72159   -3.67738  1.000 28.20000  ? 311 LEU A CA  1 
ATOM   1208 C C   . LEU A 1 172 ? -6.38720  3.60168   -2.73118  1.000 24.15000  ? 311 LEU A C   1 
ATOM   1209 O O   . LEU A 1 172 ? -7.41987  4.15583   -3.12067  1.000 37.14000  ? 311 LEU A O   1 
ATOM   1210 C CB  . LEU A 1 172 ? -5.01409  3.55621   -4.82280  1.000 2.31000   ? 311 LEU A CB  1 
ATOM   1211 C CG  . LEU A 1 172 ? -4.28804  2.77119   -5.91254  1.000 25.79000  ? 311 LEU A CG  1 
ATOM   1212 C CD1 . LEU A 1 172 ? -3.83410  3.69254   -7.03299  1.000 54.40000  ? 311 LEU A CD1 1 
ATOM   1213 C CD2 . LEU A 1 172 ? -3.10490  2.01464   -5.32826  1.000 51.29000  ? 311 LEU A CD2 1 
ATOM   1214 N N   . ILE A 1 173 ? -5.91434  3.73685   -1.49688  1.000 49.91000  ? 312 ILE A N   1 
ATOM   1215 C CA  . ILE A 1 173 ? -6.56491  4.56393   -0.48741  1.000 40.59000  ? 312 ILE A CA  1 
ATOM   1216 C C   . ILE A 1 173 ? -5.73220  5.82827   -0.31746  1.000 46.55000  ? 312 ILE A C   1 
ATOM   1217 O O   . ILE A 1 173 ? -4.61385  5.77827   0.21221   1.000 59.39000  ? 312 ILE A O   1 
ATOM   1218 C CB  . ILE A 1 173 ? -6.71767  3.81947   0.84488   1.000 45.05000  ? 312 ILE A CB  1 
ATOM   1219 C CG1 . ILE A 1 173 ? -7.48364  2.51124   0.63161   1.000 36.89000  ? 312 ILE A CG1 1 
ATOM   1220 C CG2 . ILE A 1 173 ? -7.41125  4.70952   1.87170   1.000 35.41000  ? 312 ILE A CG2 1 
ATOM   1221 C CD1 . ILE A 1 173 ? -7.58740  1.65451   1.87577   1.000 43.30000  ? 312 ILE A CD1 1 
ATOM   1222 N N   . ALA A 1 174 ? -6.27487  6.96429   -0.74609  1.000 42.01000  ? 313 ALA A N   1 
ATOM   1223 C CA  . ALA A 1 174 ? -5.62165  8.25684   -0.59228  1.000 33.05000  ? 313 ALA A CA  1 
ATOM   1224 C C   . ALA A 1 174 ? -6.42145  9.12202   0.37305   1.000 27.50000  ? 313 ALA A C   1 
ATOM   1225 O O   . ALA A 1 174 ? -7.65672  9.12136   0.34613   1.000 54.20000  ? 313 ALA A O   1 
ATOM   1226 C CB  . ALA A 1 174 ? -5.47770  8.96534   -1.93948  1.000 15.09000  ? 313 ALA A CB  1 
ATOM   1227 N N   . TYR A 1 175 ? -5.71613  9.85158   1.23542   1.000 37.56000  ? 314 TYR A N   1 
ATOM   1228 C CA  . TYR A 1 175 ? -6.38065  10.68074  2.22947   1.000 70.34000  ? 314 TYR A CA  1 
ATOM   1229 C C   . TYR A 1 175 ? -5.48120  11.84213  2.62409   1.000 50.82000  ? 314 TYR A C   1 
ATOM   1230 O O   . TYR A 1 175 ? -4.25279  11.75645  2.53981   1.000 26.90000  ? 314 TYR A O   1 
ATOM   1231 C CB  . TYR A 1 175 ? -6.75730  9.85807   3.46351   1.000 23.36000  ? 314 TYR A CB  1 
ATOM   1232 C CG  . TYR A 1 175 ? -5.58832  9.12898   4.07028   1.000 35.37000  ? 314 TYR A CG  1 
ATOM   1233 C CD1 . TYR A 1 175 ? -5.20038  7.88367   3.60003   1.000 38.51000  ? 314 TYR A CD1 1 
ATOM   1234 C CD2 . TYR A 1 175 ? -4.86545  9.69004   5.10902   1.000 53.19000  ? 314 TYR A CD2 1 
ATOM   1235 C CE1 . TYR A 1 175 ? -4.13049  7.21630   4.15025   1.000 62.71000  ? 314 TYR A CE1 1 
ATOM   1236 C CE2 . TYR A 1 175 ? -3.79367  9.03032   5.66523   1.000 34.77000  ? 314 TYR A CE2 1 
ATOM   1237 C CZ  . TYR A 1 175 ? -3.43000  7.79590   5.18392   1.000 31.42000  ? 314 TYR A CZ  1 
ATOM   1238 O OH  . TYR A 1 175 ? -2.36010  7.13021   5.73700   1.000 77.96000  ? 314 TYR A OH  1 
ATOM   1239 N N   . GLN A 1 176 ? -6.11200  12.93266  3.05384   1.000 80.63000  ? 315 GLN A N   1 
ATOM   1240 C CA  . GLN A 1 176 ? -5.40774  14.12269  3.52225   1.000 94.80000  ? 315 GLN A CA  1 
ATOM   1241 C C   . GLN A 1 176 ? -6.00555  14.52084  4.86500   1.000 50.25000  ? 315 GLN A C   1 
ATOM   1242 O O   . GLN A 1 176 ? -7.17406  14.91522  4.93523   1.000 74.09000  ? 315 GLN A O   1 
ATOM   1243 C CB  . GLN A 1 176 ? -5.51360  15.26626  2.51167   1.000 65.38000  ? 315 GLN A CB  1 
ATOM   1244 C CG  . GLN A 1 176 ? -4.67268  16.48315  2.87086   1.000 79.83000  ? 315 GLN A CG  1 
ATOM   1245 C CD  . GLN A 1 176 ? -4.78661  17.60570  1.85410   1.000 90.67000  ? 315 GLN A CD  1 
ATOM   1246 O OE1 . GLN A 1 176 ? -5.30823  17.41782  0.75356   1.000 76.91000  ? 315 GLN A OE1 1 
ATOM   1247 N NE2 . GLN A 1 176 ? -4.29720  18.78495  2.22151   1.000 108.35000 ? 315 GLN A NE2 1 
ATOM   1248 N N   . GLU A 1 177 ? -5.21211  14.41381  5.92435   1.000 47.72000  ? 316 GLU A N   1 
ATOM   1249 C CA  . GLU A 1 177 ? -5.70917  14.70955  7.25662   1.000 82.53000  ? 316 GLU A CA  1 
ATOM   1250 C C   . GLU A 1 177 ? -5.98161  16.20487  7.39896   1.000 83.02000  ? 316 GLU A C   1 
ATOM   1251 O O   . GLU A 1 177 ? -5.32882  17.02968  6.75642   1.000 92.85000  ? 316 GLU A O   1 
ATOM   1252 C CB  . GLU A 1 177 ? -4.70343  14.25859  8.31151   1.000 90.54000  ? 316 GLU A CB  1 
ATOM   1253 C CG  . GLU A 1 177 ? -4.46254  12.75977  8.32329   1.000 56.52000  ? 316 GLU A CG  1 
ATOM   1254 C CD  . GLU A 1 177 ? -3.39869  12.34673  9.31268   1.000 62.52000  ? 316 GLU A CD  1 
ATOM   1255 O OE1 . GLU A 1 177 ? -2.73353  13.23721  9.88145   1.000 128.66000 ? 316 GLU A OE1 1 
ATOM   1256 O OE2 . GLU A 1 177 ? -3.22659  11.12949  9.52131   1.000 81.68000  ? 316 GLU A OE2 1 
ATOM   1257 N N   . PRO A 1 178 ? -6.96819  16.58488  8.22918   1.000 101.84000 ? 317 PRO A N   1 
ATOM   1258 C CA  . PRO A 1 178 ? -7.20824  18.01331  8.44905   1.000 81.01000  ? 317 PRO A CA  1 
ATOM   1259 C C   . PRO A 1 178 ? -5.99347  18.70374  9.06579   1.000 110.13000 ? 317 PRO A C   1 
ATOM   1260 O O   . PRO A 1 178 ? -5.37429  18.17565  9.98987   1.000 126.66000 ? 317 PRO A O   1 
ATOM   1261 C CB  . PRO A 1 178 ? -8.40639  18.02454  9.40107   1.000 82.62000  ? 317 PRO A CB  1 
ATOM   1262 C CG  . PRO A 1 178 ? -9.09333  16.71364  9.15560   1.000 65.54000  ? 317 PRO A CG  1 
ATOM   1263 C CD  . PRO A 1 178 ? -7.97446  15.74414  8.89905   1.000 103.82000 ? 317 PRO A CD  1 
ATOM   1264 N N   . SER A 1 183 ? -8.60215  15.42440  14.76712  1.000 128.71000 ? 322 SER A N   1 
ATOM   1265 C CA  . SER A 1 183 ? -8.13050  14.08596  15.06967  1.000 110.92000 ? 322 SER A CA  1 
ATOM   1266 C C   . SER A 1 183 ? -8.63337  13.14812  13.98240  1.000 94.75000  ? 322 SER A C   1 
ATOM   1267 O O   . SER A 1 183 ? -9.79185  13.21570  13.58869  1.000 95.84000  ? 322 SER A O   1 
ATOM   1268 C CB  . SER A 1 183 ? -8.67249  13.59857  16.43575  1.000 129.61000 ? 322 SER A CB  1 
ATOM   1269 O OG  . SER A 1 183 ? -8.10133  12.35523  16.78993  1.000 102.79000 ? 322 SER A OG  1 
ATOM   1270 N N   . PHE A 1 184 ? -7.76031  12.26541  13.47774  1.000 104.31000 ? 323 PHE A N   1 
ATOM   1271 C CA  . PHE A 1 184 ? -8.08263  11.44633  12.30899  1.000 101.14000 ? 323 PHE A CA  1 
ATOM   1272 C C   . PHE A 1 184 ? -8.01635  9.96174   12.63984  1.000 96.50000  ? 323 PHE A C   1 
ATOM   1273 O O   . PHE A 1 184 ? -7.07369  9.50074   13.28880  1.000 120.85000 ? 323 PHE A O   1 
ATOM   1274 C CB  . PHE A 1 184 ? -7.13408  11.76319  11.14231  1.000 126.83000 ? 323 PHE A CB  1 
ATOM   1275 C CG  . PHE A 1 184 ? -7.59526  11.23020  9.81782   1.000 102.79000 ? 323 PHE A CG  1 
ATOM   1276 C CD1 . PHE A 1 184 ? -8.62163  11.85320  9.12770   1.000 89.27000  ? 323 PHE A CD1 1 
ATOM   1277 C CD2 . PHE A 1 184 ? -6.99328  10.11692  9.25496   1.000 72.14000  ? 323 PHE A CD2 1 
ATOM   1278 C CE1 . PHE A 1 184 ? -9.04560  11.36941  7.90547   1.000 72.15000  ? 323 PHE A CE1 1 
ATOM   1279 C CE2 . PHE A 1 184 ? -7.41223  9.62833   8.03410   1.000 44.96000  ? 323 PHE A CE2 1 
ATOM   1280 C CZ  . PHE A 1 184 ? -8.43929  10.25632  7.35817   1.000 81.92000  ? 323 PHE A CZ  1 
ATOM   1281 N N   . SER A 1 185 ? -9.02448  9.21531   12.18547  1.000 63.84000  ? 324 SER A N   1 
ATOM   1282 C CA  . SER A 1 185 ? -9.06290  7.76397   12.33260  1.000 64.79000  ? 324 SER A CA  1 
ATOM   1283 C C   . SER A 1 185 ? -8.76092  7.14249   10.97472  1.000 58.35000  ? 324 SER A C   1 
ATOM   1284 O O   . SER A 1 185 ? -9.57246  7.23532   10.04771  1.000 73.33000  ? 324 SER A O   1 
ATOM   1285 C CB  . SER A 1 185 ? -10.41762 7.29292   12.85819  1.000 70.20000  ? 324 SER A CB  1 
ATOM   1286 O OG  . SER A 1 185 ? -10.45514 5.88007   12.98564  1.000 37.97000  ? 324 SER A OG  1 
ATOM   1287 N N   . LEU A 1 186 ? -7.58881  6.51858   10.85894  1.000 50.92000  ? 325 LEU A N   1 
ATOM   1288 C CA  . LEU A 1 186 ? -7.23065  5.84700   9.61468   1.000 35.85000  ? 325 LEU A CA  1 
ATOM   1289 C C   . LEU A 1 186 ? -8.01040  4.55126   9.44171   1.000 48.51000  ? 325 LEU A C   1 
ATOM   1290 O O   . LEU A 1 186 ? -8.35106  4.17972   8.31255   1.000 46.15000  ? 325 LEU A O   1 
ATOM   1291 C CB  . LEU A 1 186 ? -5.72630  5.57864   9.59161   1.000 55.49000  ? 325 LEU A CB  1 
ATOM   1292 C CG  . LEU A 1 186 ? -5.12566  4.95415   8.33236   1.000 65.84000  ? 325 LEU A CG  1 
ATOM   1293 C CD1 . LEU A 1 186 ? -5.34723  5.83737   7.12093   1.000 74.90000  ? 325 LEU A CD1 1 
ATOM   1294 C CD2 . LEU A 1 186 ? -3.64059  4.69831   8.54649   1.000 56.48000  ? 325 LEU A CD2 1 
ATOM   1295 N N   . SER A 1 187 ? -8.31601  3.86495   10.54539  1.000 44.49000  ? 326 SER A N   1 
ATOM   1296 C CA  . SER A 1 187 ? -9.05166  2.60911   10.45702  1.000 49.40000  ? 326 SER A CA  1 
ATOM   1297 C C   . SER A 1 187 ? -10.39942 2.80970   9.77665   1.000 55.52000  ? 326 SER A C   1 
ATOM   1298 O O   . SER A 1 187 ? -10.80737 1.99950   8.93604   1.000 36.66000  ? 326 SER A O   1 
ATOM   1299 C CB  . SER A 1 187 ? -9.24071  2.01868   11.85436  1.000 43.20000  ? 326 SER A CB  1 
ATOM   1300 O OG  . SER A 1 187 ? -9.98169  2.89739   12.68568  1.000 46.11000  ? 326 SER A OG  1 
ATOM   1301 N N   . GLN A 1 188 ? -11.10621 3.88659   10.12905  1.000 44.08000  ? 327 GLN A N   1 
ATOM   1302 C CA  . GLN A 1 188 ? -12.39820 4.15435   9.50786   1.000 50.49000  ? 327 GLN A CA  1 
ATOM   1303 C C   . GLN A 1 188 ? -12.24415 4.42990   8.01872   1.000 53.77000  ? 327 GLN A C   1 
ATOM   1304 O O   . GLN A 1 188 ? -13.08306 4.00950   7.21262   1.000 56.06000  ? 327 GLN A O   1 
ATOM   1305 C CB  . GLN A 1 188 ? -13.07862 5.33047   10.20745  1.000 39.88000  ? 327 GLN A CB  1 
ATOM   1306 C CG  . GLN A 1 188 ? -13.33324 5.08571   11.68393  1.000 66.33000  ? 327 GLN A CG  1 
ATOM   1307 C CD  . GLN A 1 188 ? -14.15727 3.83486   11.93401  1.000 67.01000  ? 327 GLN A CD  1 
ATOM   1308 O OE1 . GLN A 1 188 ? -13.75479 2.95903   12.69748  1.000 64.62000  ? 327 GLN A OE1 1 
ATOM   1309 N NE2 . GLN A 1 188 ? -15.31602 3.74899   11.28983  1.000 42.21000  ? 327 GLN A NE2 1 
ATOM   1310 N N   . GLU A 1 189 ? -11.18027 5.13979   7.63281   1.000 33.36000  ? 328 GLU A N   1 
ATOM   1311 C CA  . GLU A 1 189 ? -10.96991 5.42727   6.21622   1.000 49.49000  ? 328 GLU A CA  1 
ATOM   1312 C C   . GLU A 1 189 ? -10.78569 4.13864   5.42300   1.000 45.56000  ? 328 GLU A C   1 
ATOM   1313 O O   . GLU A 1 189 ? -11.35770 3.98173   4.33724   1.000 88.55000  ? 328 GLU A O   1 
ATOM   1314 C CB  . GLU A 1 189 ? -9.76267  6.35250   6.04394   1.000 45.61000  ? 328 GLU A CB  1 
ATOM   1315 C CG  . GLU A 1 189 ? -9.52336  6.84077   4.61507   1.000 85.11000  ? 328 GLU A CG  1 
ATOM   1316 C CD  . GLU A 1 189 ? -10.46849 7.95384   4.18717   1.000 93.45000  ? 328 GLU A CD  1 
ATOM   1317 O OE1 . GLU A 1 189 ? -11.25885 8.43298   5.03067   1.000 75.54000  ? 328 GLU A OE1 1 
ATOM   1318 O OE2 . GLU A 1 189 ? -10.41376 8.35278   3.00275   1.000 63.77000  ? 328 GLU A OE2 1 
ATOM   1319 N N   . VAL A 1 190 ? -10.00418 3.19699   5.95600   1.000 46.68000  ? 329 VAL A N   1 
ATOM   1320 C CA  . VAL A 1 190 ? -9.82028  1.91356   5.28263   1.000 57.83000  ? 329 VAL A CA  1 
ATOM   1321 C C   . VAL A 1 190 ? -11.12493 1.12586   5.27836   1.000 47.14000  ? 329 VAL A C   1 
ATOM   1322 O O   . VAL A 1 190 ? -11.54655 0.59851   4.24246   1.000 79.23000  ? 329 VAL A O   1 
ATOM   1323 C CB  . VAL A 1 190 ? -8.68301  1.11972   5.94976   1.000 36.71000  ? 329 VAL A CB  1 
ATOM   1324 C CG1 . VAL A 1 190 ? -8.52342  -0.25297  5.30980   1.000 44.56000  ? 329 VAL A CG1 1 
ATOM   1325 C CG2 . VAL A 1 190 ? -7.38561  1.89714   5.85954   1.000 36.57000  ? 329 VAL A CG2 1 
ATOM   1326 N N   . LEU A 1 191 ? -11.78875 1.04364   6.43375   1.000 41.80000  ? 330 LEU A N   1 
ATOM   1327 C CA  . LEU A 1 191 ? -13.02967 0.28232   6.51380   1.000 31.16000  ? 330 LEU A CA  1 
ATOM   1328 C C   . LEU A 1 191 ? -14.06392 0.79410   5.52244   1.000 55.42000  ? 330 LEU A C   1 
ATOM   1329 O O   . LEU A 1 191 ? -14.89338 0.01727   5.03557   1.000 72.79000  ? 330 LEU A O   1 
ATOM   1330 C CB  . LEU A 1 191 ? -13.58080 0.33227   7.93682   1.000 33.21000  ? 330 LEU A CB  1 
ATOM   1331 C CG  . LEU A 1 191 ? -12.80719 -0.50712  8.95583   1.000 45.17000  ? 330 LEU A CG  1 
ATOM   1332 C CD1 . LEU A 1 191 ? -13.25542 -0.18450  10.37398  1.000 39.38000  ? 330 LEU A CD1 1 
ATOM   1333 C CD2 . LEU A 1 191 ? -12.97128 -1.99756  8.66279   1.000 52.42000  ? 330 LEU A CD2 1 
ATOM   1334 N N   . ARG A 1 192 ? -14.02902 2.08869   5.20358   1.000 46.19000  ? 331 ARG A N   1 
ATOM   1335 C CA  . ARG A 1 192 ? -14.96162 2.62310   4.21814   1.000 62.62000  ? 331 ARG A CA  1 
ATOM   1336 C C   . ARG A 1 192 ? -14.76291 1.94079   2.87035   1.000 53.72000  ? 331 ARG A C   1 
ATOM   1337 O O   . ARG A 1 192 ? -15.71278 1.41227   2.28142   1.000 50.83000  ? 331 ARG A O   1 
ATOM   1338 C CB  . ARG A 1 192 ? -14.78729 4.13743   4.09956   1.000 64.47000  ? 331 ARG A CB  1 
ATOM   1339 C CG  . ARG A 1 192 ? -15.86561 4.83092   3.27864   1.000 78.69000  ? 331 ARG A CG  1 
ATOM   1340 C CD  . ARG A 1 192 ? -15.65925 6.34117   3.24283   1.000 83.96000  ? 331 ARG A CD  1 
ATOM   1341 N NE  . ARG A 1 192 ? -14.39943 6.71338   2.60842   1.000 91.30000  ? 331 ARG A NE  1 
ATOM   1342 C CZ  . ARG A 1 192 ? -14.20196 6.76855   1.29674   1.000 99.18000  ? 331 ARG A CZ  1 
ATOM   1343 N NH1 . ARG A 1 192 ? -15.15885 6.45637   0.43748   1.000 63.31000  ? 331 ARG A NH1 1 
ATOM   1344 N NH2 . ARG A 1 192 ? -13.01093 7.13886   0.83500   1.000 106.59000 ? 331 ARG A NH2 1 
ATOM   1345 N N   . HIS A 1 193 ? -13.51938 1.91200   2.38169   1.000 53.06000  ? 332 HIS A N   1 
ATOM   1346 C CA  . HIS A 1 193 ? -13.23396 1.19020   1.14739   1.000 53.93000  ? 332 HIS A CA  1 
ATOM   1347 C C   . HIS A 1 193 ? -13.56124 -0.28868  1.28624   1.000 63.21000  ? 332 HIS A C   1 
ATOM   1348 O O   . HIS A 1 193 ? -13.99021 -0.92659  0.31805   1.000 87.12000  ? 332 HIS A O   1 
ATOM   1349 C CB  . HIS A 1 193 ? -11.76574 1.35798   0.76192   1.000 67.34000  ? 332 HIS A CB  1 
ATOM   1350 C CG  . HIS A 1 193 ? -11.39413 2.75853   0.39964   1.000 28.43000  ? 332 HIS A CG  1 
ATOM   1351 N ND1 . HIS A 1 193 ? -11.27757 3.18171   -0.90620  1.000 45.82000  ? 332 HIS A ND1 1 
ATOM   1352 C CD2 . HIS A 1 193 ? -11.11181 3.83364   1.17252   1.000 30.77000  ? 332 HIS A CD2 1 
ATOM   1353 C CE1 . HIS A 1 193 ? -10.93956 4.46007   -0.92326  1.000 65.07000  ? 332 HIS A CE1 1 
ATOM   1354 N NE2 . HIS A 1 193 ? -10.83261 4.87838   0.32525   1.000 56.15000  ? 332 HIS A NE2 1 
ATOM   1355 N N   . LEU A 1 194 ? -13.35179 -0.85237  2.47471   1.000 64.19000  ? 333 LEU A N   1 
ATOM   1356 C CA  . LEU A 1 194 ? -13.60726 -2.27343  2.67842   1.000 44.67000  ? 333 LEU A CA  1 
ATOM   1357 C C   . LEU A 1 194 ? -15.09026 -2.58860  2.52968   1.000 59.88000  ? 333 LEU A C   1 
ATOM   1358 O O   . LEU A 1 194 ? -15.46559 -3.54702  1.84616   1.000 72.94000  ? 333 LEU A O   1 
ATOM   1359 C CB  . LEU A 1 194 ? -13.09312 -2.69336  4.05265   1.000 43.58000  ? 333 LEU A CB  1 
ATOM   1360 C CG  . LEU A 1 194 ? -13.03036 -4.18667  4.36872   1.000 87.02000  ? 333 LEU A CG  1 
ATOM   1361 C CD1 . LEU A 1 194 ? -12.04357 -4.88890  3.45212   1.000 59.65000  ? 333 LEU A CD1 1 
ATOM   1362 C CD2 . LEU A 1 194 ? -12.65500 -4.39537  5.83230   1.000 78.43000  ? 333 LEU A CD2 1 
ATOM   1363 N N   . ARG A 1 195 ? -15.95350 -1.77646  3.14734   1.000 63.82000  ? 334 ARG A N   1 
ATOM   1364 C CA  . ARG A 1 195 ? -17.38584 -2.04709  3.10907   1.000 75.55000  ? 334 ARG A CA  1 
ATOM   1365 C C   . ARG A 1 195 ? -18.00128 -1.74974  1.74848   1.000 101.48000 ? 334 ARG A C   1 
ATOM   1366 O O   . ARG A 1 195 ? -19.05555 -2.30724  1.42649   1.000 116.52000 ? 334 ARG A O   1 
ATOM   1367 C CB  . ARG A 1 195 ? -18.09457 -1.23446  4.19199   1.000 62.35000  ? 334 ARG A CB  1 
ATOM   1368 C CG  . ARG A 1 195 ? -17.69521 -1.62794  5.60157   1.000 41.11000  ? 334 ARG A CG  1 
ATOM   1369 C CD  . ARG A 1 195 ? -18.22209 -0.63985  6.63556   1.000 55.20000  ? 334 ARG A CD  1 
ATOM   1370 N NE  . ARG A 1 195 ? -17.62565 0.68414   6.49079   1.000 96.90000  ? 334 ARG A NE  1 
ATOM   1371 C CZ  . ARG A 1 195 ? -17.82264 1.69516   7.32808   1.000 108.22000 ? 334 ARG A CZ  1 
ATOM   1372 N NH1 . ARG A 1 195 ? -18.59756 1.57006   8.39413   1.000 97.12000  ? 334 ARG A NH1 1 
ATOM   1373 N NH2 . ARG A 1 195 ? -17.22552 2.86031   7.09061   1.000 91.17000  ? 334 ARG A NH2 1 
ATOM   1374 N N   . GLN A 1 196 ? -17.37461 -0.88443  0.94636   1.000 85.01000  ? 335 GLN A N   1 
ATOM   1375 C CA  . GLN A 1 196 ? -17.88310 -0.62371  -0.39646  1.000 99.78000  ? 335 GLN A CA  1 
ATOM   1376 C C   . GLN A 1 196 ? -17.66020 -1.81466  -1.31887  1.000 94.64000  ? 335 GLN A C   1 
ATOM   1377 O O   . GLN A 1 196 ? -18.48265 -2.07276  -2.20547  1.000 107.70000 ? 335 GLN A O   1 
ATOM   1378 C CB  . GLN A 1 196 ? -17.21881 0.62409   -0.97554  1.000 82.13000  ? 335 GLN A CB  1 
ATOM   1379 C CG  . GLN A 1 196 ? -17.75726 1.05316   -2.32873  1.000 55.22000  ? 335 GLN A CG  1 
ATOM   1380 C CD  . GLN A 1 196 ? -17.12138 2.34325   -2.80869  1.000 122.48000 ? 335 GLN A CD  1 
ATOM   1381 O OE1 . GLN A 1 196 ? -16.37203 2.98633   -2.07423  1.000 141.31000 ? 335 GLN A OE1 1 
ATOM   1382 N NE2 . GLN A 1 196 ? -17.41582 2.72760   -4.04653  1.000 108.02000 ? 335 GLN A NE2 1 
ATOM   1383 N N   . GLU A 1 197 ? -16.55725 -2.54603  -1.13266  1.000 88.98000  ? 336 GLU A N   1 
ATOM   1384 C CA  . GLU A 1 197 ? -16.30552 -3.74259  -1.92564  1.000 91.43000  ? 336 GLU A CA  1 
ATOM   1385 C C   . GLU A 1 197 ? -17.21657 -4.89613  -1.53269  1.000 97.27000  ? 336 GLU A C   1 
ATOM   1386 O O   . GLU A 1 197 ? -17.45012 -5.79291  -2.35169  1.000 100.78000 ? 336 GLU A O   1 
ATOM   1387 C CB  . GLU A 1 197 ? -14.84728 -4.16772  -1.77871  1.000 73.19000  ? 336 GLU A CB  1 
ATOM   1388 C CG  . GLU A 1 197 ? -13.86081 -3.09326  -2.16904  1.000 81.06000  ? 336 GLU A CG  1 
ATOM   1389 C CD  . GLU A 1 197 ? -12.44654 -3.46553  -1.80302  1.000 119.45000 ? 336 GLU A CD  1 
ATOM   1390 O OE1 . GLU A 1 197 ? -12.17600 -4.67544  -1.65247  1.000 113.56000 ? 336 GLU A OE1 1 
ATOM   1391 O OE2 . GLU A 1 197 ? -11.60695 -2.55212  -1.65947  1.000 140.34000 ? 336 GLU A OE2 1 
ATOM   1392 N N   . GLU A 1 198 ? -17.73343 -4.89120  -0.30219  1.000 100.56000 ? 337 GLU A N   1 
ATOM   1393 C CA  . GLU A 1 198 ? -18.73195 -5.86771  0.11765   1.000 112.11000 ? 337 GLU A CA  1 
ATOM   1394 C C   . GLU A 1 198 ? -20.03042 -5.73847  -0.66773  1.000 110.90000 ? 337 GLU A C   1 
ATOM   1395 O O   . GLU A 1 198 ? -20.86648 -6.64712  -0.60673  1.000 106.05000 ? 337 GLU A O   1 
ATOM   1396 C CB  . GLU A 1 198 ? -19.00658 -5.70060  1.61335   1.000 93.61000  ? 337 GLU A CB  1 
ATOM   1397 C CG  . GLU A 1 198 ? -19.77732 -6.83751  2.25142   1.000 96.38000  ? 337 GLU A CG  1 
ATOM   1398 C CD  . GLU A 1 198 ? -19.99573 -6.61617  3.73495   1.000 135.58000 ? 337 GLU A CD  1 
ATOM   1399 O OE1 . GLU A 1 198 ? -19.45166 -5.62582  4.27150   1.000 113.34000 ? 337 GLU A OE1 1 
ATOM   1400 O OE2 . GLU A 1 198 ? -20.71047 -7.42463  4.36354   1.000 134.26000 ? 337 GLU A OE2 1 
ATOM   1401 N N   . LYS A 1 199 ? -20.21941 -4.63621  -1.39002  1.000 116.00000 ? 338 LYS A N   1 
ATOM   1402 C CA  . LYS A 1 199 ? -21.41487 -4.41836  -2.19681  1.000 103.50000 ? 338 LYS A CA  1 
ATOM   1403 C C   . LYS A 1 199 ? -21.21852 -4.90345  -3.63033  1.000 61.22000  ? 338 LYS A C   1 
ATOM   1404 O O   . LYS A 1 199 ? -20.60164 -5.94190  -3.86763  1.000 57.82000  ? 338 LYS A O   1 
ATOM   1405 C CB  . LYS A 1 199 ? -21.77772 -2.93098  -2.19437  1.000 105.25000 ? 338 LYS A CB  1 
ATOM   1406 C CG  . LYS A 1 199 ? -21.96506 -2.35336  -0.80060  1.000 115.86000 ? 338 LYS A CG  1 
ATOM   1407 C CD  . LYS A 1 199 ? -22.11510 -0.84059  -0.82365  1.000 67.95000  ? 338 LYS A CD  1 
ATOM   1408 C CE  . LYS A 1 199 ? -22.43706 -0.30220  0.56540   1.000 84.52000  ? 338 LYS A CE  1 
ATOM   1409 N NZ  . LYS A 1 199 ? -21.41624 -0.68373  1.58839   1.000 79.30000  ? 338 LYS A NZ  1 
HETATM 1410 C C2  . KZA B 2 .   ? 16.91860  -5.52055  -4.00053  0.500 40.66000  ? 401 KZA A C2  1 
HETATM 1411 C C4  . KZA B 2 .   ? 16.07178  -3.51438  -3.49421  0.500 32.90000  ? 401 KZA A C4  1 
HETATM 1412 C C5  . KZA B 2 .   ? 15.46658  -3.97808  -2.35127  0.500 36.23000  ? 401 KZA A C5  1 
HETATM 1413 C C6  . KZA B 2 .   ? 15.64590  -5.33598  -2.07669  0.500 51.12000  ? 401 KZA A C6  1 
HETATM 1414 N N16 . KZA B 2 .   ? 9.81573   -6.57210  -1.80882  0.500 46.67000  ? 401 KZA A N16 1 
HETATM 1415 C C15 . KZA B 2 .   ? 9.29653   -4.48224  -2.82415  0.500 36.04000  ? 401 KZA A C15 1 
HETATM 1416 C C18 . KZA B 2 .   ? 9.73838   -3.31867  -4.54940  0.500 38.50000  ? 401 KZA A C18 1 
HETATM 1417 C C14 . KZA B 2 .   ? 8.57037   -3.32158  -2.68943  0.500 33.77000  ? 401 KZA A C14 1 
HETATM 1418 C C21 . KZA B 2 .   ? 16.16373  -1.25541  -4.61351  0.500 37.35000  ? 401 KZA A C21 1 
HETATM 1419 C C22 . KZA B 2 .   ? 15.45231  -1.52166  -5.94756  0.500 39.93000  ? 401 KZA A C22 1 
HETATM 1420 C C23 . KZA B 2 .   ? 14.18285  -0.67865  -5.80388  0.500 34.59000  ? 401 KZA A C23 1 
HETATM 1421 C C24 . KZA B 2 .   ? 14.76413  0.57577   -5.14765  0.500 37.00000  ? 401 KZA A C24 1 
HETATM 1422 C C25 . KZA B 2 .   ? 13.79253  1.46418   -4.42077  0.500 30.38000  ? 401 KZA A C25 1 
HETATM 1423 C C12 . KZA B 2 .   ? 7.69521   -3.95705  -0.73455  0.500 40.66000  ? 401 KZA A C12 1 
HETATM 1424 C C16 . KZA B 2 .   ? 9.15810   -5.40695  -1.78616  0.500 49.71000  ? 401 KZA A C16 1 
HETATM 1425 C C31 . KZA B 2 .   ? 8.32151   -1.23341  -4.10935  0.500 37.54000  ? 401 KZA A C31 1 
HETATM 1426 C C32 . KZA B 2 .   ? 8.99481   -0.13721  -3.27668  0.500 39.91000  ? 401 KZA A C32 1 
HETATM 1427 C C33 . KZA B 2 .   ? 10.22909  0.15772   -4.11680  0.500 35.93000  ? 401 KZA A C33 1 
HETATM 1428 C C34 . KZA B 2 .   ? 9.63020   0.29302   -5.52017  0.500 36.80000  ? 401 KZA A C34 1 
HETATM 1429 C C35 . KZA B 2 .   ? 10.61583  0.18951   -6.66528  0.500 32.05000  ? 401 KZA A C35 1 
HETATM 1430 C C36 . KZA B 2 .   ? 8.54479   -0.80588  -5.57562  0.500 38.10000  ? 401 KZA A C36 1 
HETATM 1431 C C8  . KZA B 2 .   ? 14.99377  -1.90559  -2.45932  0.500 38.66000  ? 401 KZA A C8  1 
HETATM 1432 F F22 . KZA B 2 .   ? 16.23286  -1.06382  -7.00916  0.500 36.09000  ? 401 KZA A F22 1 
HETATM 1433 F F32 . KZA B 2 .   ? 8.16995   0.98099   -3.19324  0.500 35.80000  ? 401 KZA A F32 1 
HETATM 1434 N N1  . KZA B 2 .   ? 16.37980  -6.09812  -2.91698  0.500 58.87000  ? 401 KZA A N1  1 
HETATM 1435 N N11 . KZA B 2 .   ? 8.34851   -5.12827  -0.74213  0.500 59.88000  ? 401 KZA A N11 1 
HETATM 1436 N N13 . KZA B 2 .   ? 7.75570   -3.00143  -1.67514  0.500 35.32000  ? 401 KZA A N13 1 
HETATM 1437 N N17 . KZA B 2 .   ? 10.02943  -4.47749  -3.99631  0.500 36.81000  ? 401 KZA A N17 1 
HETATM 1438 N N19 . KZA B 2 .   ? 8.83575   -2.58300  -3.80968  0.500 42.15000  ? 401 KZA A N19 1 
HETATM 1439 N N3  . KZA B 2 .   ? 16.80921  -4.23202  -4.35664  0.500 35.09000  ? 401 KZA A N3  1 
HETATM 1440 N N6  . KZA B 2 .   ? 15.10301  -5.89838  -0.99220  0.500 46.88000  ? 401 KZA A N6  1 
HETATM 1441 N N7  . KZA B 2 .   ? 14.78763  -2.96197  -1.70146  0.500 37.16000  ? 401 KZA A N7  1 
HETATM 1442 N N9  . KZA B 2 .   ? 15.78385  -2.17733  -3.55089  0.500 41.99000  ? 401 KZA A N9  1 
HETATM 1443 O O23 . KZA B 2 .   ? 13.58756  -0.43532  -7.06713  0.500 52.61000  ? 401 KZA A O23 1 
HETATM 1444 O O24 . KZA B 2 .   ? 15.77744  0.06396   -4.23116  0.500 37.56000  ? 401 KZA A O24 1 
HETATM 1445 O O25 . KZA B 2 .   ? 13.26706  0.77978   -3.27814  0.500 28.98000  ? 401 KZA A O25 1 
HETATM 1446 O O26 . KZA B 2 .   ? 11.56141  0.37875   -1.51800  0.500 34.83000  ? 401 KZA A O26 1 
HETATM 1447 O O33 . KZA B 2 .   ? 10.84433  1.36752   -3.69452  0.500 51.79000  ? 401 KZA A O33 1 
HETATM 1448 O O35 . KZA B 2 .   ? 11.16795  -1.14250  -6.75143  0.500 28.57000  ? 401 KZA A O35 1 
HETATM 1449 O O36 . KZA B 2 .   ? 12.90932  -2.81958  -7.35214  0.500 35.29000  ? 401 KZA A O36 1 
HETATM 1450 P P25 . KZA B 2 .   ? 11.95811  1.31983   -2.56400  0.500 32.99000  ? 401 KZA A P25 1 
HETATM 1451 P P35 . KZA B 2 .   ? 12.48122  -1.44117  -7.60085  0.500 33.16000  ? 401 KZA A P35 1 
HETATM 1452 S S26 . KZA B 2 .   ? 12.28798  3.23608   -1.88566  0.500 51.64000  ? 401 KZA A S26 1 
HETATM 1453 S S36 . KZA B 2 .   ? 12.12909  -1.02310  -9.58401  0.500 50.49000  ? 401 KZA A S36 1 
# 
loop_
_pdbx_poly_seq_scheme.asym_id 
_pdbx_poly_seq_scheme.entity_id 
_pdbx_poly_seq_scheme.seq_id 
_pdbx_poly_seq_scheme.mon_id 
_pdbx_poly_seq_scheme.ndb_seq_num 
_pdbx_poly_seq_scheme.pdb_seq_num 
_pdbx_poly_seq_scheme.auth_seq_num 
_pdbx_poly_seq_scheme.pdb_mon_id 
_pdbx_poly_seq_scheme.auth_mon_id 
_pdbx_poly_seq_scheme.pdb_strand_id 
_pdbx_poly_seq_scheme.pdb_ins_code 
_pdbx_poly_seq_scheme.hetero 
A 1 1   ALA 1   140 ?   ?   ?   A . n 
A 1 2   PRO 2   141 ?   ?   ?   A . n 
A 1 3   ALA 3   142 ?   ?   ?   A . n 
A 1 4   GLU 4   143 ?   ?   ?   A . n 
A 1 5   ILE 5   144 ?   ?   ?   A . n 
A 1 6   SER 6   145 ?   ?   ?   A . n 
A 1 7   ALA 7   146 ?   ?   ?   A . n 
A 1 8   VAL 8   147 ?   ?   ?   A . n 
A 1 9   CYS 9   148 ?   ?   ?   A . n 
A 1 10  GLU 10  149 ?   ?   ?   A . n 
A 1 11  LYS 11  150 ?   ?   ?   A . n 
A 1 12  GLY 12  151 ?   ?   ?   A . n 
A 1 13  ASN 13  152 ?   ?   ?   A . n 
A 1 14  PHE 14  153 ?   ?   ?   A . n 
A 1 15  ASN 15  154 154 ASN ASN A . n 
A 1 16  VAL 16  155 155 VAL VAL A . n 
A 1 17  ALA 17  156 156 ALA ALA A . n 
A 1 18  HIS 18  157 157 HIS HIS A . n 
A 1 19  GLY 19  158 158 GLY GLY A . n 
A 1 20  LEU 20  159 159 LEU LEU A . n 
A 1 21  ALA 21  160 160 ALA ALA A . n 
A 1 22  TRP 22  161 161 TRP TRP A . n 
A 1 23  SER 23  162 162 SER SER A . n 
A 1 24  TYR 24  163 163 TYR TYR A . n 
A 1 25  TYR 25  164 164 TYR TYR A . n 
A 1 26  ILE 26  165 165 ILE ILE A . n 
A 1 27  GLY 27  166 166 GLY GLY A . n 
A 1 28  TYR 28  167 167 TYR TYR A . n 
A 1 29  LEU 29  168 168 LEU LEU A . n 
A 1 30  ARG 30  169 169 ARG ARG A . n 
A 1 31  LEU 31  170 170 LEU LEU A . n 
A 1 32  ILE 32  171 171 ILE ILE A . n 
A 1 33  LEU 33  172 172 LEU LEU A . n 
A 1 34  PRO 34  173 173 PRO PRO A . n 
A 1 35  GLU 35  174 174 GLU GLU A . n 
A 1 36  LEU 36  175 175 LEU LEU A . n 
A 1 37  GLN 37  176 176 GLN GLN A . n 
A 1 38  ALA 38  177 177 ALA ALA A . n 
A 1 39  ARG 39  178 178 ARG ARG A . n 
A 1 40  ILE 40  179 179 ILE ILE A . n 
A 1 41  ARG 41  180 180 ARG ARG A . n 
A 1 42  THR 42  181 181 THR THR A . n 
A 1 43  TYR 43  182 182 TYR TYR A . n 
A 1 44  ASN 44  183 183 ASN ASN A . n 
A 1 45  GLN 45  184 184 GLN GLN A . n 
A 1 46  HIS 46  185 185 HIS HIS A . n 
A 1 47  TYR 47  186 ?   ?   ?   A . n 
A 1 48  ASN 48  187 ?   ?   ?   A . n 
A 1 49  ASN 49  188 ?   ?   ?   A . n 
A 1 50  LEU 50  189 ?   ?   ?   A . n 
A 1 51  LEU 51  190 ?   ?   ?   A . n 
A 1 52  ARG 52  191 ?   ?   ?   A . n 
A 1 53  GLY 53  192 192 GLY GLY A . n 
A 1 54  ALA 54  193 193 ALA ALA A . n 
A 1 55  VAL 55  194 194 VAL VAL A . n 
A 1 56  SER 56  195 195 SER SER A . n 
A 1 57  GLN 57  196 196 GLN GLN A . n 
A 1 58  ARG 58  197 197 ARG ARG A . n 
A 1 59  LEU 59  198 198 LEU LEU A . n 
A 1 60  TYR 60  199 199 TYR TYR A . n 
A 1 61  ILE 61  200 200 ILE ILE A . n 
A 1 62  LEU 62  201 201 LEU LEU A . n 
A 1 63  LEU 63  202 202 LEU LEU A . n 
A 1 64  PRO 64  203 203 PRO PRO A . n 
A 1 65  LEU 65  204 204 LEU LEU A . n 
A 1 66  ASP 66  205 205 ASP ASP A . n 
A 1 67  CYS 67  206 206 CYS CYS A . n 
A 1 68  GLY 68  207 207 GLY GLY A . n 
A 1 69  VAL 69  208 208 VAL VAL A . n 
A 1 70  PRO 70  209 209 PRO PRO A . n 
A 1 71  ASP 71  210 210 ASP ASP A . n 
A 1 72  ASN 72  211 211 ASN ASN A . n 
A 1 73  LEU 73  212 212 LEU LEU A . n 
A 1 74  SER 74  213 213 SER SER A . n 
A 1 75  MET 75  214 214 MET MET A . n 
A 1 76  ALA 76  215 215 ALA ALA A . n 
A 1 77  ASP 77  216 216 ASP ASP A . n 
A 1 78  PRO 78  217 217 PRO PRO A . n 
A 1 79  ASN 79  218 218 ASN ASN A . n 
A 1 80  ILE 80  219 219 ILE ILE A . n 
A 1 81  ARG 81  220 220 ARG ARG A . n 
A 1 82  PHE 82  221 221 PHE PHE A . n 
A 1 83  LEU 83  222 222 LEU LEU A . n 
A 1 84  ASP 84  223 223 ASP ASP A . n 
A 1 85  LYS 85  224 224 LYS LYS A . n 
A 1 86  LEU 86  225 225 LEU LEU A . n 
A 1 87  PRO 87  226 226 PRO PRO A . n 
A 1 88  GLN 88  227 227 GLN GLN A . n 
A 1 89  GLN 89  228 228 GLN GLN A . n 
A 1 90  THR 90  229 229 THR THR A . n 
A 1 91  GLY 91  230 230 GLY GLY A . n 
A 1 92  ASP 92  231 231 ASP ASP A . n 
A 1 93  ARG 93  232 232 ARG ARG A . n 
A 1 94  ALA 94  233 233 ALA ALA A . n 
A 1 95  GLY 95  234 234 GLY GLY A . n 
A 1 96  ILE 96  235 235 ILE ILE A . n 
A 1 97  LYS 97  236 236 LYS LYS A . n 
A 1 98  ASP 98  237 237 ASP ASP A . n 
A 1 99  ARG 99  238 238 ARG ARG A . n 
A 1 100 VAL 100 239 239 VAL VAL A . n 
A 1 101 TYR 101 240 240 TYR TYR A . n 
A 1 102 SER 102 241 241 SER SER A . n 
A 1 103 ASN 103 242 242 ASN ASN A . n 
A 1 104 SER 104 243 243 SER SER A . n 
A 1 105 ILE 105 244 244 ILE ILE A . n 
A 1 106 TYR 106 245 245 TYR TYR A . n 
A 1 107 GLU 107 246 246 GLU GLU A . n 
A 1 108 LEU 108 247 247 LEU LEU A . n 
A 1 109 LEU 109 248 248 LEU LEU A . n 
A 1 110 GLU 110 249 249 GLU GLU A . n 
A 1 111 ASN 111 250 250 ASN ASN A . n 
A 1 112 GLY 112 251 251 GLY GLY A . n 
A 1 113 GLN 113 252 252 GLN GLN A . n 
A 1 114 ARG 114 253 253 ARG ARG A . n 
A 1 115 ALA 115 254 254 ALA ALA A . n 
A 1 116 GLY 116 255 255 GLY GLY A . n 
A 1 117 THR 117 256 256 THR THR A . n 
A 1 118 CYS 118 257 257 CYS CYS A . n 
A 1 119 VAL 119 258 258 VAL VAL A . n 
A 1 120 LEU 120 259 259 LEU LEU A . n 
A 1 121 GLU 121 260 260 GLU GLU A . n 
A 1 122 TYR 122 261 261 TYR TYR A . n 
A 1 123 ALA 123 262 262 ALA ALA A . n 
A 1 124 THR 124 263 263 THR THR A . n 
A 1 125 PRO 125 264 264 PRO PRO A . n 
A 1 126 LEU 126 265 265 LEU LEU A . n 
A 1 127 GLN 127 266 266 GLN GLN A . n 
A 1 128 THR 128 267 267 THR THR A . n 
A 1 129 LEU 129 268 268 LEU LEU A . n 
A 1 130 PHE 130 269 269 PHE PHE A . n 
A 1 131 ALA 131 270 270 ALA ALA A . n 
A 1 132 MET 132 271 271 MET MET A . n 
A 1 133 SER 133 272 272 SER SER A . n 
A 1 134 GLN 134 273 273 GLN GLN A . n 
A 1 135 TYR 135 274 274 TYR TYR A . n 
A 1 136 SER 136 275 275 SER SER A . n 
A 1 137 GLN 137 276 276 GLN GLN A . n 
A 1 138 ALA 138 277 277 ALA ALA A . n 
A 1 139 GLY 139 278 278 GLY GLY A . n 
A 1 140 PHE 140 279 279 PHE PHE A . n 
A 1 141 SER 141 280 280 SER SER A . n 
A 1 142 ARG 142 281 281 ARG ARG A . n 
A 1 143 GLU 143 282 282 GLU GLU A . n 
A 1 144 ASP 144 283 283 ASP ASP A . n 
A 1 145 ARG 145 284 284 ARG ARG A . n 
A 1 146 LEU 146 285 285 LEU LEU A . n 
A 1 147 GLU 147 286 286 GLU GLU A . n 
A 1 148 GLN 148 287 287 GLN GLN A . n 
A 1 149 ALA 149 288 288 ALA ALA A . n 
A 1 150 LYS 150 289 289 LYS LYS A . n 
A 1 151 LEU 151 290 290 LEU LEU A . n 
A 1 152 PHE 152 291 291 PHE PHE A . n 
A 1 153 CYS 153 292 292 CYS CYS A . n 
A 1 154 ARG 154 293 293 ARG ARG A . n 
A 1 155 THR 155 294 294 THR THR A . n 
A 1 156 LEU 156 295 295 LEU LEU A . n 
A 1 157 GLU 157 296 296 GLU GLU A . n 
A 1 158 ASP 158 297 297 ASP ASP A . n 
A 1 159 ILE 159 298 298 ILE ILE A . n 
A 1 160 LEU 160 299 299 LEU LEU A . n 
A 1 161 ALA 161 300 300 ALA ALA A . n 
A 1 162 ASP 162 301 301 ASP ASP A . n 
A 1 163 ALA 163 302 302 ALA ALA A . n 
A 1 164 PRO 164 303 303 PRO PRO A . n 
A 1 165 GLU 165 304 304 GLU GLU A . n 
A 1 166 SER 166 305 305 SER SER A . n 
A 1 167 GLN 167 306 306 GLN GLN A . n 
A 1 168 ASN 168 307 307 ASN ASN A . n 
A 1 169 ASN 169 308 308 ASN ASN A . n 
A 1 170 CYS 170 309 309 CYS CYS A . n 
A 1 171 ARG 171 310 310 ARG ARG A . n 
A 1 172 LEU 172 311 311 LEU LEU A . n 
A 1 173 ILE 173 312 312 ILE ILE A . n 
A 1 174 ALA 174 313 313 ALA ALA A . n 
A 1 175 TYR 175 314 314 TYR TYR A . n 
A 1 176 GLN 176 315 315 GLN GLN A . n 
A 1 177 GLU 177 316 316 GLU GLU A . n 
A 1 178 PRO 178 317 317 PRO PRO A . n 
A 1 179 ALA 179 318 ?   ?   ?   A . n 
A 1 180 ASP 180 319 ?   ?   ?   A . n 
A 1 181 ASP 181 320 ?   ?   ?   A . n 
A 1 182 SER 182 321 ?   ?   ?   A . n 
A 1 183 SER 183 322 322 SER SER A . n 
A 1 184 PHE 184 323 323 PHE PHE A . n 
A 1 185 SER 185 324 324 SER SER A . n 
A 1 186 LEU 186 325 325 LEU LEU A . n 
A 1 187 SER 187 326 326 SER SER A . n 
A 1 188 GLN 188 327 327 GLN GLN A . n 
A 1 189 GLU 189 328 328 GLU GLU A . n 
A 1 190 VAL 190 329 329 VAL VAL A . n 
A 1 191 LEU 191 330 330 LEU LEU A . n 
A 1 192 ARG 192 331 331 ARG ARG A . n 
A 1 193 HIS 193 332 332 HIS HIS A . n 
A 1 194 LEU 194 333 333 LEU LEU A . n 
A 1 195 ARG 195 334 334 ARG ARG A . n 
A 1 196 GLN 196 335 335 GLN GLN A . n 
A 1 197 GLU 197 336 336 GLU GLU A . n 
A 1 198 GLU 198 337 337 GLU GLU A . n 
A 1 199 LYS 199 338 338 LYS LYS A . n 
A 1 200 GLU 200 339 ?   ?   ?   A . n 
A 1 201 GLU 201 340 ?   ?   ?   A . n 
A 1 202 VAL 202 341 ?   ?   ?   A . n 
A 1 203 THR 203 342 ?   ?   ?   A . n 
A 1 204 VAL 204 343 ?   ?   ?   A . n 
# 
_pdbx_contact_author.id                 2 
_pdbx_contact_author.email              boura@uochb.cas.cz 
_pdbx_contact_author.name_first         Evzen 
_pdbx_contact_author.name_last          Boura 
_pdbx_contact_author.name_mi            ? 
_pdbx_contact_author.role               'principal investigator/group leader' 
_pdbx_contact_author.identifier_ORCID   0000-0002-9652-4065 
# 
_pdbx_nonpoly_scheme.asym_id         B 
_pdbx_nonpoly_scheme.entity_id       2 
_pdbx_nonpoly_scheme.mon_id          KZA 
_pdbx_nonpoly_scheme.ndb_seq_num     1 
_pdbx_nonpoly_scheme.pdb_seq_num     401 
_pdbx_nonpoly_scheme.auth_seq_num    1 
_pdbx_nonpoly_scheme.pdb_mon_id      KZA 
_pdbx_nonpoly_scheme.auth_mon_id     185 
_pdbx_nonpoly_scheme.pdb_strand_id   A 
_pdbx_nonpoly_scheme.pdb_ins_code    . 
# 
_pdbx_struct_assembly.id                   1 
_pdbx_struct_assembly.details              author_and_software_defined_assembly 
_pdbx_struct_assembly.method_details       PISA 
_pdbx_struct_assembly.oligomeric_details   dimeric 
_pdbx_struct_assembly.oligomeric_count     2 
# 
_pdbx_struct_assembly_gen.assembly_id       1 
_pdbx_struct_assembly_gen.oper_expression   1,2 
_pdbx_struct_assembly_gen.asym_id_list      A,B 
# 
loop_
_pdbx_struct_assembly_prop.biol_id 
_pdbx_struct_assembly_prop.type 
_pdbx_struct_assembly_prop.value 
_pdbx_struct_assembly_prop.details 
1 'ABSA (A^2)' 3890  ? 
1 MORE         -15   ? 
1 'SSA (A^2)'  16220 ? 
# 
loop_
_pdbx_struct_oper_list.id 
_pdbx_struct_oper_list.type 
_pdbx_struct_oper_list.name 
_pdbx_struct_oper_list.symmetry_operation 
_pdbx_struct_oper_list.matrix[1][1] 
_pdbx_struct_oper_list.matrix[1][2] 
_pdbx_struct_oper_list.matrix[1][3] 
_pdbx_struct_oper_list.vector[1] 
_pdbx_struct_oper_list.matrix[2][1] 
_pdbx_struct_oper_list.matrix[2][2] 
_pdbx_struct_oper_list.matrix[2][3] 
_pdbx_struct_oper_list.vector[2] 
_pdbx_struct_oper_list.matrix[3][1] 
_pdbx_struct_oper_list.matrix[3][2] 
_pdbx_struct_oper_list.matrix[3][3] 
_pdbx_struct_oper_list.vector[3] 
1 'identity operation'         1_555 x,y,z  1.0000000000  0.0000000000  0.0000000000 0.0000000000  0.0000000000  1.0000000000 0.0000000000  0.0000000000  0.0000000000 0.0000000000  1.0000000000  0.0000000000  
2 'crystal symmetry operation' 7_555 y,x,-z -0.9988646580 -0.0411509642 0.0239998563 24.5822912520 -0.0411509642 0.4915346082 -0.8698852379 -3.9272102546 0.0239998563 -0.8698852379 -0.4926699502 -7.8966221014 
# 
_pdbx_audit_revision_history.ordinal             1 
_pdbx_audit_revision_history.data_content_type   'Structure model' 
_pdbx_audit_revision_history.major_revision      1 
_pdbx_audit_revision_history.minor_revision      0 
_pdbx_audit_revision_history.revision_date       2023-12-20 
# 
_pdbx_audit_revision_details.ordinal             1 
_pdbx_audit_revision_details.revision_ordinal    1 
_pdbx_audit_revision_details.data_content_type   'Structure model' 
_pdbx_audit_revision_details.provider            repository 
_pdbx_audit_revision_details.type                'Initial release' 
_pdbx_audit_revision_details.description         ? 
_pdbx_audit_revision_details.details             ? 
# 
loop_
_space_group_symop.id 
_space_group_symop.operation_xyz 
1 x,y,z               
2 -y+1/2,x+1/2,z+1/4  
3 y+1/2,-x+1/2,z+3/4  
4 x+1/2,-y+1/2,-z+3/4 
5 -x+1/2,y+1/2,-z+1/4 
6 -x,-y,z+1/2         
7 y,x,-z              
8 -y,-x,-z+1/2        
# 
loop_
_software.citation_id 
_software.classification 
_software.compiler_name 
_software.compiler_version 
_software.contact_author 
_software.contact_author_email 
_software.date 
_software.description 
_software.dependencies 
_software.hardware 
_software.language 
_software.location 
_software.mods 
_software.name 
_software.os 
_software.os_version 
_software.type 
_software.version 
_software.pdbx_ordinal 
? 'data reduction' ? ? ? ? ? ? ? ? ? ? ? XDS    ? ? ? xdsgui2   1 
? 'data scaling'   ? ? ? ? ? ? ? ? ? ? ? XDS    ? ? ? xdsgui2   2 
? phasing          ? ? ? ? ? ? ? ? ? ? ? PHASER ? ? ? 2.8.3     3 
? 'model building' ? ? ? ? ? ? ? ? ? ? ? Coot   ? ? ? 0.9.6     4 
? refinement       ? ? ? ? ? ? ? ? ? ? ? PHENIX ? ? ? 1.20_4459 5 
# 
_pdbx_entry_details.entry_id                 8A2X 
_pdbx_entry_details.has_ligand_of_interest   Y 
_pdbx_entry_details.compound_details         ? 
_pdbx_entry_details.source_details           ? 
_pdbx_entry_details.nonpolymer_details       ? 
_pdbx_entry_details.sequence_details         ? 
# 
loop_
_pdbx_unobs_or_zero_occ_residues.id 
_pdbx_unobs_or_zero_occ_residues.PDB_model_num 
_pdbx_unobs_or_zero_occ_residues.polymer_flag 
_pdbx_unobs_or_zero_occ_residues.occupancy_flag 
_pdbx_unobs_or_zero_occ_residues.auth_asym_id 
_pdbx_unobs_or_zero_occ_residues.auth_comp_id 
_pdbx_unobs_or_zero_occ_residues.auth_seq_id 
_pdbx_unobs_or_zero_occ_residues.PDB_ins_code 
_pdbx_unobs_or_zero_occ_residues.label_asym_id 
_pdbx_unobs_or_zero_occ_residues.label_comp_id 
_pdbx_unobs_or_zero_occ_residues.label_seq_id 
1  1 Y 1 A ALA 140 ? A ALA 1   
2  1 Y 1 A PRO 141 ? A PRO 2   
3  1 Y 1 A ALA 142 ? A ALA 3   
4  1 Y 1 A GLU 143 ? A GLU 4   
5  1 Y 1 A ILE 144 ? A ILE 5   
6  1 Y 1 A SER 145 ? A SER 6   
7  1 Y 1 A ALA 146 ? A ALA 7   
8  1 Y 1 A VAL 147 ? A VAL 8   
9  1 Y 1 A CYS 148 ? A CYS 9   
10 1 Y 1 A GLU 149 ? A GLU 10  
11 1 Y 1 A LYS 150 ? A LYS 11  
12 1 Y 1 A GLY 151 ? A GLY 12  
13 1 Y 1 A ASN 152 ? A ASN 13  
14 1 Y 1 A PHE 153 ? A PHE 14  
15 1 Y 1 A TYR 186 ? A TYR 47  
16 1 Y 1 A ASN 187 ? A ASN 48  
17 1 Y 1 A ASN 188 ? A ASN 49  
18 1 Y 1 A LEU 189 ? A LEU 50  
19 1 Y 1 A LEU 190 ? A LEU 51  
20 1 Y 1 A ARG 191 ? A ARG 52  
21 1 Y 1 A ALA 318 ? A ALA 179 
22 1 Y 1 A ASP 319 ? A ASP 180 
23 1 Y 1 A ASP 320 ? A ASP 181 
24 1 Y 1 A SER 321 ? A SER 182 
25 1 Y 1 A GLU 339 ? A GLU 200 
26 1 Y 1 A GLU 340 ? A GLU 201 
27 1 Y 1 A VAL 341 ? A VAL 202 
28 1 Y 1 A THR 342 ? A THR 203 
29 1 Y 1 A VAL 343 ? A VAL 204 
# 
loop_
_chem_comp_atom.comp_id 
_chem_comp_atom.atom_id 
_chem_comp_atom.type_symbol 
_chem_comp_atom.pdbx_aromatic_flag 
_chem_comp_atom.pdbx_stereo_config 
_chem_comp_atom.pdbx_ordinal 
ALA N    N N N 1   
ALA CA   C N S 2   
ALA C    C N N 3   
ALA O    O N N 4   
ALA CB   C N N 5   
ALA OXT  O N N 6   
ALA H    H N N 7   
ALA H2   H N N 8   
ALA HA   H N N 9   
ALA HB1  H N N 10  
ALA HB2  H N N 11  
ALA HB3  H N N 12  
ALA HXT  H N N 13  
ARG N    N N N 14  
ARG CA   C N S 15  
ARG C    C N N 16  
ARG O    O N N 17  
ARG CB   C N N 18  
ARG CG   C N N 19  
ARG CD   C N N 20  
ARG NE   N N N 21  
ARG CZ   C N N 22  
ARG NH1  N N N 23  
ARG NH2  N N N 24  
ARG OXT  O N N 25  
ARG H    H N N 26  
ARG H2   H N N 27  
ARG HA   H N N 28  
ARG HB2  H N N 29  
ARG HB3  H N N 30  
ARG HG2  H N N 31  
ARG HG3  H N N 32  
ARG HD2  H N N 33  
ARG HD3  H N N 34  
ARG HE   H N N 35  
ARG HH11 H N N 36  
ARG HH12 H N N 37  
ARG HH21 H N N 38  
ARG HH22 H N N 39  
ARG HXT  H N N 40  
ASN N    N N N 41  
ASN CA   C N S 42  
ASN C    C N N 43  
ASN O    O N N 44  
ASN CB   C N N 45  
ASN CG   C N N 46  
ASN OD1  O N N 47  
ASN ND2  N N N 48  
ASN OXT  O N N 49  
ASN H    H N N 50  
ASN H2   H N N 51  
ASN HA   H N N 52  
ASN HB2  H N N 53  
ASN HB3  H N N 54  
ASN HD21 H N N 55  
ASN HD22 H N N 56  
ASN HXT  H N N 57  
ASP N    N N N 58  
ASP CA   C N S 59  
ASP C    C N N 60  
ASP O    O N N 61  
ASP CB   C N N 62  
ASP CG   C N N 63  
ASP OD1  O N N 64  
ASP OD2  O N N 65  
ASP OXT  O N N 66  
ASP H    H N N 67  
ASP H2   H N N 68  
ASP HA   H N N 69  
ASP HB2  H N N 70  
ASP HB3  H N N 71  
ASP HD2  H N N 72  
ASP HXT  H N N 73  
CYS N    N N N 74  
CYS CA   C N R 75  
CYS C    C N N 76  
CYS O    O N N 77  
CYS CB   C N N 78  
CYS SG   S N N 79  
CYS OXT  O N N 80  
CYS H    H N N 81  
CYS H2   H N N 82  
CYS HA   H N N 83  
CYS HB2  H N N 84  
CYS HB3  H N N 85  
CYS HG   H N N 86  
CYS HXT  H N N 87  
GLN N    N N N 88  
GLN CA   C N S 89  
GLN C    C N N 90  
GLN O    O N N 91  
GLN CB   C N N 92  
GLN CG   C N N 93  
GLN CD   C N N 94  
GLN OE1  O N N 95  
GLN NE2  N N N 96  
GLN OXT  O N N 97  
GLN H    H N N 98  
GLN H2   H N N 99  
GLN HA   H N N 100 
GLN HB2  H N N 101 
GLN HB3  H N N 102 
GLN HG2  H N N 103 
GLN HG3  H N N 104 
GLN HE21 H N N 105 
GLN HE22 H N N 106 
GLN HXT  H N N 107 
GLU N    N N N 108 
GLU CA   C N S 109 
GLU C    C N N 110 
GLU O    O N N 111 
GLU CB   C N N 112 
GLU CG   C N N 113 
GLU CD   C N N 114 
GLU OE1  O N N 115 
GLU OE2  O N N 116 
GLU OXT  O N N 117 
GLU H    H N N 118 
GLU H2   H N N 119 
GLU HA   H N N 120 
GLU HB2  H N N 121 
GLU HB3  H N N 122 
GLU HG2  H N N 123 
GLU HG3  H N N 124 
GLU HE2  H N N 125 
GLU HXT  H N N 126 
GLY N    N N N 127 
GLY CA   C N N 128 
GLY C    C N N 129 
GLY O    O N N 130 
GLY OXT  O N N 131 
GLY H    H N N 132 
GLY H2   H N N 133 
GLY HA2  H N N 134 
GLY HA3  H N N 135 
GLY HXT  H N N 136 
HIS N    N N N 137 
HIS CA   C N S 138 
HIS C    C N N 139 
HIS O    O N N 140 
HIS CB   C N N 141 
HIS CG   C Y N 142 
HIS ND1  N Y N 143 
HIS CD2  C Y N 144 
HIS CE1  C Y N 145 
HIS NE2  N Y N 146 
HIS OXT  O N N 147 
HIS H    H N N 148 
HIS H2   H N N 149 
HIS HA   H N N 150 
HIS HB2  H N N 151 
HIS HB3  H N N 152 
HIS HD1  H N N 153 
HIS HD2  H N N 154 
HIS HE1  H N N 155 
HIS HE2  H N N 156 
HIS HXT  H N N 157 
ILE N    N N N 158 
ILE CA   C N S 159 
ILE C    C N N 160 
ILE O    O N N 161 
ILE CB   C N S 162 
ILE CG1  C N N 163 
ILE CG2  C N N 164 
ILE CD1  C N N 165 
ILE OXT  O N N 166 
ILE H    H N N 167 
ILE H2   H N N 168 
ILE HA   H N N 169 
ILE HB   H N N 170 
ILE HG12 H N N 171 
ILE HG13 H N N 172 
ILE HG21 H N N 173 
ILE HG22 H N N 174 
ILE HG23 H N N 175 
ILE HD11 H N N 176 
ILE HD12 H N N 177 
ILE HD13 H N N 178 
ILE HXT  H N N 179 
KZA C2   C Y N 180 
KZA C4   C Y N 181 
KZA C5   C Y N 182 
KZA C6   C Y N 183 
KZA N16  N N N 184 
KZA C15  C Y N 185 
KZA C18  C Y N 186 
KZA C14  C Y N 187 
KZA C21  C N R 188 
KZA C22  C N R 189 
KZA C23  C N R 190 
KZA C24  C N R 191 
KZA C25  C N N 192 
KZA C12  C Y N 193 
KZA C16  C Y N 194 
KZA C31  C N R 195 
KZA C32  C N S 196 
KZA C33  C N R 197 
KZA C34  C N R 198 
KZA C35  C N N 199 
KZA C36  C N N 200 
KZA C8   C Y N 201 
KZA F22  F N N 202 
KZA F32  F N N 203 
KZA N1   N Y N 204 
KZA N11  N Y N 205 
KZA N13  N Y N 206 
KZA N17  N Y N 207 
KZA N19  N Y N 208 
KZA N3   N Y N 209 
KZA N6   N N N 210 
KZA N7   N Y N 211 
KZA N9   N Y N 212 
KZA O23  O N N 213 
KZA O24  O N N 214 
KZA O25  O N N 215 
KZA O26  O N N 216 
KZA O33  O N N 217 
KZA O35  O N N 218 
KZA O36  O N N 219 
KZA P25  P N R 220 
KZA P35  P N R 221 
KZA S26  S N N 222 
KZA S36  S N N 223 
KZA H1   H N N 224 
KZA H2   H N N 225 
KZA H3   H N N 226 
KZA H4   H N N 227 
KZA H5   H N N 228 
KZA H6   H N N 229 
KZA H7   H N N 230 
KZA H8   H N N 231 
KZA H9   H N N 232 
KZA H10  H N N 233 
KZA H11  H N N 234 
KZA H12  H N N 235 
KZA H13  H N N 236 
KZA H14  H N N 237 
KZA H15  H N N 238 
KZA H16  H N N 239 
KZA H17  H N N 240 
KZA H18  H N N 241 
KZA H19  H N N 242 
KZA H20  H N N 243 
KZA H21  H N N 244 
KZA H22  H N N 245 
KZA H23  H N N 246 
KZA H24  H N N 247 
LEU N    N N N 248 
LEU CA   C N S 249 
LEU C    C N N 250 
LEU O    O N N 251 
LEU CB   C N N 252 
LEU CG   C N N 253 
LEU CD1  C N N 254 
LEU CD2  C N N 255 
LEU OXT  O N N 256 
LEU H    H N N 257 
LEU H2   H N N 258 
LEU HA   H N N 259 
LEU HB2  H N N 260 
LEU HB3  H N N 261 
LEU HG   H N N 262 
LEU HD11 H N N 263 
LEU HD12 H N N 264 
LEU HD13 H N N 265 
LEU HD21 H N N 266 
LEU HD22 H N N 267 
LEU HD23 H N N 268 
LEU HXT  H N N 269 
LYS N    N N N 270 
LYS CA   C N S 271 
LYS C    C N N 272 
LYS O    O N N 273 
LYS CB   C N N 274 
LYS CG   C N N 275 
LYS CD   C N N 276 
LYS CE   C N N 277 
LYS NZ   N N N 278 
LYS OXT  O N N 279 
LYS H    H N N 280 
LYS H2   H N N 281 
LYS HA   H N N 282 
LYS HB2  H N N 283 
LYS HB3  H N N 284 
LYS HG2  H N N 285 
LYS HG3  H N N 286 
LYS HD2  H N N 287 
LYS HD3  H N N 288 
LYS HE2  H N N 289 
LYS HE3  H N N 290 
LYS HZ1  H N N 291 
LYS HZ2  H N N 292 
LYS HZ3  H N N 293 
LYS HXT  H N N 294 
MET N    N N N 295 
MET CA   C N S 296 
MET C    C N N 297 
MET O    O N N 298 
MET CB   C N N 299 
MET CG   C N N 300 
MET SD   S N N 301 
MET CE   C N N 302 
MET OXT  O N N 303 
MET H    H N N 304 
MET H2   H N N 305 
MET HA   H N N 306 
MET HB2  H N N 307 
MET HB3  H N N 308 
MET HG2  H N N 309 
MET HG3  H N N 310 
MET HE1  H N N 311 
MET HE2  H N N 312 
MET HE3  H N N 313 
MET HXT  H N N 314 
PHE N    N N N 315 
PHE CA   C N S 316 
PHE C    C N N 317 
PHE O    O N N 318 
PHE CB   C N N 319 
PHE CG   C Y N 320 
PHE CD1  C Y N 321 
PHE CD2  C Y N 322 
PHE CE1  C Y N 323 
PHE CE2  C Y N 324 
PHE CZ   C Y N 325 
PHE OXT  O N N 326 
PHE H    H N N 327 
PHE H2   H N N 328 
PHE HA   H N N 329 
PHE HB2  H N N 330 
PHE HB3  H N N 331 
PHE HD1  H N N 332 
PHE HD2  H N N 333 
PHE HE1  H N N 334 
PHE HE2  H N N 335 
PHE HZ   H N N 336 
PHE HXT  H N N 337 
PRO N    N N N 338 
PRO CA   C N S 339 
PRO C    C N N 340 
PRO O    O N N 341 
PRO CB   C N N 342 
PRO CG   C N N 343 
PRO CD   C N N 344 
PRO OXT  O N N 345 
PRO H    H N N 346 
PRO HA   H N N 347 
PRO HB2  H N N 348 
PRO HB3  H N N 349 
PRO HG2  H N N 350 
PRO HG3  H N N 351 
PRO HD2  H N N 352 
PRO HD3  H N N 353 
PRO HXT  H N N 354 
SER N    N N N 355 
SER CA   C N S 356 
SER C    C N N 357 
SER O    O N N 358 
SER CB   C N N 359 
SER OG   O N N 360 
SER OXT  O N N 361 
SER H    H N N 362 
SER H2   H N N 363 
SER HA   H N N 364 
SER HB2  H N N 365 
SER HB3  H N N 366 
SER HG   H N N 367 
SER HXT  H N N 368 
THR N    N N N 369 
THR CA   C N S 370 
THR C    C N N 371 
THR O    O N N 372 
THR CB   C N R 373 
THR OG1  O N N 374 
THR CG2  C N N 375 
THR OXT  O N N 376 
THR H    H N N 377 
THR H2   H N N 378 
THR HA   H N N 379 
THR HB   H N N 380 
THR HG1  H N N 381 
THR HG21 H N N 382 
THR HG22 H N N 383 
THR HG23 H N N 384 
THR HXT  H N N 385 
TRP N    N N N 386 
TRP CA   C N S 387 
TRP C    C N N 388 
TRP O    O N N 389 
TRP CB   C N N 390 
TRP CG   C Y N 391 
TRP CD1  C Y N 392 
TRP CD2  C Y N 393 
TRP NE1  N Y N 394 
TRP CE2  C Y N 395 
TRP CE3  C Y N 396 
TRP CZ2  C Y N 397 
TRP CZ3  C Y N 398 
TRP CH2  C Y N 399 
TRP OXT  O N N 400 
TRP H    H N N 401 
TRP H2   H N N 402 
TRP HA   H N N 403 
TRP HB2  H N N 404 
TRP HB3  H N N 405 
TRP HD1  H N N 406 
TRP HE1  H N N 407 
TRP HE3  H N N 408 
TRP HZ2  H N N 409 
TRP HZ3  H N N 410 
TRP HH2  H N N 411 
TRP HXT  H N N 412 
TYR N    N N N 413 
TYR CA   C N S 414 
TYR C    C N N 415 
TYR O    O N N 416 
TYR CB   C N N 417 
TYR CG   C Y N 418 
TYR CD1  C Y N 419 
TYR CD2  C Y N 420 
TYR CE1  C Y N 421 
TYR CE2  C Y N 422 
TYR CZ   C Y N 423 
TYR OH   O N N 424 
TYR OXT  O N N 425 
TYR H    H N N 426 
TYR H2   H N N 427 
TYR HA   H N N 428 
TYR HB2  H N N 429 
TYR HB3  H N N 430 
TYR HD1  H N N 431 
TYR HD2  H N N 432 
TYR HE1  H N N 433 
TYR HE2  H N N 434 
TYR HH   H N N 435 
TYR HXT  H N N 436 
VAL N    N N N 437 
VAL CA   C N S 438 
VAL C    C N N 439 
VAL O    O N N 440 
VAL CB   C N N 441 
VAL CG1  C N N 442 
VAL CG2  C N N 443 
VAL OXT  O N N 444 
VAL H    H N N 445 
VAL H2   H N N 446 
VAL HA   H N N 447 
VAL HB   H N N 448 
VAL HG11 H N N 449 
VAL HG12 H N N 450 
VAL HG13 H N N 451 
VAL HG21 H N N 452 
VAL HG22 H N N 453 
VAL HG23 H N N 454 
VAL HXT  H N N 455 
# 
loop_
_chem_comp_bond.comp_id 
_chem_comp_bond.atom_id_1 
_chem_comp_bond.atom_id_2 
_chem_comp_bond.value_order 
_chem_comp_bond.pdbx_aromatic_flag 
_chem_comp_bond.pdbx_stereo_config 
_chem_comp_bond.pdbx_ordinal 
ALA N   CA   sing N N 1   
ALA N   H    sing N N 2   
ALA N   H2   sing N N 3   
ALA CA  C    sing N N 4   
ALA CA  CB   sing N N 5   
ALA CA  HA   sing N N 6   
ALA C   O    doub N N 7   
ALA C   OXT  sing N N 8   
ALA CB  HB1  sing N N 9   
ALA CB  HB2  sing N N 10  
ALA CB  HB3  sing N N 11  
ALA OXT HXT  sing N N 12  
ARG N   CA   sing N N 13  
ARG N   H    sing N N 14  
ARG N   H2   sing N N 15  
ARG CA  C    sing N N 16  
ARG CA  CB   sing N N 17  
ARG CA  HA   sing N N 18  
ARG C   O    doub N N 19  
ARG C   OXT  sing N N 20  
ARG CB  CG   sing N N 21  
ARG CB  HB2  sing N N 22  
ARG CB  HB3  sing N N 23  
ARG CG  CD   sing N N 24  
ARG CG  HG2  sing N N 25  
ARG CG  HG3  sing N N 26  
ARG CD  NE   sing N N 27  
ARG CD  HD2  sing N N 28  
ARG CD  HD3  sing N N 29  
ARG NE  CZ   sing N N 30  
ARG NE  HE   sing N N 31  
ARG CZ  NH1  sing N N 32  
ARG CZ  NH2  doub N N 33  
ARG NH1 HH11 sing N N 34  
ARG NH1 HH12 sing N N 35  
ARG NH2 HH21 sing N N 36  
ARG NH2 HH22 sing N N 37  
ARG OXT HXT  sing N N 38  
ASN N   CA   sing N N 39  
ASN N   H    sing N N 40  
ASN N   H2   sing N N 41  
ASN CA  C    sing N N 42  
ASN CA  CB   sing N N 43  
ASN CA  HA   sing N N 44  
ASN C   O    doub N N 45  
ASN C   OXT  sing N N 46  
ASN CB  CG   sing N N 47  
ASN CB  HB2  sing N N 48  
ASN CB  HB3  sing N N 49  
ASN CG  OD1  doub N N 50  
ASN CG  ND2  sing N N 51  
ASN ND2 HD21 sing N N 52  
ASN ND2 HD22 sing N N 53  
ASN OXT HXT  sing N N 54  
ASP N   CA   sing N N 55  
ASP N   H    sing N N 56  
ASP N   H2   sing N N 57  
ASP CA  C    sing N N 58  
ASP CA  CB   sing N N 59  
ASP CA  HA   sing N N 60  
ASP C   O    doub N N 61  
ASP C   OXT  sing N N 62  
ASP CB  CG   sing N N 63  
ASP CB  HB2  sing N N 64  
ASP CB  HB3  sing N N 65  
ASP CG  OD1  doub N N 66  
ASP CG  OD2  sing N N 67  
ASP OD2 HD2  sing N N 68  
ASP OXT HXT  sing N N 69  
CYS N   CA   sing N N 70  
CYS N   H    sing N N 71  
CYS N   H2   sing N N 72  
CYS CA  C    sing N N 73  
CYS CA  CB   sing N N 74  
CYS CA  HA   sing N N 75  
CYS C   O    doub N N 76  
CYS C   OXT  sing N N 77  
CYS CB  SG   sing N N 78  
CYS CB  HB2  sing N N 79  
CYS CB  HB3  sing N N 80  
CYS SG  HG   sing N N 81  
CYS OXT HXT  sing N N 82  
GLN N   CA   sing N N 83  
GLN N   H    sing N N 84  
GLN N   H2   sing N N 85  
GLN CA  C    sing N N 86  
GLN CA  CB   sing N N 87  
GLN CA  HA   sing N N 88  
GLN C   O    doub N N 89  
GLN C   OXT  sing N N 90  
GLN CB  CG   sing N N 91  
GLN CB  HB2  sing N N 92  
GLN CB  HB3  sing N N 93  
GLN CG  CD   sing N N 94  
GLN CG  HG2  sing N N 95  
GLN CG  HG3  sing N N 96  
GLN CD  OE1  doub N N 97  
GLN CD  NE2  sing N N 98  
GLN NE2 HE21 sing N N 99  
GLN NE2 HE22 sing N N 100 
GLN OXT HXT  sing N N 101 
GLU N   CA   sing N N 102 
GLU N   H    sing N N 103 
GLU N   H2   sing N N 104 
GLU CA  C    sing N N 105 
GLU CA  CB   sing N N 106 
GLU CA  HA   sing N N 107 
GLU C   O    doub N N 108 
GLU C   OXT  sing N N 109 
GLU CB  CG   sing N N 110 
GLU CB  HB2  sing N N 111 
GLU CB  HB3  sing N N 112 
GLU CG  CD   sing N N 113 
GLU CG  HG2  sing N N 114 
GLU CG  HG3  sing N N 115 
GLU CD  OE1  doub N N 116 
GLU CD  OE2  sing N N 117 
GLU OE2 HE2  sing N N 118 
GLU OXT HXT  sing N N 119 
GLY N   CA   sing N N 120 
GLY N   H    sing N N 121 
GLY N   H2   sing N N 122 
GLY CA  C    sing N N 123 
GLY CA  HA2  sing N N 124 
GLY CA  HA3  sing N N 125 
GLY C   O    doub N N 126 
GLY C   OXT  sing N N 127 
GLY OXT HXT  sing N N 128 
HIS N   CA   sing N N 129 
HIS N   H    sing N N 130 
HIS N   H2   sing N N 131 
HIS CA  C    sing N N 132 
HIS CA  CB   sing N N 133 
HIS CA  HA   sing N N 134 
HIS C   O    doub N N 135 
HIS C   OXT  sing N N 136 
HIS CB  CG   sing N N 137 
HIS CB  HB2  sing N N 138 
HIS CB  HB3  sing N N 139 
HIS CG  ND1  sing Y N 140 
HIS CG  CD2  doub Y N 141 
HIS ND1 CE1  doub Y N 142 
HIS ND1 HD1  sing N N 143 
HIS CD2 NE2  sing Y N 144 
HIS CD2 HD2  sing N N 145 
HIS CE1 NE2  sing Y N 146 
HIS CE1 HE1  sing N N 147 
HIS NE2 HE2  sing N N 148 
HIS OXT HXT  sing N N 149 
ILE N   CA   sing N N 150 
ILE N   H    sing N N 151 
ILE N   H2   sing N N 152 
ILE CA  C    sing N N 153 
ILE CA  CB   sing N N 154 
ILE CA  HA   sing N N 155 
ILE C   O    doub N N 156 
ILE C   OXT  sing N N 157 
ILE CB  CG1  sing N N 158 
ILE CB  CG2  sing N N 159 
ILE CB  HB   sing N N 160 
ILE CG1 CD1  sing N N 161 
ILE CG1 HG12 sing N N 162 
ILE CG1 HG13 sing N N 163 
ILE CG2 HG21 sing N N 164 
ILE CG2 HG22 sing N N 165 
ILE CG2 HG23 sing N N 166 
ILE CD1 HD11 sing N N 167 
ILE CD1 HD12 sing N N 168 
ILE CD1 HD13 sing N N 169 
ILE OXT HXT  sing N N 170 
KZA S36 P35  sing N N 171 
KZA O36 P35  doub N N 172 
KZA P35 O35  sing N N 173 
KZA P35 O23  sing N N 174 
KZA C36 C31  sing N N 175 
KZA C36 C34  sing N N 176 
KZA O35 C35  sing N N 177 
KZA C18 N17  doub Y N 178 
KZA C18 N19  sing Y N 179 
KZA N17 C15  sing Y N 180 
KZA C35 C34  sing N N 181 
KZA N19 C31  sing N N 182 
KZA N19 C14  sing Y N 183 
KZA C15 C16  doub Y N 184 
KZA C15 C14  sing Y N 185 
KZA N16 C16  sing N N 186 
KZA C31 C32  sing N N 187 
KZA C34 C33  sing N N 188 
KZA C16 N11  sing Y N 189 
KZA C14 N13  doub Y N 190 
KZA O23 C23  sing N N 191 
KZA N11 C12  doub Y N 192 
KZA N13 C12  sing Y N 193 
KZA F22 C22  sing N N 194 
KZA C32 C33  sing N N 195 
KZA C32 F32  sing N N 196 
KZA C33 O33  sing N N 197 
KZA C23 C22  sing N N 198 
KZA C23 C24  sing N N 199 
KZA C22 C21  sing N N 200 
KZA C2  N3   doub Y N 201 
KZA C2  N1   sing Y N 202 
KZA N3  C4   sing Y N 203 
KZA N1  C6   doub Y N 204 
KZA O33 P25  sing N N 205 
KZA C4  C5   doub Y N 206 
KZA C4  N9   sing Y N 207 
KZA C24 C25  sing N N 208 
KZA C24 O24  sing N N 209 
KZA C6  C5   sing Y N 210 
KZA C6  N6   sing N N 211 
KZA C21 N9   sing N N 212 
KZA C21 O24  sing N N 213 
KZA C5  N7   sing Y N 214 
KZA N9  C8   sing Y N 215 
KZA C25 O25  sing N N 216 
KZA O25 P25  sing N N 217 
KZA C8  N7   doub Y N 218 
KZA P25 O26  doub N N 219 
KZA P25 S26  sing N N 220 
KZA C2  H1   sing N N 221 
KZA N16 H2   sing N N 222 
KZA N16 H3   sing N N 223 
KZA C18 H4   sing N N 224 
KZA C21 H5   sing N N 225 
KZA C22 H6   sing N N 226 
KZA C23 H7   sing N N 227 
KZA C24 H8   sing N N 228 
KZA C25 H9   sing N N 229 
KZA C25 H10  sing N N 230 
KZA C12 H11  sing N N 231 
KZA C31 H12  sing N N 232 
KZA C32 H13  sing N N 233 
KZA C33 H14  sing N N 234 
KZA C34 H15  sing N N 235 
KZA C35 H16  sing N N 236 
KZA C35 H17  sing N N 237 
KZA C36 H18  sing N N 238 
KZA C36 H19  sing N N 239 
KZA C8  H20  sing N N 240 
KZA N6  H21  sing N N 241 
KZA N6  H22  sing N N 242 
KZA S26 H23  sing N N 243 
KZA S36 H24  sing N N 244 
LEU N   CA   sing N N 245 
LEU N   H    sing N N 246 
LEU N   H2   sing N N 247 
LEU CA  C    sing N N 248 
LEU CA  CB   sing N N 249 
LEU CA  HA   sing N N 250 
LEU C   O    doub N N 251 
LEU C   OXT  sing N N 252 
LEU CB  CG   sing N N 253 
LEU CB  HB2  sing N N 254 
LEU CB  HB3  sing N N 255 
LEU CG  CD1  sing N N 256 
LEU CG  CD2  sing N N 257 
LEU CG  HG   sing N N 258 
LEU CD1 HD11 sing N N 259 
LEU CD1 HD12 sing N N 260 
LEU CD1 HD13 sing N N 261 
LEU CD2 HD21 sing N N 262 
LEU CD2 HD22 sing N N 263 
LEU CD2 HD23 sing N N 264 
LEU OXT HXT  sing N N 265 
LYS N   CA   sing N N 266 
LYS N   H    sing N N 267 
LYS N   H2   sing N N 268 
LYS CA  C    sing N N 269 
LYS CA  CB   sing N N 270 
LYS CA  HA   sing N N 271 
LYS C   O    doub N N 272 
LYS C   OXT  sing N N 273 
LYS CB  CG   sing N N 274 
LYS CB  HB2  sing N N 275 
LYS CB  HB3  sing N N 276 
LYS CG  CD   sing N N 277 
LYS CG  HG2  sing N N 278 
LYS CG  HG3  sing N N 279 
LYS CD  CE   sing N N 280 
LYS CD  HD2  sing N N 281 
LYS CD  HD3  sing N N 282 
LYS CE  NZ   sing N N 283 
LYS CE  HE2  sing N N 284 
LYS CE  HE3  sing N N 285 
LYS NZ  HZ1  sing N N 286 
LYS NZ  HZ2  sing N N 287 
LYS NZ  HZ3  sing N N 288 
LYS OXT HXT  sing N N 289 
MET N   CA   sing N N 290 
MET N   H    sing N N 291 
MET N   H2   sing N N 292 
MET CA  C    sing N N 293 
MET CA  CB   sing N N 294 
MET CA  HA   sing N N 295 
MET C   O    doub N N 296 
MET C   OXT  sing N N 297 
MET CB  CG   sing N N 298 
MET CB  HB2  sing N N 299 
MET CB  HB3  sing N N 300 
MET CG  SD   sing N N 301 
MET CG  HG2  sing N N 302 
MET CG  HG3  sing N N 303 
MET SD  CE   sing N N 304 
MET CE  HE1  sing N N 305 
MET CE  HE2  sing N N 306 
MET CE  HE3  sing N N 307 
MET OXT HXT  sing N N 308 
PHE N   CA   sing N N 309 
PHE N   H    sing N N 310 
PHE N   H2   sing N N 311 
PHE CA  C    sing N N 312 
PHE CA  CB   sing N N 313 
PHE CA  HA   sing N N 314 
PHE C   O    doub N N 315 
PHE C   OXT  sing N N 316 
PHE CB  CG   sing N N 317 
PHE CB  HB2  sing N N 318 
PHE CB  HB3  sing N N 319 
PHE CG  CD1  doub Y N 320 
PHE CG  CD2  sing Y N 321 
PHE CD1 CE1  sing Y N 322 
PHE CD1 HD1  sing N N 323 
PHE CD2 CE2  doub Y N 324 
PHE CD2 HD2  sing N N 325 
PHE CE1 CZ   doub Y N 326 
PHE CE1 HE1  sing N N 327 
PHE CE2 CZ   sing Y N 328 
PHE CE2 HE2  sing N N 329 
PHE CZ  HZ   sing N N 330 
PHE OXT HXT  sing N N 331 
PRO N   CA   sing N N 332 
PRO N   CD   sing N N 333 
PRO N   H    sing N N 334 
PRO CA  C    sing N N 335 
PRO CA  CB   sing N N 336 
PRO CA  HA   sing N N 337 
PRO C   O    doub N N 338 
PRO C   OXT  sing N N 339 
PRO CB  CG   sing N N 340 
PRO CB  HB2  sing N N 341 
PRO CB  HB3  sing N N 342 
PRO CG  CD   sing N N 343 
PRO CG  HG2  sing N N 344 
PRO CG  HG3  sing N N 345 
PRO CD  HD2  sing N N 346 
PRO CD  HD3  sing N N 347 
PRO OXT HXT  sing N N 348 
SER N   CA   sing N N 349 
SER N   H    sing N N 350 
SER N   H2   sing N N 351 
SER CA  C    sing N N 352 
SER CA  CB   sing N N 353 
SER CA  HA   sing N N 354 
SER C   O    doub N N 355 
SER C   OXT  sing N N 356 
SER CB  OG   sing N N 357 
SER CB  HB2  sing N N 358 
SER CB  HB3  sing N N 359 
SER OG  HG   sing N N 360 
SER OXT HXT  sing N N 361 
THR N   CA   sing N N 362 
THR N   H    sing N N 363 
THR N   H2   sing N N 364 
THR CA  C    sing N N 365 
THR CA  CB   sing N N 366 
THR CA  HA   sing N N 367 
THR C   O    doub N N 368 
THR C   OXT  sing N N 369 
THR CB  OG1  sing N N 370 
THR CB  CG2  sing N N 371 
THR CB  HB   sing N N 372 
THR OG1 HG1  sing N N 373 
THR CG2 HG21 sing N N 374 
THR CG2 HG22 sing N N 375 
THR CG2 HG23 sing N N 376 
THR OXT HXT  sing N N 377 
TRP N   CA   sing N N 378 
TRP N   H    sing N N 379 
TRP N   H2   sing N N 380 
TRP CA  C    sing N N 381 
TRP CA  CB   sing N N 382 
TRP CA  HA   sing N N 383 
TRP C   O    doub N N 384 
TRP C   OXT  sing N N 385 
TRP CB  CG   sing N N 386 
TRP CB  HB2  sing N N 387 
TRP CB  HB3  sing N N 388 
TRP CG  CD1  doub Y N 389 
TRP CG  CD2  sing Y N 390 
TRP CD1 NE1  sing Y N 391 
TRP CD1 HD1  sing N N 392 
TRP CD2 CE2  doub Y N 393 
TRP CD2 CE3  sing Y N 394 
TRP NE1 CE2  sing Y N 395 
TRP NE1 HE1  sing N N 396 
TRP CE2 CZ2  sing Y N 397 
TRP CE3 CZ3  doub Y N 398 
TRP CE3 HE3  sing N N 399 
TRP CZ2 CH2  doub Y N 400 
TRP CZ2 HZ2  sing N N 401 
TRP CZ3 CH2  sing Y N 402 
TRP CZ3 HZ3  sing N N 403 
TRP CH2 HH2  sing N N 404 
TRP OXT HXT  sing N N 405 
TYR N   CA   sing N N 406 
TYR N   H    sing N N 407 
TYR N   H2   sing N N 408 
TYR CA  C    sing N N 409 
TYR CA  CB   sing N N 410 
TYR CA  HA   sing N N 411 
TYR C   O    doub N N 412 
TYR C   OXT  sing N N 413 
TYR CB  CG   sing N N 414 
TYR CB  HB2  sing N N 415 
TYR CB  HB3  sing N N 416 
TYR CG  CD1  doub Y N 417 
TYR CG  CD2  sing Y N 418 
TYR CD1 CE1  sing Y N 419 
TYR CD1 HD1  sing N N 420 
TYR CD2 CE2  doub Y N 421 
TYR CD2 HD2  sing N N 422 
TYR CE1 CZ   doub Y N 423 
TYR CE1 HE1  sing N N 424 
TYR CE2 CZ   sing Y N 425 
TYR CE2 HE2  sing N N 426 
TYR CZ  OH   sing N N 427 
TYR OH  HH   sing N N 428 
TYR OXT HXT  sing N N 429 
VAL N   CA   sing N N 430 
VAL N   H    sing N N 431 
VAL N   H2   sing N N 432 
VAL CA  C    sing N N 433 
VAL CA  CB   sing N N 434 
VAL CA  HA   sing N N 435 
VAL C   O    doub N N 436 
VAL C   OXT  sing N N 437 
VAL CB  CG1  sing N N 438 
VAL CB  CG2  sing N N 439 
VAL CB  HB   sing N N 440 
VAL CG1 HG11 sing N N 441 
VAL CG1 HG12 sing N N 442 
VAL CG1 HG13 sing N N 443 
VAL CG2 HG21 sing N N 444 
VAL CG2 HG22 sing N N 445 
VAL CG2 HG23 sing N N 446 
VAL OXT HXT  sing N N 447 
# 
_pdbx_audit_support.funding_organization   'Not funded' 
_pdbx_audit_support.country                ? 
_pdbx_audit_support.grant_number           ? 
_pdbx_audit_support.ordinal                1 
# 
_pdbx_entity_instance_feature.ordinal        1 
_pdbx_entity_instance_feature.comp_id        KZA 
_pdbx_entity_instance_feature.asym_id        ? 
_pdbx_entity_instance_feature.seq_num        ? 
_pdbx_entity_instance_feature.auth_comp_id   KZA 
_pdbx_entity_instance_feature.auth_asym_id   ? 
_pdbx_entity_instance_feature.auth_seq_num   ? 
_pdbx_entity_instance_feature.feature_type   'SUBJECT OF INVESTIGATION' 
_pdbx_entity_instance_feature.details        ? 
# 
_pdbx_entity_nonpoly.entity_id   2 
_pdbx_entity_nonpoly.name        
;9-[(1~{R},3~{R},6~{R},8~{R},9~{R},10~{R},12~{R},15~{R},17~{R},18~{S})-8-(6-aminopurin-9-yl)-9,18-bis(fluoranyl)-3,12-bis(oxidanylidene)-3,12-bis(sulfanyl)-2,4,7,11,13-pentaoxa-3$l^{5},12$l^{5}-diphosphatricyclo[13.3.0.0^{6,10}]octadecan-17-yl]purin-6-amine
;
_pdbx_entity_nonpoly.comp_id     KZA 
# 
_pdbx_struct_assembly_auth_evidence.id                     1 
_pdbx_struct_assembly_auth_evidence.assembly_id            1 
_pdbx_struct_assembly_auth_evidence.experimental_support   'gel filtration' 
_pdbx_struct_assembly_auth_evidence.details                ? 
# 
_space_group.name_H-M_alt     'P 41 21 2' 
_space_group.name_Hall        'P 4abw 2nw' 
_space_group.IT_number        92 
_space_group.crystal_system   tetragonal 
_space_group.id               1 
# 
